data_9AXQ
#
_entry.id   9AXQ
#
_cell.length_a   72.581
_cell.length_b   151.103
_cell.length_c   104.604
_cell.angle_alpha   90.00
_cell.angle_beta   91.14
_cell.angle_gamma   90.00
#
_symmetry.space_group_name_H-M   'P 1 21 1'
#
loop_
_entity.id
_entity.type
_entity.pdbx_description
1 polymer 'HY11-7E1_Hu3 Fab Heavy Chain'
2 polymer 'HY11-7E1_Hu3 Fab Light Chain'
3 non-polymer 'ACETATE ION'
4 non-polymer 'SULFATE ION'
5 water water
#
loop_
_entity_poly.entity_id
_entity_poly.type
_entity_poly.pdbx_seq_one_letter_code
_entity_poly.pdbx_strand_id
1 'polypeptide(L)'
;(PCA)VQLVQSGAEVKKPGASVKVSCKASGYTFTNYDINWVRQAPGQGLEWIGWIFPGEGSTKYNEKFKGRVTMTRDTSI
STAYMELSRLRSDDTAVYYCATELVKDYYAMDYWGQGTLVTVSSASTKGPSVFPLAPSSKSTSGGTAALGCLVKDYFPEP
VTVSWNSGALTSGVHTFPAVLQSSGLYSLSSVVTVPSSSLGTQTYICNVNHKPSNTKVDKRVEPKSCDKTHHHHHH
;
H,A,C,E
2 'polypeptide(L)'
;DIQMTQSPSSLSASVGDRVTITCKASQNVGTNVAWFQQKPGKAPKALIYSASYRYSGVPSRFSGSGSGTDFTLTISSLQP
EDFATYYCQQYNSYPLTFGQGTKLEIKRTVAAPSVFIFPPSDEQLKSGTASVVCLLNNFYPREAKVQWKVDNALQSGNSQ
ESVTEQDSKDSTYSLSSTLTLSKADYEKHKVYACEVTHQGLSSPVTKSFNRGEC
;
L,B,D,F
#
# COMPACT_ATOMS: atom_id res chain seq x y z
N VAL A 2 17.96 -23.73 33.80
CA VAL A 2 17.51 -22.35 33.66
C VAL A 2 17.53 -21.64 35.01
N GLN A 3 17.95 -20.38 35.00
CA GLN A 3 17.98 -19.57 36.21
C GLN A 3 17.55 -18.14 35.87
N LEU A 4 16.81 -17.53 36.80
CA LEU A 4 16.37 -16.15 36.68
C LEU A 4 16.89 -15.39 37.89
N VAL A 5 17.73 -14.39 37.65
CA VAL A 5 18.32 -13.59 38.71
C VAL A 5 17.70 -12.19 38.65
N GLN A 6 17.09 -11.78 39.74
CA GLN A 6 16.42 -10.49 39.82
C GLN A 6 17.28 -9.46 40.52
N SER A 7 16.99 -8.18 40.26
CA SER A 7 17.68 -7.09 40.91
C SER A 7 17.30 -7.03 42.39
N GLY A 8 18.08 -6.29 43.17
CA GLY A 8 17.93 -6.27 44.60
C GLY A 8 16.73 -5.46 45.08
N ALA A 9 16.56 -5.45 46.40
CA ALA A 9 15.41 -4.80 47.02
C ALA A 9 15.40 -3.30 46.69
N GLU A 10 14.24 -2.69 46.90
CA GLU A 10 14.05 -1.28 46.54
C GLU A 10 13.07 -0.64 47.50
N VAL A 11 13.35 0.60 47.88
CA VAL A 11 12.45 1.43 48.68
C VAL A 11 12.03 2.62 47.83
N LYS A 12 10.72 2.86 47.74
CA LYS A 12 10.18 3.92 46.93
C LYS A 12 9.13 4.68 47.71
N LYS A 13 9.03 6.00 47.43
CA LYS A 13 8.03 6.83 48.07
C LYS A 13 6.76 6.86 47.21
N PRO A 14 5.59 7.03 47.83
CA PRO A 14 4.35 7.06 47.05
C PRO A 14 4.44 8.05 45.89
N GLY A 15 4.03 7.59 44.71
CA GLY A 15 4.09 8.37 43.50
C GLY A 15 5.29 8.07 42.63
N ALA A 16 6.41 7.67 43.23
CA ALA A 16 7.62 7.35 42.49
C ALA A 16 7.38 6.13 41.59
N SER A 17 8.43 5.74 40.85
CA SER A 17 8.38 4.55 40.02
C SER A 17 9.55 3.63 40.37
N VAL A 18 9.41 2.36 40.01
CA VAL A 18 10.43 1.36 40.27
C VAL A 18 10.62 0.51 39.01
N LYS A 19 11.85 0.03 38.81
CA LYS A 19 12.18 -0.79 37.64
C LYS A 19 12.96 -2.00 38.12
N VAL A 20 12.33 -3.18 38.05
CA VAL A 20 12.94 -4.43 38.48
C VAL A 20 13.50 -5.17 37.28
N SER A 21 14.64 -5.83 37.46
CA SER A 21 15.31 -6.54 36.39
C SER A 21 15.24 -8.05 36.64
N CYS A 22 15.35 -8.80 35.54
CA CYS A 22 15.24 -10.27 35.56
C CYS A 22 16.25 -10.80 34.54
N LYS A 23 17.36 -11.33 35.04
CA LYS A 23 18.46 -11.80 34.19
C LYS A 23 18.31 -13.30 33.98
N ALA A 24 18.12 -13.72 32.74
CA ALA A 24 17.87 -15.10 32.40
C ALA A 24 19.10 -15.75 31.76
N SER A 25 19.25 -17.05 31.99
CA SER A 25 20.33 -17.83 31.39
C SER A 25 19.93 -19.29 31.37
N GLY A 26 20.55 -20.03 30.46
CA GLY A 26 20.33 -21.47 30.35
C GLY A 26 19.39 -21.89 29.24
N TYR A 27 18.84 -20.95 28.48
CA TYR A 27 17.90 -21.28 27.41
C TYR A 27 17.89 -20.12 26.43
N THR A 28 17.22 -20.35 25.30
CA THR A 28 17.12 -19.32 24.26
C THR A 28 16.20 -18.21 24.74
N PHE A 29 16.80 -17.12 25.24
CA PHE A 29 16.05 -16.04 25.88
C PHE A 29 14.90 -15.53 25.01
N THR A 30 15.06 -15.57 23.69
CA THR A 30 14.11 -14.95 22.78
C THR A 30 12.93 -15.85 22.42
N ASN A 31 12.85 -17.05 22.98
CA ASN A 31 11.83 -18.01 22.57
C ASN A 31 10.69 -18.19 23.56
N TYR A 32 10.72 -17.52 24.72
CA TYR A 32 9.72 -17.78 25.75
C TYR A 32 9.35 -16.51 26.50
N ASP A 33 8.09 -16.45 26.91
CA ASP A 33 7.59 -15.31 27.66
C ASP A 33 8.26 -15.20 29.02
N ILE A 34 8.37 -13.98 29.52
CA ILE A 34 8.67 -13.72 30.91
C ILE A 34 7.41 -13.18 31.55
N ASN A 35 6.85 -13.91 32.50
CA ASN A 35 5.71 -13.44 33.26
C ASN A 35 6.16 -12.79 34.56
N TRP A 36 5.36 -11.85 35.05
CA TRP A 36 5.62 -11.16 36.31
C TRP A 36 4.41 -11.31 37.21
N VAL A 37 4.64 -11.83 38.41
CA VAL A 37 3.60 -11.91 39.44
C VAL A 37 4.17 -11.32 40.72
N ARG A 38 3.28 -10.76 41.54
CA ARG A 38 3.68 -10.15 42.79
C ARG A 38 2.86 -10.75 43.92
N GLN A 39 3.33 -10.52 45.15
CA GLN A 39 2.68 -11.05 46.34
C GLN A 39 2.88 -10.07 47.47
N ALA A 40 1.79 -9.42 47.89
CA ALA A 40 1.86 -8.52 49.03
C ALA A 40 2.12 -9.32 50.30
N PRO A 41 2.72 -8.69 51.31
CA PRO A 41 3.03 -9.43 52.54
C PRO A 41 1.77 -10.06 53.14
N GLY A 42 1.79 -11.38 53.26
CA GLY A 42 0.68 -12.10 53.83
C GLY A 42 -0.53 -12.23 52.93
N GLN A 43 -0.36 -12.11 51.62
CA GLN A 43 -1.47 -12.16 50.68
C GLN A 43 -1.22 -13.25 49.64
N GLY A 44 -2.09 -13.31 48.63
CA GLY A 44 -1.97 -14.26 47.55
C GLY A 44 -1.16 -13.71 46.39
N LEU A 45 -1.23 -14.42 45.28
CA LEU A 45 -0.50 -14.05 44.08
C LEU A 45 -1.36 -13.19 43.17
N GLU A 46 -0.73 -12.21 42.53
CA GLU A 46 -1.38 -11.35 41.55
C GLU A 46 -0.52 -11.27 40.30
N TRP A 47 -1.12 -11.56 39.15
CA TRP A 47 -0.40 -11.53 37.88
C TRP A 47 -0.33 -10.10 37.35
N ILE A 48 0.85 -9.70 36.89
CA ILE A 48 1.06 -8.36 36.34
C ILE A 48 0.99 -8.35 34.83
N GLY A 49 1.69 -9.27 34.18
CA GLY A 49 1.78 -9.29 32.73
C GLY A 49 2.99 -10.08 32.30
N TRP A 50 3.19 -10.11 30.98
CA TRP A 50 4.37 -10.78 30.44
C TRP A 50 4.91 -10.01 29.23
N ILE A 51 6.15 -10.33 28.88
CA ILE A 51 6.83 -9.78 27.72
C ILE A 51 7.47 -10.92 26.97
N PHE A 52 7.30 -10.93 25.65
CA PHE A 52 7.97 -11.91 24.80
C PHE A 52 9.28 -11.29 24.33
N PRO A 53 10.44 -11.72 24.85
CA PRO A 53 11.70 -11.03 24.54
C PRO A 53 12.07 -11.06 23.05
N GLY A 54 11.44 -11.92 22.25
CA GLY A 54 11.82 -12.01 20.85
C GLY A 54 11.46 -10.78 20.05
N GLU A 55 10.24 -10.26 20.23
CA GLU A 55 9.74 -9.13 19.47
C GLU A 55 9.29 -7.97 20.36
N GLY A 56 9.53 -8.05 21.66
CA GLY A 56 9.15 -6.99 22.57
C GLY A 56 7.67 -6.85 22.84
N SER A 57 6.83 -7.70 22.26
CA SER A 57 5.40 -7.62 22.52
C SER A 57 5.11 -7.92 23.99
N THR A 58 3.98 -7.39 24.46
CA THR A 58 3.63 -7.48 25.87
C THR A 58 2.13 -7.68 26.01
N LYS A 59 1.73 -8.01 27.24
CA LYS A 59 0.33 -8.11 27.62
C LYS A 59 0.25 -7.78 29.11
N TYR A 60 -0.65 -6.88 29.48
CA TYR A 60 -0.75 -6.40 30.86
C TYR A 60 -2.12 -6.73 31.45
N ASN A 61 -2.12 -6.92 32.77
CA ASN A 61 -3.37 -6.97 33.52
C ASN A 61 -4.03 -5.60 33.46
N GLU A 62 -5.33 -5.58 33.14
CA GLU A 62 -6.04 -4.31 33.02
C GLU A 62 -5.82 -3.45 34.26
N LYS A 63 -5.73 -4.09 35.44
CA LYS A 63 -5.56 -3.36 36.69
C LYS A 63 -4.34 -2.45 36.65
N PHE A 64 -3.32 -2.82 35.89
CA PHE A 64 -2.09 -2.04 35.85
C PHE A 64 -1.86 -1.32 34.53
N LYS A 65 -2.68 -1.56 33.52
CA LYS A 65 -2.43 -0.99 32.21
C LYS A 65 -2.47 0.53 32.29
N GLY A 66 -1.53 1.18 31.60
CA GLY A 66 -1.31 2.61 31.73
C GLY A 66 -0.35 2.98 32.83
N ARG A 67 0.00 2.04 33.70
CA ARG A 67 0.85 2.30 34.85
C ARG A 67 2.09 1.40 34.90
N VAL A 68 2.20 0.40 34.02
CA VAL A 68 3.32 -0.55 34.00
C VAL A 68 3.89 -0.63 32.59
N THR A 69 5.21 -0.79 32.51
CA THR A 69 5.89 -0.98 31.23
C THR A 69 6.90 -2.10 31.36
N MET A 70 6.80 -3.11 30.48
CA MET A 70 7.76 -4.20 30.43
C MET A 70 8.69 -4.04 29.24
N THR A 71 9.98 -4.27 29.48
CA THR A 71 11.04 -4.06 28.50
C THR A 71 11.97 -5.27 28.53
N ARG A 72 12.78 -5.41 27.48
CA ARG A 72 13.79 -6.46 27.45
C ARG A 72 15.02 -5.95 26.73
N ASP A 73 16.20 -6.33 27.24
CA ASP A 73 17.47 -6.08 26.59
C ASP A 73 18.06 -7.44 26.20
N THR A 74 17.91 -7.79 24.92
CA THR A 74 18.28 -9.14 24.49
C THR A 74 19.78 -9.40 24.60
N SER A 75 20.60 -8.36 24.42
CA SER A 75 22.05 -8.56 24.46
C SER A 75 22.51 -9.11 25.81
N ILE A 76 21.83 -8.74 26.89
CA ILE A 76 22.19 -9.19 28.22
C ILE A 76 21.17 -10.18 28.78
N SER A 77 20.21 -10.62 27.96
CA SER A 77 19.21 -11.60 28.37
C SER A 77 18.47 -11.13 29.63
N THR A 78 18.00 -9.89 29.60
CA THR A 78 17.38 -9.27 30.77
C THR A 78 16.07 -8.63 30.38
N ALA A 79 15.01 -8.96 31.12
CA ALA A 79 13.72 -8.30 31.02
C ALA A 79 13.52 -7.37 32.20
N TYR A 80 12.67 -6.36 32.01
CA TYR A 80 12.43 -5.33 33.02
C TYR A 80 10.93 -5.10 33.19
N MET A 81 10.52 -4.89 34.42
CA MET A 81 9.16 -4.48 34.75
C MET A 81 9.26 -3.15 35.49
N GLU A 82 8.65 -2.11 34.91
CA GLU A 82 8.66 -0.79 35.52
C GLU A 82 7.24 -0.43 35.94
N LEU A 83 7.06 -0.14 37.23
CA LEU A 83 5.76 0.20 37.81
C LEU A 83 5.82 1.65 38.26
N SER A 84 4.91 2.47 37.75
CA SER A 84 4.89 3.90 38.03
C SER A 84 3.71 4.26 38.93
N ARG A 85 3.72 5.50 39.40
CA ARG A 85 2.68 6.00 40.31
C ARG A 85 2.46 5.03 41.46
N LEU A 86 3.55 4.72 42.16
CA LEU A 86 3.50 3.70 43.21
C LEU A 86 2.65 4.17 44.38
N ARG A 87 1.83 3.26 44.89
CA ARG A 87 1.01 3.48 46.08
C ARG A 87 1.33 2.39 47.10
N SER A 88 0.98 2.67 48.36
CA SER A 88 1.38 1.75 49.43
C SER A 88 0.95 0.32 49.14
N ASP A 89 -0.19 0.13 48.48
CA ASP A 89 -0.69 -1.19 48.13
CA ASP A 89 -0.62 -1.24 48.20
C ASP A 89 0.18 -1.91 47.10
N ASP A 90 1.23 -1.26 46.57
CA ASP A 90 2.14 -1.90 45.64
C ASP A 90 3.30 -2.58 46.35
N THR A 91 3.43 -2.41 47.67
CA THR A 91 4.46 -3.11 48.44
C THR A 91 4.27 -4.61 48.31
N ALA A 92 5.29 -5.31 47.82
CA ALA A 92 5.16 -6.74 47.63
C ALA A 92 6.50 -7.30 47.18
N VAL A 93 6.57 -8.64 47.14
CA VAL A 93 7.65 -9.34 46.47
C VAL A 93 7.25 -9.55 45.02
N TYR A 94 8.14 -9.21 44.09
CA TYR A 94 7.88 -9.32 42.66
C TYR A 94 8.70 -10.47 42.09
N TYR A 95 8.03 -11.34 41.33
CA TYR A 95 8.66 -12.51 40.72
C TYR A 95 8.52 -12.44 39.20
N CYS A 96 9.62 -12.74 38.51
CA CYS A 96 9.55 -13.10 37.11
C CYS A 96 9.62 -14.62 37.00
N ALA A 97 9.00 -15.14 35.96
CA ALA A 97 9.01 -16.59 35.75
C ALA A 97 8.84 -16.87 34.26
N THR A 98 9.30 -18.06 33.86
CA THR A 98 9.11 -18.53 32.50
C THR A 98 8.77 -20.02 32.55
N GLU A 99 8.53 -20.59 31.39
CA GLU A 99 8.02 -21.95 31.29
C GLU A 99 8.53 -22.56 29.99
N LEU A 100 9.32 -23.63 30.11
CA LEU A 100 9.79 -24.40 28.96
C LEU A 100 8.99 -25.69 28.89
N VAL A 101 8.27 -25.88 27.78
CA VAL A 101 7.49 -27.09 27.55
C VAL A 101 8.05 -27.75 26.30
N LYS A 102 8.77 -28.85 26.47
CA LYS A 102 9.38 -29.60 25.39
C LYS A 102 8.77 -31.00 25.33
N ASP A 103 9.30 -31.83 24.42
CA ASP A 103 8.71 -33.13 24.17
C ASP A 103 8.76 -34.03 25.40
N TYR A 104 9.83 -33.96 26.18
CA TYR A 104 10.02 -34.91 27.28
C TYR A 104 10.12 -34.24 28.65
N TYR A 105 9.72 -32.98 28.77
CA TYR A 105 9.59 -32.38 30.09
C TYR A 105 8.84 -31.07 29.96
N ALA A 106 8.20 -30.68 31.06
CA ALA A 106 7.51 -29.40 31.17
C ALA A 106 7.89 -28.83 32.52
N MET A 107 8.47 -27.62 32.53
CA MET A 107 9.01 -27.09 33.76
C MET A 107 8.85 -25.58 33.82
N ASP A 108 8.51 -25.10 35.01
CA ASP A 108 8.45 -23.68 35.33
CA ASP A 108 8.47 -23.67 35.29
C ASP A 108 9.75 -23.26 36.01
N TYR A 109 10.19 -22.03 35.74
CA TYR A 109 11.37 -21.47 36.37
C TYR A 109 11.03 -20.09 36.93
N TRP A 110 11.68 -19.76 38.04
CA TRP A 110 11.32 -18.57 38.79
C TRP A 110 12.58 -17.82 39.22
N GLY A 111 12.47 -16.50 39.28
CA GLY A 111 13.48 -15.71 39.94
C GLY A 111 13.37 -15.83 41.44
N GLN A 112 14.37 -15.29 42.14
CA GLN A 112 14.37 -15.36 43.60
C GLN A 112 13.42 -14.37 44.24
N GLY A 113 12.88 -13.42 43.49
CA GLY A 113 11.94 -12.46 44.04
C GLY A 113 12.62 -11.15 44.42
N THR A 114 11.91 -10.05 44.20
CA THR A 114 12.39 -8.72 44.56
C THR A 114 11.38 -8.04 45.46
N LEU A 115 11.84 -7.55 46.60
CA LEU A 115 11.00 -6.78 47.50
C LEU A 115 11.00 -5.32 47.10
N VAL A 116 9.81 -4.76 46.89
CA VAL A 116 9.63 -3.33 46.67
C VAL A 116 8.79 -2.81 47.82
N THR A 117 9.33 -1.85 48.56
CA THR A 117 8.62 -1.22 49.68
C THR A 117 8.24 0.20 49.28
N VAL A 118 6.95 0.46 49.24
CA VAL A 118 6.41 1.77 48.88
C VAL A 118 5.98 2.44 50.18
N SER A 119 6.78 3.38 50.67
CA SER A 119 6.50 4.02 51.94
C SER A 119 7.17 5.39 51.97
N SER A 120 6.52 6.35 52.63
CA SER A 120 7.14 7.64 52.87
C SER A 120 8.19 7.60 53.98
N ALA A 121 8.26 6.50 54.72
CA ALA A 121 9.25 6.39 55.78
C ALA A 121 10.66 6.48 55.22
N SER A 122 11.61 6.76 56.11
CA SER A 122 13.01 6.85 55.74
C SER A 122 13.83 5.89 56.62
N THR A 123 14.99 5.51 56.10
CA THR A 123 15.83 4.53 56.78
C THR A 123 16.04 4.91 58.24
N LYS A 124 15.96 3.91 59.11
CA LYS A 124 16.23 4.08 60.54
C LYS A 124 16.58 2.74 61.14
N GLY A 125 17.70 2.69 61.86
CA GLY A 125 18.11 1.48 62.54
C GLY A 125 17.18 1.16 63.68
N PRO A 126 17.18 -0.11 64.12
CA PRO A 126 16.29 -0.51 65.21
C PRO A 126 16.84 -0.13 66.57
N SER A 127 15.94 0.31 67.44
CA SER A 127 16.24 0.36 68.88
C SER A 127 15.97 -1.02 69.46
N VAL A 128 16.97 -1.59 70.13
CA VAL A 128 16.87 -2.93 70.71
C VAL A 128 16.71 -2.79 72.22
N PHE A 129 15.64 -3.37 72.76
CA PHE A 129 15.35 -3.33 74.18
C PHE A 129 15.29 -4.74 74.75
N PRO A 130 15.84 -4.97 75.94
CA PRO A 130 15.86 -6.32 76.50
C PRO A 130 14.50 -6.74 77.03
N LEU A 131 14.19 -8.02 76.86
CA LEU A 131 13.02 -8.65 77.48
C LEU A 131 13.55 -9.50 78.63
N ALA A 132 13.62 -8.90 79.80
CA ALA A 132 14.37 -9.49 80.90
C ALA A 132 13.64 -10.73 81.45
N PRO A 133 14.37 -11.81 81.72
CA PRO A 133 13.73 -12.98 82.33
C PRO A 133 13.13 -12.62 83.68
N SER A 134 12.04 -13.31 84.02
CA SER A 134 11.32 -13.05 85.26
C SER A 134 12.19 -13.34 86.48
N GLY A 141 12.42 -24.09 86.10
CA GLY A 141 13.54 -24.68 85.39
C GLY A 141 13.74 -24.11 84.00
N THR A 142 12.64 -23.70 83.37
CA THR A 142 12.66 -23.14 82.02
C THR A 142 12.29 -21.66 82.10
N ALA A 143 13.20 -20.80 81.65
CA ALA A 143 13.00 -19.36 81.67
C ALA A 143 13.00 -18.81 80.24
N ALA A 144 12.31 -17.68 80.06
CA ALA A 144 12.17 -17.04 78.77
C ALA A 144 12.72 -15.62 78.84
N LEU A 145 13.55 -15.27 77.86
CA LEU A 145 14.08 -13.92 77.72
C LEU A 145 14.19 -13.61 76.23
N GLY A 146 14.33 -12.34 75.91
CA GLY A 146 14.37 -11.97 74.51
C GLY A 146 14.77 -10.52 74.30
N CYS A 147 14.62 -10.09 73.04
CA CYS A 147 14.94 -8.74 72.61
C CYS A 147 13.78 -8.20 71.79
N LEU A 148 13.43 -6.94 72.05
CA LEU A 148 12.42 -6.21 71.27
C LEU A 148 13.14 -5.30 70.29
N VAL A 149 13.04 -5.62 69.00
CA VAL A 149 13.66 -4.85 67.94
C VAL A 149 12.58 -3.94 67.36
N LYS A 150 12.60 -2.66 67.75
CA LYS A 150 11.49 -1.75 67.49
C LYS A 150 11.92 -0.55 66.64
N ASP A 151 11.01 -0.10 65.78
CA ASP A 151 11.15 1.15 65.04
C ASP A 151 12.34 1.11 64.09
N TYR A 152 12.24 0.23 63.09
CA TYR A 152 13.26 0.18 62.04
C TYR A 152 12.59 0.23 60.67
N PHE A 153 13.38 0.67 59.68
CA PHE A 153 12.89 0.77 58.31
C PHE A 153 14.08 0.82 57.37
N PRO A 154 14.06 0.07 56.26
CA PRO A 154 13.01 -0.89 55.87
C PRO A 154 13.36 -2.29 56.38
N GLU A 155 12.57 -3.30 56.03
CA GLU A 155 12.98 -4.66 56.28
C GLU A 155 14.21 -4.98 55.42
N PRO A 156 15.00 -5.98 55.81
CA PRO A 156 14.82 -6.87 56.95
C PRO A 156 15.81 -6.62 58.09
N VAL A 157 15.55 -7.17 59.27
CA VAL A 157 16.54 -7.30 60.32
C VAL A 157 16.87 -8.78 60.46
N THR A 158 18.07 -9.07 60.95
CA THR A 158 18.51 -10.43 61.20
C THR A 158 18.92 -10.53 62.66
N VAL A 159 18.47 -11.59 63.33
CA VAL A 159 18.65 -11.72 64.77
C VAL A 159 19.27 -13.07 65.08
N SER A 160 20.32 -13.06 65.91
CA SER A 160 20.94 -14.28 66.40
C SER A 160 21.27 -14.08 67.87
N TRP A 161 21.63 -15.17 68.54
CA TRP A 161 21.90 -15.16 69.97
C TRP A 161 23.28 -15.73 70.25
N ASN A 162 24.01 -15.06 71.14
CA ASN A 162 25.37 -15.45 71.50
C ASN A 162 26.23 -15.66 70.26
N SER A 163 26.11 -14.72 69.32
CA SER A 163 26.92 -14.72 68.10
C SER A 163 26.73 -16.00 67.29
N GLY A 164 25.53 -16.58 67.37
CA GLY A 164 25.21 -17.77 66.60
C GLY A 164 25.30 -19.07 67.36
N ALA A 165 25.88 -19.07 68.56
CA ALA A 165 25.98 -20.30 69.34
C ALA A 165 24.60 -20.81 69.75
N LEU A 166 23.85 -19.99 70.48
CA LEU A 166 22.56 -20.40 71.01
C LEU A 166 21.52 -20.43 69.89
N THR A 167 21.12 -21.64 69.47
CA THR A 167 20.09 -21.81 68.46
C THR A 167 18.91 -22.65 68.91
N SER A 168 19.06 -23.45 69.97
CA SER A 168 17.98 -24.30 70.44
C SER A 168 17.00 -23.48 71.28
N GLY A 169 15.73 -23.50 70.89
CA GLY A 169 14.70 -22.78 71.60
C GLY A 169 14.48 -21.36 71.17
N VAL A 170 15.06 -20.94 70.06
CA VAL A 170 14.96 -19.56 69.59
C VAL A 170 13.71 -19.41 68.72
N HIS A 171 12.99 -18.31 68.93
CA HIS A 171 11.82 -17.97 68.12
C HIS A 171 11.94 -16.50 67.75
N THR A 172 12.17 -16.21 66.47
CA THR A 172 12.17 -14.84 65.98
C THR A 172 10.89 -14.63 65.18
N PHE A 173 10.04 -13.72 65.63
CA PHE A 173 8.72 -13.54 65.05
C PHE A 173 8.80 -12.67 63.79
N PRO A 174 7.91 -12.91 62.84
CA PRO A 174 7.84 -12.04 61.66
C PRO A 174 7.59 -10.60 62.07
N ALA A 175 8.18 -9.68 61.32
CA ALA A 175 7.98 -8.27 61.60
C ALA A 175 6.52 -7.88 61.37
N VAL A 176 6.08 -6.83 62.08
CA VAL A 176 4.77 -6.23 61.84
C VAL A 176 4.98 -4.74 61.61
N LEU A 177 4.25 -4.19 60.64
CA LEU A 177 4.33 -2.77 60.31
C LEU A 177 3.47 -1.98 61.30
N GLN A 178 4.12 -1.20 62.15
CA GLN A 178 3.41 -0.33 63.08
C GLN A 178 2.76 0.82 62.33
N SER A 179 1.74 1.41 62.96
CA SER A 179 1.01 2.52 62.33
C SER A 179 1.89 3.75 62.13
N SER A 180 3.10 3.77 62.69
CA SER A 180 4.05 4.85 62.46
C SER A 180 4.82 4.69 61.16
N GLY A 181 4.58 3.63 60.39
CA GLY A 181 5.35 3.36 59.19
C GLY A 181 6.64 2.60 59.42
N LEU A 182 6.97 2.28 60.67
CA LEU A 182 8.16 1.54 61.02
C LEU A 182 7.79 0.12 61.43
N TYR A 183 8.76 -0.79 61.28
CA TYR A 183 8.52 -2.18 61.62
C TYR A 183 8.99 -2.48 63.04
N SER A 184 8.62 -3.66 63.53
CA SER A 184 8.98 -4.08 64.88
C SER A 184 8.79 -5.58 65.00
N LEU A 185 9.70 -6.22 65.72
CA LEU A 185 9.60 -7.65 65.99
C LEU A 185 10.29 -7.94 67.32
N SER A 186 10.05 -9.14 67.83
CA SER A 186 10.70 -9.61 69.04
C SER A 186 11.33 -10.97 68.76
N SER A 187 12.49 -11.21 69.37
CA SER A 187 13.14 -12.51 69.33
C SER A 187 13.27 -13.02 70.76
N VAL A 188 12.94 -14.29 70.97
CA VAL A 188 12.89 -14.86 72.31
C VAL A 188 13.54 -16.23 72.31
N VAL A 189 14.02 -16.64 73.48
CA VAL A 189 14.65 -17.94 73.67
C VAL A 189 14.29 -18.45 75.05
N THR A 190 14.06 -19.76 75.15
CA THR A 190 13.86 -20.43 76.43
C THR A 190 15.17 -21.09 76.84
N VAL A 191 15.59 -20.85 78.08
CA VAL A 191 16.86 -21.39 78.57
C VAL A 191 16.65 -21.90 79.99
N PRO A 192 17.52 -22.81 80.43
CA PRO A 192 17.41 -23.32 81.81
C PRO A 192 17.43 -22.18 82.82
N SER A 193 16.46 -22.20 83.73
CA SER A 193 16.34 -21.15 84.73
C SER A 193 17.52 -21.10 85.68
N SER A 194 18.39 -22.11 85.68
CA SER A 194 19.47 -22.15 86.64
C SER A 194 20.69 -21.37 86.17
N SER A 195 20.87 -21.24 84.85
CA SER A 195 22.00 -20.53 84.29
C SER A 195 21.77 -19.03 84.15
N LEU A 196 20.68 -18.52 84.72
CA LEU A 196 20.38 -17.09 84.58
C LEU A 196 21.48 -16.22 85.17
N GLY A 197 22.02 -16.63 86.32
CA GLY A 197 23.03 -15.84 87.00
C GLY A 197 24.47 -16.13 86.64
N THR A 198 24.73 -17.11 85.80
CA THR A 198 26.10 -17.50 85.44
C THR A 198 26.36 -17.33 83.96
N GLN A 199 25.54 -17.95 83.11
CA GLN A 199 25.68 -17.82 81.67
C GLN A 199 25.16 -16.47 81.22
N THR A 200 25.81 -15.93 80.18
CA THR A 200 25.49 -14.63 79.61
C THR A 200 24.82 -14.79 78.25
N TYR A 201 23.78 -13.98 78.02
CA TYR A 201 22.92 -14.08 76.85
C TYR A 201 22.91 -12.77 76.10
N ILE A 202 23.37 -12.80 74.85
CA ILE A 202 23.51 -11.63 73.99
C ILE A 202 22.73 -11.88 72.72
N CYS A 203 21.88 -10.93 72.33
CA CYS A 203 21.15 -10.98 71.07
C CYS A 203 21.80 -10.01 70.09
N ASN A 204 22.05 -10.47 68.87
CA ASN A 204 22.70 -9.69 67.84
C ASN A 204 21.68 -9.31 66.78
N VAL A 205 21.55 -8.02 66.52
CA VAL A 205 20.55 -7.49 65.60
C VAL A 205 21.29 -6.78 64.47
N ASN A 206 21.16 -7.33 63.26
CA ASN A 206 21.69 -6.71 62.06
C ASN A 206 20.59 -5.93 61.36
N HIS A 207 20.96 -4.79 60.79
CA HIS A 207 20.04 -4.02 59.93
C HIS A 207 20.89 -3.38 58.83
N LYS A 208 21.07 -4.12 57.73
CA LYS A 208 21.92 -3.64 56.65
C LYS A 208 21.50 -2.28 56.10
N PRO A 209 20.22 -1.99 55.87
CA PRO A 209 19.84 -0.71 55.26
C PRO A 209 20.40 0.50 56.00
N SER A 210 20.69 0.33 57.29
CA SER A 210 21.20 1.43 58.11
C SER A 210 22.62 1.15 58.62
N ASN A 211 23.25 0.07 58.15
CA ASN A 211 24.58 -0.31 58.63
C ASN A 211 24.62 -0.41 60.15
N THR A 212 23.49 -0.77 60.74
CA THR A 212 23.37 -0.90 62.19
C THR A 212 23.73 -2.33 62.60
N LYS A 213 24.53 -2.43 63.65
CA LYS A 213 24.91 -3.72 64.24
C LYS A 213 24.92 -3.55 65.75
N VAL A 214 23.92 -4.13 66.42
CA VAL A 214 23.76 -3.99 67.86
C VAL A 214 23.90 -5.36 68.51
N ASP A 215 24.62 -5.42 69.62
CA ASP A 215 24.74 -6.62 70.45
C ASP A 215 24.26 -6.23 71.84
N LYS A 216 23.01 -6.53 72.16
CA LYS A 216 22.41 -6.13 73.43
C LYS A 216 22.40 -7.33 74.38
N ARG A 217 23.14 -7.20 75.49
CA ARG A 217 23.12 -8.23 76.51
C ARG A 217 21.82 -8.14 77.31
N VAL A 218 21.12 -9.26 77.42
CA VAL A 218 19.88 -9.33 78.19
C VAL A 218 20.20 -10.00 79.52
N GLU A 219 20.06 -9.24 80.61
CA GLU A 219 20.38 -9.72 81.94
C GLU A 219 19.17 -9.60 82.86
N PRO A 220 19.01 -10.53 83.81
CA PRO A 220 17.92 -10.41 84.77
C PRO A 220 18.03 -9.11 85.55
N LYS A 221 16.92 -8.36 85.58
CA LYS A 221 16.88 -7.07 86.27
C LYS A 221 16.75 -7.26 87.79
N ASP B 1 -13.01 -9.80 35.39
CA ASP B 1 -12.00 -10.79 35.73
C ASP B 1 -12.63 -12.03 36.37
N ILE B 2 -12.29 -13.20 35.82
CA ILE B 2 -12.79 -14.45 36.39
C ILE B 2 -12.23 -14.64 37.79
N GLN B 3 -13.13 -14.87 38.75
CA GLN B 3 -12.76 -15.07 40.15
C GLN B 3 -12.64 -16.56 40.46
N MET B 4 -11.56 -16.91 41.16
CA MET B 4 -11.25 -18.27 41.58
C MET B 4 -11.42 -18.34 43.10
N THR B 5 -12.45 -19.05 43.56
CA THR B 5 -12.72 -19.21 44.99
C THR B 5 -12.18 -20.56 45.45
N GLN B 6 -11.24 -20.53 46.39
CA GLN B 6 -10.62 -21.75 46.91
C GLN B 6 -11.22 -22.10 48.25
N SER B 7 -11.35 -23.41 48.50
CA SER B 7 -11.92 -23.92 49.74
C SER B 7 -11.17 -25.17 50.18
N PRO B 8 -10.86 -25.30 51.47
CA PRO B 8 -11.02 -24.30 52.53
C PRO B 8 -9.86 -23.34 52.51
N SER B 9 -9.91 -22.26 53.30
CA SER B 9 -8.77 -21.37 53.38
C SER B 9 -7.64 -21.97 54.19
N SER B 10 -7.98 -22.81 55.17
CA SER B 10 -6.99 -23.46 56.02
C SER B 10 -7.37 -24.92 56.20
N LEU B 11 -6.37 -25.74 56.42
CA LEU B 11 -6.58 -27.18 56.47
C LEU B 11 -5.51 -27.81 57.33
N SER B 12 -5.93 -28.67 58.24
CA SER B 12 -5.03 -29.42 59.11
C SER B 12 -5.16 -30.90 58.80
N ALA B 13 -4.01 -31.58 58.73
CA ALA B 13 -4.01 -33.00 58.41
C ALA B 13 -2.74 -33.61 58.97
N SER B 14 -2.76 -34.92 59.18
CA SER B 14 -1.59 -35.63 59.66
C SER B 14 -0.76 -36.13 58.48
N VAL B 15 0.53 -36.37 58.76
CA VAL B 15 1.40 -37.01 57.78
C VAL B 15 0.77 -38.34 57.37
N GLY B 16 0.79 -38.61 56.06
CA GLY B 16 0.20 -39.82 55.52
C GLY B 16 -1.26 -39.71 55.13
N ASP B 17 -1.93 -38.62 55.52
CA ASP B 17 -3.34 -38.44 55.18
C ASP B 17 -3.51 -38.08 53.71
N ARG B 18 -4.76 -38.14 53.25
CA ARG B 18 -5.16 -37.64 51.96
C ARG B 18 -5.99 -36.37 52.14
N VAL B 19 -5.72 -35.39 51.30
CA VAL B 19 -6.35 -34.07 51.40
C VAL B 19 -6.97 -33.72 50.05
N THR B 20 -8.07 -32.98 50.10
CA THR B 20 -8.72 -32.45 48.91
C THR B 20 -8.91 -30.95 49.05
N ILE B 21 -8.46 -30.21 48.04
CA ILE B 21 -8.67 -28.78 47.93
C ILE B 21 -9.53 -28.53 46.71
N THR B 22 -10.50 -27.63 46.83
CA THR B 22 -11.37 -27.30 45.71
C THR B 22 -11.19 -25.83 45.34
N CYS B 23 -11.72 -25.48 44.17
CA CYS B 23 -11.52 -24.15 43.62
C CYS B 23 -12.60 -23.93 42.58
N LYS B 24 -13.42 -22.90 42.77
CA LYS B 24 -14.56 -22.64 41.91
C LYS B 24 -14.29 -21.41 41.05
N ALA B 25 -14.55 -21.53 39.76
CA ALA B 25 -14.39 -20.41 38.84
C ALA B 25 -15.73 -19.69 38.66
N SER B 26 -15.68 -18.36 38.57
CA SER B 26 -16.89 -17.59 38.37
C SER B 26 -17.46 -17.75 36.97
N GLN B 27 -16.65 -18.20 36.01
CA GLN B 27 -17.11 -18.50 34.66
C GLN B 27 -16.49 -19.82 34.22
N ASN B 28 -16.81 -20.23 33.00
CA ASN B 28 -16.22 -21.45 32.46
C ASN B 28 -14.77 -21.19 32.06
N VAL B 29 -13.89 -22.10 32.46
CA VAL B 29 -12.46 -21.95 32.16
C VAL B 29 -11.95 -23.20 31.47
N GLY B 30 -12.87 -24.06 31.03
CA GLY B 30 -12.47 -25.29 30.39
C GLY B 30 -11.64 -26.12 31.33
N THR B 31 -10.48 -26.59 30.85
CA THR B 31 -9.49 -27.26 31.68
C THR B 31 -8.20 -26.45 31.77
N ASN B 32 -8.28 -25.14 31.52
CA ASN B 32 -7.11 -24.27 31.62
C ASN B 32 -6.97 -23.77 33.07
N VAL B 33 -6.64 -24.71 33.94
CA VAL B 33 -6.39 -24.43 35.34
C VAL B 33 -5.00 -24.96 35.69
N ALA B 34 -4.26 -24.18 36.48
CA ALA B 34 -2.97 -24.61 36.98
C ALA B 34 -3.00 -24.59 38.50
N TRP B 35 -2.11 -25.39 39.09
CA TRP B 35 -1.99 -25.49 40.54
C TRP B 35 -0.56 -25.20 40.94
N PHE B 36 -0.40 -24.46 42.02
CA PHE B 36 0.92 -24.04 42.48
C PHE B 36 1.09 -24.37 43.96
N GLN B 37 2.34 -24.68 44.32
CA GLN B 37 2.74 -24.85 45.70
C GLN B 37 3.70 -23.72 46.07
N GLN B 38 3.57 -23.20 47.28
CA GLN B 38 4.48 -22.17 47.74
C GLN B 38 4.80 -22.36 49.21
N LYS B 39 6.06 -22.38 49.54
CA LYS B 39 6.50 -22.41 50.92
C LYS B 39 6.97 -21.02 51.34
N PRO B 40 6.90 -20.69 52.64
CA PRO B 40 7.22 -19.34 53.06
C PRO B 40 8.64 -18.94 52.68
N GLY B 41 8.78 -17.74 52.13
CA GLY B 41 10.06 -17.20 51.75
C GLY B 41 10.59 -17.67 50.41
N LYS B 42 9.82 -18.45 49.65
CA LYS B 42 10.27 -18.99 48.39
C LYS B 42 9.27 -18.65 47.29
N ALA B 43 9.73 -18.77 46.04
CA ALA B 43 8.85 -18.56 44.92
C ALA B 43 7.87 -19.72 44.80
N PRO B 44 6.74 -19.52 44.14
CA PRO B 44 5.81 -20.63 43.89
C PRO B 44 6.45 -21.67 42.98
N LYS B 45 5.90 -22.88 43.04
CA LYS B 45 6.35 -24.00 42.23
C LYS B 45 5.14 -24.62 41.54
N ALA B 46 5.24 -24.82 40.24
CA ALA B 46 4.12 -25.33 39.45
C ALA B 46 3.92 -26.83 39.69
N LEU B 47 2.67 -27.25 39.79
CA LEU B 47 2.32 -28.63 40.03
C LEU B 47 1.50 -29.21 38.88
N ILE B 48 0.47 -28.51 38.44
CA ILE B 48 -0.51 -29.01 37.50
C ILE B 48 -0.74 -27.98 36.43
N TYR B 49 -0.81 -28.42 35.18
CA TYR B 49 -1.35 -27.63 34.09
C TYR B 49 -2.47 -28.41 33.44
N SER B 50 -3.29 -27.72 32.66
CA SER B 50 -4.44 -28.34 31.99
C SER B 50 -5.28 -29.16 32.98
N ALA B 51 -5.37 -28.68 34.22
CA ALA B 51 -6.26 -29.23 35.24
C ALA B 51 -5.83 -30.58 35.79
N SER B 52 -5.22 -31.44 34.96
CA SER B 52 -4.96 -32.82 35.41
C SER B 52 -3.56 -33.33 35.09
N TYR B 53 -2.70 -32.52 34.48
CA TYR B 53 -1.39 -32.97 34.07
C TYR B 53 -0.33 -32.39 34.98
N ARG B 54 0.65 -33.23 35.33
CA ARG B 54 1.71 -32.85 36.26
C ARG B 54 2.91 -32.29 35.51
N TYR B 55 3.46 -31.18 36.02
CA TYR B 55 4.74 -30.70 35.54
C TYR B 55 5.83 -31.71 35.87
N SER B 56 6.90 -31.70 35.07
CA SER B 56 8.02 -32.61 35.28
C SER B 56 8.53 -32.53 36.71
N GLY B 57 8.77 -33.71 37.31
CA GLY B 57 9.28 -33.79 38.67
C GLY B 57 8.22 -33.83 39.76
N VAL B 58 6.96 -33.53 39.45
CA VAL B 58 5.90 -33.53 40.45
C VAL B 58 5.47 -34.97 40.70
N PRO B 59 5.61 -35.47 41.94
CA PRO B 59 5.29 -36.88 42.20
C PRO B 59 3.79 -37.16 42.00
N SER B 60 3.47 -38.45 41.93
CA SER B 60 2.11 -38.85 41.56
C SER B 60 1.10 -38.64 42.67
N ARG B 61 1.54 -38.43 43.91
CA ARG B 61 0.58 -38.18 44.98
C ARG B 61 -0.19 -36.87 44.77
N PHE B 62 0.33 -35.96 43.96
CA PHE B 62 -0.42 -34.77 43.56
C PHE B 62 -1.21 -35.09 42.30
N SER B 63 -2.54 -35.02 42.40
CA SER B 63 -3.40 -35.21 41.24
C SER B 63 -4.46 -34.12 41.22
N GLY B 64 -4.65 -33.51 40.05
CA GLY B 64 -5.66 -32.50 39.86
C GLY B 64 -6.73 -33.01 38.91
N SER B 65 -7.94 -32.49 39.07
CA SER B 65 -9.05 -32.90 38.21
C SER B 65 -10.06 -31.77 38.15
N GLY B 66 -11.02 -31.91 37.25
CA GLY B 66 -12.10 -30.96 37.10
C GLY B 66 -12.11 -30.35 35.72
N SER B 67 -13.22 -29.67 35.43
CA SER B 67 -13.41 -29.01 34.16
C SER B 67 -14.54 -28.00 34.28
N GLY B 68 -14.48 -26.97 33.45
CA GLY B 68 -15.53 -25.97 33.46
C GLY B 68 -15.41 -24.98 34.58
N THR B 69 -16.07 -25.25 35.71
CA THR B 69 -16.09 -24.35 36.84
C THR B 69 -15.56 -24.95 38.13
N ASP B 70 -15.56 -26.28 38.27
CA ASP B 70 -15.18 -26.95 39.50
C ASP B 70 -13.86 -27.68 39.30
N PHE B 71 -12.91 -27.43 40.20
CA PHE B 71 -11.60 -28.06 40.12
C PHE B 71 -11.14 -28.42 41.53
N THR B 72 -10.44 -29.55 41.64
CA THR B 72 -9.92 -30.02 42.91
C THR B 72 -8.47 -30.45 42.75
N LEU B 73 -7.68 -30.21 43.78
CA LEU B 73 -6.34 -30.79 43.92
C LEU B 73 -6.42 -31.83 45.04
N THR B 74 -5.91 -33.02 44.77
CA THR B 74 -5.91 -34.10 45.75
C THR B 74 -4.47 -34.49 46.05
N ILE B 75 -4.11 -34.46 47.33
CA ILE B 75 -2.76 -34.76 47.78
C ILE B 75 -2.85 -35.94 48.74
N SER B 76 -2.57 -37.14 48.23
CA SER B 76 -2.54 -38.32 49.08
C SER B 76 -1.14 -38.53 49.63
N SER B 77 -1.03 -39.43 50.62
CA SER B 77 0.25 -39.80 51.21
C SER B 77 1.06 -38.56 51.58
N LEU B 78 0.45 -37.68 52.37
CA LEU B 78 1.10 -36.42 52.73
C LEU B 78 2.44 -36.68 53.40
N GLN B 79 3.48 -35.98 52.92
CA GLN B 79 4.84 -35.90 53.40
C GLN B 79 5.06 -34.58 54.13
N PRO B 80 5.94 -34.53 55.13
CA PRO B 80 6.17 -33.26 55.83
C PRO B 80 6.45 -32.10 54.89
N GLU B 81 7.19 -32.35 53.80
CA GLU B 81 7.53 -31.30 52.84
C GLU B 81 6.33 -30.79 52.06
N ASP B 82 5.19 -31.48 52.11
CA ASP B 82 4.01 -31.05 51.38
C ASP B 82 3.16 -30.04 52.13
N PHE B 83 3.51 -29.73 53.37
CA PHE B 83 2.72 -28.81 54.17
C PHE B 83 3.15 -27.38 53.86
N ALA B 84 2.28 -26.65 53.17
CA ALA B 84 2.57 -25.33 52.62
C ALA B 84 1.27 -24.76 52.09
N THR B 85 1.36 -23.67 51.34
CA THR B 85 0.19 -23.04 50.75
C THR B 85 0.06 -23.43 49.28
N TYR B 86 -1.17 -23.62 48.84
CA TYR B 86 -1.46 -24.04 47.47
C TYR B 86 -2.41 -23.05 46.82
N TYR B 87 -2.21 -22.81 45.52
CA TYR B 87 -2.98 -21.82 44.77
C TYR B 87 -3.48 -22.45 43.48
N CYS B 88 -4.77 -22.26 43.18
CA CYS B 88 -5.25 -22.53 41.84
C CYS B 88 -5.13 -21.26 41.00
N GLN B 89 -5.11 -21.44 39.68
CA GLN B 89 -4.98 -20.33 38.75
C GLN B 89 -5.70 -20.68 37.46
N GLN B 90 -6.56 -19.78 36.99
CA GLN B 90 -7.14 -19.92 35.67
C GLN B 90 -6.30 -19.15 34.66
N TYR B 91 -6.08 -19.76 33.50
CA TYR B 91 -5.42 -19.08 32.39
C TYR B 91 -6.26 -19.16 31.11
N ASN B 92 -7.57 -19.37 31.25
CA ASN B 92 -8.44 -19.43 30.07
C ASN B 92 -8.51 -18.08 29.37
N SER B 93 -8.73 -17.00 30.13
CA SER B 93 -8.80 -15.67 29.57
C SER B 93 -8.03 -14.71 30.45
N TYR B 94 -7.79 -13.51 29.92
CA TYR B 94 -7.03 -12.50 30.65
C TYR B 94 -7.96 -11.61 31.47
N PRO B 95 -7.48 -11.10 32.59
CA PRO B 95 -6.15 -11.35 33.17
C PRO B 95 -6.08 -12.70 33.89
N LEU B 96 -4.90 -13.30 33.98
CA LEU B 96 -4.73 -14.50 34.77
C LEU B 96 -5.08 -14.21 36.22
N THR B 97 -5.86 -15.10 36.84
CA THR B 97 -6.35 -14.89 38.19
C THR B 97 -6.10 -16.12 39.05
N PHE B 98 -5.64 -15.89 40.28
CA PHE B 98 -5.34 -16.94 41.23
C PHE B 98 -6.43 -17.03 42.28
N GLY B 99 -6.58 -18.22 42.86
CA GLY B 99 -7.38 -18.36 44.05
C GLY B 99 -6.69 -17.74 45.25
N GLN B 100 -7.46 -17.59 46.34
CA GLN B 100 -6.90 -16.91 47.51
C GLN B 100 -5.93 -17.78 48.29
N GLY B 101 -5.92 -19.08 48.05
CA GLY B 101 -4.90 -19.94 48.61
C GLY B 101 -5.43 -20.82 49.72
N THR B 102 -4.71 -21.92 49.97
CA THR B 102 -5.04 -22.88 51.01
C THR B 102 -3.77 -23.26 51.74
N LYS B 103 -3.69 -22.91 53.01
CA LYS B 103 -2.54 -23.28 53.83
C LYS B 103 -2.82 -24.61 54.50
N LEU B 104 -1.91 -25.57 54.30
CA LEU B 104 -2.01 -26.92 54.83
C LEU B 104 -0.98 -27.08 55.93
N GLU B 105 -1.44 -27.38 57.15
CA GLU B 105 -0.57 -27.47 58.31
C GLU B 105 -0.69 -28.85 58.94
N ILE B 106 0.36 -29.25 59.65
CA ILE B 106 0.50 -30.61 60.16
C ILE B 106 -0.30 -30.74 61.45
N LYS B 107 -1.11 -31.79 61.53
CA LYS B 107 -1.86 -32.08 62.74
C LYS B 107 -0.96 -32.84 63.71
N ARG B 108 -1.01 -32.44 64.99
CA ARG B 108 -0.32 -33.12 66.07
C ARG B 108 -1.17 -33.05 67.32
N THR B 109 -0.68 -33.63 68.40
CA THR B 109 -1.41 -33.61 69.67
C THR B 109 -1.46 -32.20 70.24
N VAL B 110 -2.56 -31.89 70.93
CA VAL B 110 -2.71 -30.59 71.56
C VAL B 110 -1.55 -30.34 72.52
N ALA B 111 -1.06 -29.10 72.52
CA ALA B 111 -0.02 -28.69 73.46
C ALA B 111 -0.37 -27.32 74.00
N ALA B 112 -0.39 -27.18 75.32
CA ALA B 112 -0.74 -25.93 75.95
C ALA B 112 0.41 -24.94 75.83
N PRO B 113 0.13 -23.66 75.60
CA PRO B 113 1.20 -22.67 75.54
C PRO B 113 1.80 -22.43 76.92
N SER B 114 3.08 -22.05 76.92
CA SER B 114 3.75 -21.53 78.11
C SER B 114 3.72 -20.02 78.02
N VAL B 115 3.23 -19.36 79.06
CA VAL B 115 2.95 -17.92 79.04
C VAL B 115 4.00 -17.20 79.87
N PHE B 116 4.59 -16.15 79.29
CA PHE B 116 5.51 -15.26 79.97
C PHE B 116 5.10 -13.83 79.67
N ILE B 117 5.25 -12.95 80.65
CA ILE B 117 4.95 -11.53 80.47
C ILE B 117 6.23 -10.74 80.71
N PHE B 118 6.39 -9.67 79.94
CA PHE B 118 7.61 -8.86 79.97
C PHE B 118 7.23 -7.39 80.11
N PRO B 119 7.61 -6.74 81.19
CA PRO B 119 7.36 -5.30 81.31
C PRO B 119 8.32 -4.51 80.45
N PRO B 120 7.97 -3.28 80.10
CA PRO B 120 8.90 -2.46 79.29
C PRO B 120 10.17 -2.15 80.05
N SER B 121 11.26 -2.04 79.29
CA SER B 121 12.55 -1.71 79.89
C SER B 121 12.59 -0.24 80.28
N ASP B 122 13.38 0.06 81.31
CA ASP B 122 13.63 1.46 81.65
C ASP B 122 14.24 2.21 80.48
N GLU B 123 15.15 1.55 79.77
CA GLU B 123 15.74 2.11 78.55
C GLU B 123 14.66 2.61 77.61
N GLN B 124 13.68 1.76 77.30
CA GLN B 124 12.60 2.18 76.41
C GLN B 124 11.75 3.27 77.06
N LEU B 125 11.56 3.22 78.38
CA LEU B 125 10.74 4.24 79.02
C LEU B 125 11.33 5.63 78.84
N LYS B 126 12.65 5.73 78.72
CA LYS B 126 13.27 7.03 78.45
C LYS B 126 12.84 7.58 77.09
N SER B 127 12.65 6.69 76.11
CA SER B 127 12.23 7.10 74.78
C SER B 127 10.78 7.59 74.75
N GLY B 128 10.00 7.39 75.82
CA GLY B 128 8.65 7.90 75.90
C GLY B 128 7.56 6.89 75.56
N THR B 129 7.92 5.75 74.98
CA THR B 129 6.95 4.71 74.64
C THR B 129 7.20 3.47 75.51
N ALA B 130 6.11 2.84 75.94
CA ALA B 130 6.18 1.62 76.72
C ALA B 130 5.57 0.48 75.91
N SER B 131 6.28 -0.64 75.83
CA SER B 131 5.81 -1.82 75.12
C SER B 131 5.80 -3.00 76.07
N VAL B 132 4.64 -3.64 76.22
CA VAL B 132 4.48 -4.81 77.08
C VAL B 132 4.29 -6.02 76.18
N VAL B 133 5.00 -7.10 76.49
CA VAL B 133 5.06 -8.28 75.63
C VAL B 133 4.54 -9.48 76.41
N CYS B 134 3.65 -10.24 75.78
CA CYS B 134 3.15 -11.50 76.31
C CYS B 134 3.54 -12.60 75.33
N LEU B 135 4.23 -13.63 75.82
CA LEU B 135 4.75 -14.70 74.98
C LEU B 135 3.97 -15.98 75.24
N LEU B 136 3.51 -16.61 74.16
CA LEU B 136 2.89 -17.93 74.19
C LEU B 136 3.80 -18.89 73.42
N ASN B 137 4.40 -19.84 74.13
CA ASN B 137 5.49 -20.65 73.60
C ASN B 137 5.06 -22.09 73.35
N ASN B 138 5.37 -22.59 72.15
CA ASN B 138 5.32 -24.01 71.78
C ASN B 138 3.96 -24.64 72.10
N PHE B 139 2.97 -24.26 71.31
CA PHE B 139 1.60 -24.71 71.53
C PHE B 139 0.97 -25.15 70.21
N TYR B 140 -0.01 -26.05 70.33
CA TYR B 140 -0.81 -26.54 69.23
C TYR B 140 -2.21 -26.85 69.74
N PRO B 141 -3.26 -26.54 68.97
CA PRO B 141 -3.25 -25.93 67.63
C PRO B 141 -2.96 -24.44 67.65
N ARG B 142 -3.07 -23.77 66.50
CA ARG B 142 -2.61 -22.39 66.37
C ARG B 142 -3.55 -21.40 67.04
N GLU B 143 -4.85 -21.71 67.11
CA GLU B 143 -5.82 -20.76 67.63
C GLU B 143 -5.62 -20.56 69.12
N ALA B 144 -5.27 -19.34 69.51
CA ALA B 144 -5.09 -19.00 70.92
C ALA B 144 -5.52 -17.55 71.11
N LYS B 145 -6.24 -17.30 72.19
CA LYS B 145 -6.81 -15.98 72.48
C LYS B 145 -6.00 -15.31 73.58
N VAL B 146 -5.66 -14.04 73.36
CA VAL B 146 -4.93 -13.23 74.33
C VAL B 146 -5.82 -12.05 74.71
N GLN B 147 -5.86 -11.74 76.01
CA GLN B 147 -6.54 -10.57 76.51
C GLN B 147 -5.56 -9.74 77.34
N TRP B 148 -5.43 -8.47 77.01
CA TRP B 148 -4.62 -7.53 77.77
C TRP B 148 -5.52 -6.74 78.72
N LYS B 149 -5.16 -6.73 79.99
CA LYS B 149 -5.87 -5.97 81.00
C LYS B 149 -4.89 -5.07 81.72
N VAL B 150 -5.27 -3.79 81.88
CA VAL B 150 -4.47 -2.82 82.61
C VAL B 150 -5.39 -2.17 83.64
N ASP B 151 -5.09 -2.39 84.92
CA ASP B 151 -6.03 -2.05 86.00
C ASP B 151 -7.40 -2.66 85.73
N ASN B 152 -7.40 -3.78 85.00
CA ASN B 152 -8.60 -4.57 84.72
C ASN B 152 -9.51 -3.90 83.68
N ALA B 153 -8.92 -3.15 82.75
CA ALA B 153 -9.65 -2.59 81.62
C ALA B 153 -9.19 -3.30 80.35
N LEU B 154 -10.12 -3.96 79.68
CA LEU B 154 -9.79 -4.67 78.44
C LEU B 154 -9.27 -3.70 77.40
N GLN B 155 -8.09 -3.98 76.86
CA GLN B 155 -7.47 -3.13 75.86
C GLN B 155 -7.91 -3.52 74.45
N SER B 156 -8.15 -2.50 73.63
CA SER B 156 -8.55 -2.71 72.24
C SER B 156 -7.78 -1.75 71.34
N GLY B 157 -7.26 -2.26 70.23
CA GLY B 157 -6.64 -1.45 69.22
C GLY B 157 -5.16 -1.15 69.42
N ASN B 158 -4.66 -1.26 70.65
CA ASN B 158 -3.28 -0.89 70.96
C ASN B 158 -2.36 -2.10 71.10
N SER B 159 -2.72 -3.23 70.49
CA SER B 159 -1.89 -4.42 70.53
C SER B 159 -1.83 -5.06 69.16
N GLN B 160 -0.68 -5.69 68.87
CA GLN B 160 -0.48 -6.46 67.66
C GLN B 160 0.08 -7.83 68.01
N GLU B 161 -0.23 -8.81 67.17
CA GLU B 161 0.22 -10.18 67.37
C GLU B 161 1.05 -10.64 66.19
N SER B 162 1.94 -11.58 66.48
CA SER B 162 2.84 -12.15 65.48
C SER B 162 3.08 -13.60 65.86
N VAL B 163 2.83 -14.52 64.93
CA VAL B 163 2.95 -15.95 65.17
C VAL B 163 3.95 -16.54 64.18
N THR B 164 4.83 -17.39 64.68
CA THR B 164 5.80 -18.05 63.82
C THR B 164 5.10 -19.06 62.91
N GLU B 165 5.83 -19.51 61.89
CA GLU B 165 5.37 -20.65 61.14
C GLU B 165 5.49 -21.91 61.99
N GLN B 166 4.85 -22.98 61.54
CA GLN B 166 4.88 -24.22 62.30
C GLN B 166 6.32 -24.73 62.42
N ASP B 167 6.72 -25.06 63.64
CA ASP B 167 8.08 -25.51 63.88
C ASP B 167 8.38 -26.78 63.12
N SER B 168 9.58 -26.87 62.56
CA SER B 168 9.94 -28.00 61.71
C SER B 168 10.18 -29.28 62.49
N LYS B 169 10.49 -29.20 63.78
CA LYS B 169 10.77 -30.40 64.56
C LYS B 169 9.56 -30.91 65.32
N ASP B 170 8.89 -30.04 66.08
CA ASP B 170 7.77 -30.46 66.93
C ASP B 170 6.43 -29.97 66.43
N SER B 171 6.38 -29.13 65.39
CA SER B 171 5.15 -28.71 64.76
C SER B 171 4.31 -27.79 65.64
N THR B 172 4.90 -27.22 66.70
CA THR B 172 4.17 -26.26 67.51
C THR B 172 4.28 -24.87 66.89
N TYR B 173 3.48 -23.94 67.44
CA TYR B 173 3.62 -22.52 67.13
C TYR B 173 4.04 -21.77 68.39
N SER B 174 4.47 -20.54 68.18
CA SER B 174 4.66 -19.58 69.24
C SER B 174 4.05 -18.26 68.80
N LEU B 175 3.62 -17.46 69.77
CA LEU B 175 2.88 -16.25 69.47
C LEU B 175 3.36 -15.13 70.38
N SER B 176 3.29 -13.91 69.85
CA SER B 176 3.78 -12.72 70.51
C SER B 176 2.68 -11.68 70.49
N SER B 177 2.35 -11.13 71.66
CA SER B 177 1.38 -10.05 71.77
C SER B 177 2.06 -8.86 72.42
N THR B 178 2.16 -7.76 71.68
CA THR B 178 2.82 -6.55 72.16
C THR B 178 1.79 -5.47 72.39
N LEU B 179 1.71 -4.97 73.62
CA LEU B 179 0.87 -3.84 73.97
C LEU B 179 1.73 -2.58 74.01
N THR B 180 1.40 -1.60 73.18
CA THR B 180 2.12 -0.35 73.11
C THR B 180 1.29 0.75 73.76
N LEU B 181 1.91 1.48 74.69
CA LEU B 181 1.27 2.56 75.41
C LEU B 181 2.18 3.77 75.41
N SER B 182 1.59 4.93 75.68
CA SER B 182 2.39 6.12 75.97
C SER B 182 3.00 5.98 77.35
N LYS B 183 4.24 6.46 77.51
CA LYS B 183 4.86 6.43 78.83
C LYS B 183 3.94 7.04 79.87
N ALA B 184 3.24 8.12 79.52
CA ALA B 184 2.32 8.73 80.46
C ALA B 184 1.21 7.76 80.85
N ASP B 185 0.55 7.16 79.86
CA ASP B 185 -0.51 6.20 80.15
C ASP B 185 0.03 4.98 80.87
N TYR B 186 1.29 4.63 80.63
CA TYR B 186 1.91 3.55 81.38
C TYR B 186 2.16 3.95 82.83
N GLU B 187 2.39 5.24 83.09
CA GLU B 187 2.61 5.68 84.46
C GLU B 187 1.30 5.74 85.24
N LYS B 188 0.18 5.97 84.55
CA LYS B 188 -1.11 6.13 85.20
C LYS B 188 -1.70 4.83 85.73
N HIS B 189 -1.07 3.69 85.50
CA HIS B 189 -1.69 2.42 85.84
C HIS B 189 -0.66 1.51 86.51
N LYS B 190 -1.16 0.51 87.23
CA LYS B 190 -0.33 -0.32 88.10
C LYS B 190 -0.28 -1.78 87.69
N VAL B 191 -1.44 -2.39 87.41
CA VAL B 191 -1.52 -3.83 87.17
C VAL B 191 -1.64 -4.07 85.67
N TYR B 192 -0.72 -4.87 85.14
CA TYR B 192 -0.71 -5.27 83.73
C TYR B 192 -0.76 -6.78 83.64
N ALA B 193 -1.74 -7.31 82.92
CA ALA B 193 -1.95 -8.73 82.86
C ALA B 193 -2.37 -9.14 81.46
N CYS B 194 -1.84 -10.26 80.98
CA CYS B 194 -2.32 -10.89 79.76
C CYS B 194 -2.94 -12.22 80.13
N GLU B 195 -4.13 -12.47 79.60
CA GLU B 195 -4.90 -13.67 79.90
C GLU B 195 -5.00 -14.52 78.63
N VAL B 196 -4.66 -15.80 78.74
CA VAL B 196 -4.54 -16.69 77.59
C VAL B 196 -5.57 -17.81 77.74
N THR B 197 -6.29 -18.09 76.67
CA THR B 197 -7.13 -19.27 76.55
C THR B 197 -6.67 -20.11 75.37
N HIS B 198 -6.90 -21.42 75.45
CA HIS B 198 -6.41 -22.33 74.42
C HIS B 198 -6.91 -23.75 74.71
N GLN B 199 -7.06 -24.57 73.68
CA GLN B 199 -7.59 -25.92 73.87
C GLN B 199 -6.76 -26.74 74.85
N GLY B 200 -5.51 -26.39 75.08
CA GLY B 200 -4.72 -27.11 76.05
C GLY B 200 -4.86 -26.66 77.48
N LEU B 201 -5.70 -25.66 77.72
CA LEU B 201 -5.91 -25.08 79.05
C LEU B 201 -7.38 -25.23 79.42
N SER B 202 -7.64 -25.97 80.51
CA SER B 202 -9.02 -26.16 80.94
C SER B 202 -9.61 -24.87 81.50
N SER B 203 -8.78 -23.97 82.00
CA SER B 203 -9.21 -22.65 82.45
C SER B 203 -8.14 -21.65 82.02
N PRO B 204 -8.48 -20.37 81.98
CA PRO B 204 -7.52 -19.39 81.47
C PRO B 204 -6.27 -19.32 82.33
N VAL B 205 -5.15 -19.03 81.69
CA VAL B 205 -3.88 -18.79 82.36
C VAL B 205 -3.61 -17.30 82.34
N THR B 206 -3.26 -16.75 83.50
CA THR B 206 -3.02 -15.32 83.66
C THR B 206 -1.59 -15.10 84.08
N LYS B 207 -0.95 -14.10 83.46
CA LYS B 207 0.37 -13.63 83.84
C LYS B 207 0.29 -12.12 83.95
N SER B 208 0.86 -11.57 85.03
CA SER B 208 0.68 -10.16 85.30
C SER B 208 1.88 -9.64 86.08
N PHE B 209 2.00 -8.31 86.09
CA PHE B 209 3.01 -7.65 86.92
C PHE B 209 2.45 -6.31 87.36
N ASN B 210 3.10 -5.73 88.36
CA ASN B 210 2.80 -4.37 88.81
C ASN B 210 3.98 -3.48 88.48
N ARG B 211 3.73 -2.37 87.79
CA ARG B 211 4.77 -1.42 87.47
C ARG B 211 5.53 -1.02 88.74
N GLY B 212 6.73 -1.56 88.93
CA GLY B 212 7.51 -1.29 90.12
C GLY B 212 8.29 -2.49 90.61
N VAL C 2 1.47 -6.89 -23.79
CA VAL C 2 1.98 -8.24 -23.92
C VAL C 2 1.26 -9.22 -23.01
N GLN C 3 0.92 -10.39 -23.56
CA GLN C 3 0.34 -11.47 -22.77
C GLN C 3 1.01 -12.78 -23.16
N LEU C 4 1.14 -13.67 -22.18
CA LEU C 4 1.70 -15.00 -22.39
C LEU C 4 0.74 -16.00 -21.80
N VAL C 5 0.22 -16.90 -22.63
CA VAL C 5 -0.78 -17.89 -22.24
C VAL C 5 -0.13 -19.27 -22.30
N GLN C 6 -0.20 -19.96 -21.19
CA GLN C 6 0.49 -21.26 -21.09
C GLN C 6 -0.49 -22.42 -21.18
N SER C 7 0.03 -23.57 -21.53
CA SER C 7 -0.80 -24.78 -21.63
C SER C 7 -1.30 -25.19 -20.26
N GLY C 8 -2.31 -26.05 -20.23
CA GLY C 8 -2.94 -26.45 -18.97
C GLY C 8 -2.11 -27.39 -18.14
N ALA C 9 -2.61 -27.73 -16.96
CA ALA C 9 -1.91 -28.58 -16.02
C ALA C 9 -1.68 -29.96 -16.62
N GLU C 10 -0.68 -30.67 -16.08
CA GLU C 10 -0.29 -31.97 -16.59
C GLU C 10 0.07 -32.88 -15.43
N VAL C 11 -0.23 -34.16 -15.61
CA VAL C 11 0.14 -35.22 -14.66
C VAL C 11 0.97 -36.24 -15.42
N LYS C 12 2.11 -36.61 -14.84
CA LYS C 12 3.04 -37.51 -15.50
C LYS C 12 3.56 -38.55 -14.52
N LYS C 13 4.03 -39.67 -15.07
CA LYS C 13 4.66 -40.71 -14.27
C LYS C 13 6.17 -40.51 -14.25
N PRO C 14 6.83 -40.96 -13.20
CA PRO C 14 8.30 -40.89 -13.17
C PRO C 14 8.89 -41.46 -14.46
N GLY C 15 9.90 -40.77 -14.98
CA GLY C 15 10.60 -41.21 -16.17
C GLY C 15 10.05 -40.68 -17.49
N ALA C 16 8.80 -40.22 -17.51
CA ALA C 16 8.19 -39.75 -18.74
C ALA C 16 8.62 -38.32 -19.06
N SER C 17 7.91 -37.66 -19.98
CA SER C 17 8.25 -36.31 -20.39
C SER C 17 6.99 -35.44 -20.40
N VAL C 18 7.21 -34.12 -20.42
CA VAL C 18 6.12 -33.16 -20.50
C VAL C 18 6.56 -32.02 -21.41
N LYS C 19 5.60 -31.46 -22.14
CA LYS C 19 5.85 -30.34 -23.04
C LYS C 19 4.84 -29.25 -22.71
N VAL C 20 5.32 -28.15 -22.13
CA VAL C 20 4.49 -27.01 -21.78
C VAL C 20 4.68 -25.92 -22.84
N SER C 21 3.59 -25.28 -23.24
CA SER C 21 3.61 -24.28 -24.29
C SER C 21 3.34 -22.90 -23.71
N CYS C 22 3.82 -21.88 -24.44
CA CYS C 22 3.69 -20.49 -24.05
C CYS C 22 3.36 -19.68 -25.30
N LYS C 23 2.12 -19.19 -25.39
CA LYS C 23 1.62 -18.51 -26.58
C LYS C 23 1.72 -17.01 -26.37
N ALA C 24 2.63 -16.36 -27.10
CA ALA C 24 2.88 -14.94 -26.93
C ALA C 24 2.02 -14.11 -27.88
N SER C 25 1.67 -12.90 -27.43
CA SER C 25 0.88 -11.97 -28.23
C SER C 25 1.17 -10.55 -27.76
N GLY C 26 1.01 -9.60 -28.68
CA GLY C 26 1.16 -8.19 -28.37
C GLY C 26 2.51 -7.58 -28.68
N TYR C 27 3.47 -8.36 -29.18
CA TYR C 27 4.79 -7.83 -29.50
C TYR C 27 5.40 -8.67 -30.60
N THR C 28 6.60 -8.27 -31.05
CA THR C 28 7.31 -8.98 -32.11
C THR C 28 7.95 -10.23 -31.51
N PHE C 29 7.32 -11.38 -31.77
CA PHE C 29 7.72 -12.62 -31.11
C PHE C 29 9.20 -12.92 -31.31
N THR C 30 9.78 -12.53 -32.43
CA THR C 30 11.15 -12.90 -32.77
C THR C 30 12.20 -11.96 -32.18
N ASN C 31 11.81 -10.95 -31.41
CA ASN C 31 12.76 -9.95 -30.94
C ASN C 31 13.19 -10.13 -29.49
N TYR C 32 12.57 -11.03 -28.74
CA TYR C 32 12.83 -11.11 -27.31
C TYR C 32 12.87 -12.55 -26.84
N ASP C 33 13.71 -12.79 -25.83
CA ASP C 33 13.86 -14.13 -25.27
C ASP C 33 12.62 -14.54 -24.48
N ILE C 34 12.38 -15.85 -24.42
CA ILE C 34 11.38 -16.43 -23.55
C ILE C 34 12.13 -17.24 -22.50
N ASN C 35 12.05 -16.80 -21.25
CA ASN C 35 12.69 -17.51 -20.15
C ASN C 35 11.69 -18.43 -19.46
N TRP C 36 12.21 -19.50 -18.87
CA TRP C 36 11.39 -20.47 -18.17
C TRP C 36 11.89 -20.61 -16.74
N VAL C 37 10.95 -20.54 -15.80
CA VAL C 37 11.24 -20.60 -14.37
C VAL C 37 10.19 -21.50 -13.73
N ARG C 38 10.61 -22.24 -12.71
CA ARG C 38 9.70 -23.15 -12.02
C ARG C 38 9.77 -22.93 -10.52
N GLN C 39 8.72 -23.40 -9.83
CA GLN C 39 8.63 -23.24 -8.38
C GLN C 39 7.96 -24.49 -7.82
N ALA C 40 8.73 -25.32 -7.11
CA ALA C 40 8.16 -26.47 -6.46
C ALA C 40 7.27 -26.02 -5.29
N PRO C 41 6.27 -26.82 -4.93
CA PRO C 41 5.34 -26.41 -3.87
C PRO C 41 6.05 -25.99 -2.59
N GLY C 42 5.81 -24.75 -2.17
CA GLY C 42 6.41 -24.23 -0.95
C GLY C 42 7.89 -23.94 -1.01
N GLN C 43 8.44 -23.83 -2.21
CA GLN C 43 9.88 -23.62 -2.40
C GLN C 43 10.12 -22.26 -3.08
N GLY C 44 11.38 -22.02 -3.43
CA GLY C 44 11.77 -20.81 -4.12
C GLY C 44 11.67 -20.94 -5.63
N LEU C 45 12.37 -20.04 -6.32
CA LEU C 45 12.36 -19.98 -7.77
C LEU C 45 13.62 -20.61 -8.34
N GLU C 46 13.48 -21.23 -9.51
CA GLU C 46 14.56 -21.93 -10.16
C GLU C 46 14.50 -21.64 -11.65
N TRP C 47 15.59 -21.11 -12.20
CA TRP C 47 15.68 -20.80 -13.62
C TRP C 47 15.99 -22.05 -14.41
N ILE C 48 15.27 -22.25 -15.51
CA ILE C 48 15.46 -23.42 -16.35
C ILE C 48 16.30 -23.10 -17.58
N GLY C 49 16.01 -22.00 -18.25
CA GLY C 49 16.70 -21.61 -19.46
C GLY C 49 15.79 -20.71 -20.28
N TRP C 50 16.35 -20.21 -21.39
CA TRP C 50 15.58 -19.40 -22.33
C TRP C 50 15.77 -19.88 -23.76
N ILE C 51 14.89 -19.42 -24.63
CA ILE C 51 14.98 -19.62 -26.07
C ILE C 51 14.76 -18.28 -26.75
N PHE C 52 15.55 -18.01 -27.78
CA PHE C 52 15.45 -16.78 -28.55
C PHE C 52 14.74 -17.09 -29.86
N PRO C 53 13.46 -16.74 -30.02
CA PRO C 53 12.70 -17.22 -31.19
C PRO C 53 13.18 -16.71 -32.53
N GLY C 54 14.13 -15.76 -32.56
CA GLY C 54 14.62 -15.27 -33.83
C GLY C 54 15.48 -16.28 -34.56
N GLU C 55 16.47 -16.84 -33.87
CA GLU C 55 17.35 -17.85 -34.45
C GLU C 55 17.12 -19.24 -33.86
N GLY C 56 16.16 -19.40 -32.96
CA GLY C 56 15.95 -20.68 -32.33
C GLY C 56 17.04 -21.11 -31.36
N SER C 57 17.98 -20.22 -31.03
CA SER C 57 19.07 -20.56 -30.12
C SER C 57 18.57 -20.64 -28.67
N THR C 58 19.32 -21.37 -27.85
CA THR C 58 18.88 -21.67 -26.49
C THR C 58 20.05 -21.57 -25.52
N LYS C 59 19.71 -21.50 -24.23
CA LYS C 59 20.67 -21.58 -23.13
C LYS C 59 19.96 -22.28 -21.99
N TYR C 60 20.65 -23.22 -21.35
CA TYR C 60 20.03 -24.06 -20.35
C TYR C 60 20.81 -24.01 -19.04
N ASN C 61 20.07 -24.13 -17.95
CA ASN C 61 20.71 -24.40 -16.67
C ASN C 61 21.40 -25.76 -16.74
N GLU C 62 22.70 -25.79 -16.45
CA GLU C 62 23.47 -27.03 -16.45
C GLU C 62 22.72 -28.15 -15.73
N LYS C 63 22.00 -27.79 -14.66
CA LYS C 63 21.24 -28.77 -13.89
C LYS C 63 20.30 -29.58 -14.77
N PHE C 64 19.76 -28.98 -15.83
CA PHE C 64 18.78 -29.66 -16.66
C PHE C 64 19.32 -30.03 -18.04
N LYS C 65 20.52 -29.58 -18.40
CA LYS C 65 21.03 -29.80 -19.75
C LYS C 65 21.13 -31.29 -20.05
N GLY C 66 20.58 -31.69 -21.20
CA GLY C 66 20.46 -33.08 -21.57
C GLY C 66 19.10 -33.68 -21.26
N ARG C 67 18.32 -32.99 -20.43
CA ARG C 67 17.00 -33.45 -20.01
C ARG C 67 15.89 -32.48 -20.42
N VAL C 68 16.24 -31.32 -20.98
CA VAL C 68 15.27 -30.29 -21.36
C VAL C 68 15.59 -29.82 -22.77
N THR C 69 14.53 -29.47 -23.51
CA THR C 69 14.68 -28.93 -24.86
C THR C 69 13.60 -27.89 -25.08
N MET C 70 14.02 -26.66 -25.38
CA MET C 70 13.09 -25.59 -25.72
C MET C 70 13.06 -25.40 -27.24
N THR C 71 11.85 -25.32 -27.79
CA THR C 71 11.63 -25.05 -29.20
C THR C 71 10.68 -23.89 -29.34
N ARG C 72 10.46 -23.47 -30.60
CA ARG C 72 9.52 -22.41 -30.88
C ARG C 72 8.89 -22.66 -32.24
N ASP C 73 7.70 -22.08 -32.43
CA ASP C 73 6.96 -22.14 -33.68
C ASP C 73 6.55 -20.70 -34.00
N THR C 74 7.41 -20.00 -34.73
CA THR C 74 7.18 -18.57 -34.97
C THR C 74 5.82 -18.31 -35.60
N SER C 75 5.35 -19.22 -36.46
CA SER C 75 4.11 -18.96 -37.18
C SER C 75 2.91 -18.82 -36.26
N ILE C 76 2.98 -19.36 -35.04
CA ILE C 76 1.89 -19.25 -34.08
C ILE C 76 2.33 -18.58 -32.79
N SER C 77 3.51 -17.94 -32.79
CA SER C 77 3.99 -17.17 -31.64
C SER C 77 4.00 -18.00 -30.35
N THR C 78 4.40 -19.26 -30.46
CA THR C 78 4.35 -20.20 -29.35
C THR C 78 5.74 -20.77 -29.07
N ALA C 79 6.16 -20.69 -27.81
CA ALA C 79 7.38 -21.33 -27.34
C ALA C 79 7.03 -22.55 -26.51
N TYR C 80 7.91 -23.54 -26.54
CA TYR C 80 7.67 -24.82 -25.88
C TYR C 80 8.85 -25.18 -25.01
N MET C 81 8.56 -25.88 -23.92
CA MET C 81 9.59 -26.37 -23.01
C MET C 81 9.28 -27.83 -22.72
N GLU C 82 10.16 -28.71 -23.20
CA GLU C 82 9.99 -30.14 -23.00
C GLU C 82 11.00 -30.61 -21.97
N LEU C 83 10.49 -31.19 -20.88
CA LEU C 83 11.30 -31.76 -19.82
C LEU C 83 11.08 -33.25 -19.81
N SER C 84 12.16 -34.02 -19.84
CA SER C 84 12.13 -35.47 -19.97
C SER C 84 12.75 -36.09 -18.73
N ARG C 85 12.76 -37.43 -18.70
CA ARG C 85 13.14 -38.23 -17.53
C ARG C 85 12.61 -37.56 -16.24
N LEU C 86 11.29 -37.34 -16.21
CA LEU C 86 10.70 -36.60 -15.09
C LEU C 86 10.87 -37.38 -13.79
N ARG C 87 11.10 -36.65 -12.71
CA ARG C 87 11.26 -37.22 -11.38
C ARG C 87 10.39 -36.44 -10.39
N SER C 88 10.33 -36.95 -9.15
CA SER C 88 9.41 -36.38 -8.16
C SER C 88 9.67 -34.89 -7.95
N ASP C 89 10.93 -34.52 -7.80
CA ASP C 89 11.20 -33.11 -7.51
C ASP C 89 11.11 -32.22 -8.75
N ASP C 90 10.57 -32.74 -9.86
CA ASP C 90 10.21 -31.91 -11.00
C ASP C 90 8.78 -31.40 -10.89
N THR C 91 8.03 -31.89 -9.91
CA THR C 91 6.71 -31.35 -9.63
C THR C 91 6.83 -29.90 -9.23
N ALA C 92 6.06 -29.04 -9.90
CA ALA C 92 6.17 -27.60 -9.65
C ALA C 92 5.26 -26.85 -10.62
N VAL C 93 5.19 -25.54 -10.42
CA VAL C 93 4.52 -24.64 -11.35
C VAL C 93 5.60 -24.05 -12.26
N TYR C 94 5.38 -24.14 -13.56
CA TYR C 94 6.32 -23.67 -14.58
C TYR C 94 5.79 -22.38 -15.22
N TYR C 95 6.63 -21.35 -15.26
CA TYR C 95 6.28 -20.04 -15.83
C TYR C 95 7.18 -19.73 -17.02
N CYS C 96 6.61 -19.13 -18.06
CA CYS C 96 7.37 -18.42 -19.08
C CYS C 96 7.29 -16.94 -18.80
N ALA C 97 8.28 -16.21 -19.28
CA ALA C 97 8.40 -14.79 -19.04
C ALA C 97 9.28 -14.15 -20.10
N THR C 98 9.02 -12.87 -20.35
CA THR C 98 9.78 -12.11 -21.31
C THR C 98 9.94 -10.70 -20.75
N GLU C 99 10.79 -9.92 -21.40
CA GLU C 99 11.20 -8.61 -20.92
C GLU C 99 11.33 -7.67 -22.11
N LEU C 100 10.51 -6.62 -22.14
CA LEU C 100 10.56 -5.57 -23.15
C LEU C 100 11.08 -4.30 -22.48
N VAL C 101 12.28 -3.88 -22.88
CA VAL C 101 12.96 -2.72 -22.33
C VAL C 101 13.22 -1.76 -23.48
N LYS C 102 12.51 -0.63 -23.48
CA LYS C 102 12.64 0.37 -24.52
C LYS C 102 13.06 1.69 -23.88
N ASP C 103 12.95 2.77 -24.65
CA ASP C 103 13.51 4.04 -24.19
C ASP C 103 12.69 4.65 -23.06
N TYR C 104 11.37 4.45 -23.07
CA TYR C 104 10.50 5.07 -22.08
C TYR C 104 9.72 4.06 -21.25
N TYR C 105 10.04 2.76 -21.34
CA TYR C 105 9.45 1.83 -20.37
C TYR C 105 10.29 0.56 -20.31
N ALA C 106 10.19 -0.10 -19.17
CA ALA C 106 10.93 -1.34 -18.92
C ALA C 106 10.02 -2.22 -18.08
N MET C 107 9.57 -3.31 -18.68
CA MET C 107 8.56 -4.15 -18.09
C MET C 107 8.85 -5.62 -18.36
N ASP C 108 8.52 -6.44 -17.36
CA ASP C 108 8.47 -7.88 -17.46
CA ASP C 108 8.48 -7.89 -17.43
C ASP C 108 7.03 -8.37 -17.61
N TYR C 109 6.89 -9.48 -18.34
CA TYR C 109 5.60 -10.11 -18.59
C TYR C 109 5.73 -11.60 -18.34
N TRP C 110 4.66 -12.19 -17.78
CA TRP C 110 4.68 -13.55 -17.25
C TRP C 110 3.44 -14.29 -17.71
N GLY C 111 3.59 -15.62 -17.89
CA GLY C 111 2.45 -16.48 -18.09
C GLY C 111 1.73 -16.76 -16.79
N GLN C 112 0.54 -17.36 -16.90
CA GLN C 112 -0.22 -17.67 -15.69
C GLN C 112 0.38 -18.83 -14.94
N GLY C 113 1.20 -19.63 -15.59
CA GLY C 113 1.76 -20.74 -14.84
C GLY C 113 1.09 -22.06 -15.21
N THR C 114 1.89 -23.12 -15.19
CA THR C 114 1.45 -24.47 -15.54
C THR C 114 1.91 -25.44 -14.46
N LEU C 115 0.97 -26.13 -13.85
CA LEU C 115 1.30 -27.14 -12.85
C LEU C 115 1.63 -28.47 -13.54
N VAL C 116 2.80 -29.00 -13.22
CA VAL C 116 3.21 -30.33 -13.63
C VAL C 116 3.45 -31.14 -12.37
N THR C 117 2.70 -32.23 -12.21
CA THR C 117 2.83 -33.15 -11.09
C THR C 117 3.39 -34.47 -11.58
N VAL C 118 4.50 -34.89 -11.00
CA VAL C 118 5.22 -36.09 -11.37
C VAL C 118 5.01 -37.11 -10.26
N SER C 119 4.23 -38.14 -10.54
CA SER C 119 3.85 -39.10 -9.52
C SER C 119 3.43 -40.38 -10.21
N SER C 120 3.56 -41.50 -9.49
CA SER C 120 3.07 -42.78 -9.96
C SER C 120 1.62 -43.03 -9.57
N ALA C 121 1.04 -42.17 -8.74
CA ALA C 121 -0.36 -42.33 -8.36
C ALA C 121 -1.27 -42.19 -9.58
N SER C 122 -2.49 -42.68 -9.43
CA SER C 122 -3.53 -42.59 -10.45
C SER C 122 -4.66 -41.72 -9.95
N THR C 123 -5.43 -41.17 -10.88
CA THR C 123 -6.55 -40.31 -10.51
C THR C 123 -7.47 -41.02 -9.53
N LYS C 124 -7.75 -40.35 -8.42
CA LYS C 124 -8.65 -40.88 -7.40
C LYS C 124 -9.43 -39.74 -6.77
N GLY C 125 -10.75 -39.92 -6.66
CA GLY C 125 -11.60 -38.94 -6.02
C GLY C 125 -11.38 -38.93 -4.53
N PRO C 126 -11.72 -37.82 -3.88
CA PRO C 126 -11.53 -37.71 -2.43
C PRO C 126 -12.61 -38.42 -1.66
N SER C 127 -12.22 -38.94 -0.50
CA SER C 127 -13.15 -39.40 0.51
C SER C 127 -13.32 -38.26 1.52
N VAL C 128 -14.58 -37.85 1.73
CA VAL C 128 -14.90 -36.70 2.57
C VAL C 128 -15.55 -37.20 3.85
N PHE C 129 -14.88 -36.97 5.00
CA PHE C 129 -15.36 -37.40 6.29
C PHE C 129 -15.69 -36.21 7.18
N PRO C 130 -16.74 -36.30 7.99
CA PRO C 130 -17.14 -35.16 8.82
C PRO C 130 -16.25 -35.00 10.05
N LEU C 131 -15.91 -33.76 10.34
CA LEU C 131 -15.26 -33.38 11.59
C LEU C 131 -16.35 -32.80 12.49
N ALA C 132 -16.91 -33.65 13.35
CA ALA C 132 -18.13 -33.33 14.09
C ALA C 132 -17.83 -32.35 15.23
N PRO C 133 -18.74 -31.39 15.46
CA PRO C 133 -18.57 -30.49 16.60
C PRO C 133 -18.63 -31.25 17.92
N SER C 134 -17.97 -30.69 18.93
CA SER C 134 -17.88 -31.32 20.24
C SER C 134 -19.26 -31.49 20.89
N GLY C 141 -19.40 -21.16 23.90
CA GLY C 141 -19.19 -20.00 23.05
C GLY C 141 -19.15 -20.34 21.57
N THR C 142 -17.96 -20.51 21.02
CA THR C 142 -17.76 -20.82 19.62
C THR C 142 -17.60 -22.33 19.43
N ALA C 143 -18.25 -22.86 18.41
CA ALA C 143 -18.12 -24.26 18.04
C ALA C 143 -17.39 -24.39 16.71
N ALA C 144 -16.54 -25.41 16.60
CA ALA C 144 -15.81 -25.69 15.38
C ALA C 144 -16.29 -27.01 14.78
N LEU C 145 -16.40 -27.03 13.46
CA LEU C 145 -16.77 -28.23 12.70
C LEU C 145 -16.13 -28.13 11.33
N GLY C 146 -16.03 -29.26 10.64
CA GLY C 146 -15.40 -29.24 9.35
C GLY C 146 -15.51 -30.56 8.60
N CYS C 147 -14.65 -30.69 7.60
CA CYS C 147 -14.64 -31.84 6.71
C CYS C 147 -13.20 -32.25 6.41
N LEU C 148 -12.92 -33.54 6.53
CA LEU C 148 -11.63 -34.12 6.16
C LEU C 148 -11.72 -34.65 4.73
N VAL C 149 -10.93 -34.08 3.84
CA VAL C 149 -10.91 -34.48 2.43
C VAL C 149 -9.63 -35.28 2.23
N LYS C 150 -9.76 -36.60 2.15
CA LYS C 150 -8.62 -37.49 2.22
C LYS C 150 -8.49 -38.32 0.95
N ASP C 151 -7.23 -38.66 0.64
CA ASP C 151 -6.86 -39.65 -0.35
C ASP C 151 -7.45 -39.31 -1.73
N TYR C 152 -6.95 -38.20 -2.29
CA TYR C 152 -7.31 -37.79 -3.64
C TYR C 152 -6.04 -37.49 -4.41
N PHE C 153 -6.14 -37.58 -5.74
CA PHE C 153 -5.01 -37.28 -6.61
C PHE C 153 -5.53 -37.04 -8.02
N PRO C 154 -5.00 -36.04 -8.74
CA PRO C 154 -4.00 -35.07 -8.30
C PRO C 154 -4.68 -33.88 -7.64
N GLU C 155 -3.96 -32.79 -7.38
CA GLU C 155 -4.61 -31.56 -6.97
C GLU C 155 -5.37 -30.99 -8.16
N PRO C 156 -6.30 -30.06 -7.92
CA PRO C 156 -6.73 -29.51 -6.63
C PRO C 156 -8.15 -29.93 -6.23
N VAL C 157 -8.50 -29.77 -4.96
CA VAL C 157 -9.90 -29.82 -4.55
C VAL C 157 -10.35 -28.40 -4.25
N THR C 158 -11.65 -28.19 -4.35
CA THR C 158 -12.25 -26.91 -4.00
C THR C 158 -13.34 -27.18 -2.98
N VAL C 159 -13.31 -26.46 -1.86
CA VAL C 159 -14.24 -26.68 -0.76
C VAL C 159 -15.01 -25.40 -0.48
N SER C 160 -16.32 -25.55 -0.28
CA SER C 160 -17.18 -24.47 0.12
C SER C 160 -18.23 -25.03 1.07
N TRP C 161 -18.91 -24.14 1.78
CA TRP C 161 -19.86 -24.52 2.83
C TRP C 161 -21.22 -23.94 2.49
N ASN C 162 -22.25 -24.79 2.57
CA ASN C 162 -23.62 -24.42 2.20
C ASN C 162 -23.64 -23.69 0.87
N SER C 163 -22.99 -24.30 -0.13
CA SER C 163 -23.01 -23.84 -1.52
C SER C 163 -22.46 -22.42 -1.68
N GLY C 164 -21.69 -21.94 -0.71
CA GLY C 164 -21.04 -20.64 -0.80
C GLY C 164 -21.64 -19.57 0.09
N ALA C 165 -22.77 -19.84 0.75
CA ALA C 165 -23.37 -18.84 1.61
C ALA C 165 -22.54 -18.60 2.86
N LEU C 166 -22.13 -19.67 3.53
CA LEU C 166 -21.32 -19.57 4.75
C LEU C 166 -19.86 -19.36 4.35
N THR C 167 -19.33 -18.16 4.64
CA THR C 167 -17.94 -17.83 4.33
C THR C 167 -17.20 -17.16 5.48
N SER C 168 -17.90 -16.68 6.51
CA SER C 168 -17.23 -16.08 7.66
C SER C 168 -16.72 -17.18 8.59
N GLY C 169 -15.46 -17.07 8.98
CA GLY C 169 -14.85 -18.07 9.84
C GLY C 169 -14.40 -19.34 9.15
N VAL C 170 -14.41 -19.37 7.83
CA VAL C 170 -14.02 -20.57 7.09
C VAL C 170 -12.50 -20.57 6.91
N HIS C 171 -11.89 -21.72 7.18
CA HIS C 171 -10.47 -21.93 6.93
C HIS C 171 -10.31 -23.24 6.16
N THR C 172 -9.78 -23.15 4.94
CA THR C 172 -9.44 -24.32 4.15
C THR C 172 -7.92 -24.43 4.11
N PHE C 173 -7.39 -25.47 4.73
CA PHE C 173 -5.95 -25.61 4.89
C PHE C 173 -5.29 -26.10 3.59
N PRO C 174 -4.03 -25.76 3.38
CA PRO C 174 -3.33 -26.25 2.18
C PRO C 174 -3.26 -27.76 2.18
N ALA C 175 -3.17 -28.34 0.98
CA ALA C 175 -3.03 -29.78 0.87
C ALA C 175 -1.64 -30.22 1.33
N VAL C 176 -1.57 -31.44 1.86
CA VAL C 176 -0.31 -32.07 2.20
C VAL C 176 -0.25 -33.42 1.50
N LEU C 177 0.91 -33.71 0.90
CA LEU C 177 1.13 -34.98 0.23
C LEU C 177 1.41 -36.06 1.26
N GLN C 178 0.54 -37.07 1.33
CA GLN C 178 0.76 -38.16 2.26
C GLN C 178 1.81 -39.13 1.72
N SER C 179 2.34 -39.94 2.62
CA SER C 179 3.38 -40.89 2.23
C SER C 179 2.91 -41.84 1.13
N SER C 180 1.60 -42.10 1.06
CA SER C 180 1.02 -42.97 0.05
C SER C 180 0.97 -42.34 -1.34
N GLY C 181 1.35 -41.07 -1.49
CA GLY C 181 1.29 -40.40 -2.76
C GLY C 181 -0.01 -39.65 -3.02
N LEU C 182 -1.02 -39.83 -2.18
CA LEU C 182 -2.29 -39.14 -2.31
C LEU C 182 -2.30 -37.92 -1.38
N TYR C 183 -3.07 -36.91 -1.79
CA TYR C 183 -3.18 -35.67 -1.03
C TYR C 183 -4.32 -35.75 -0.01
N SER C 184 -4.32 -34.80 0.92
CA SER C 184 -5.41 -34.69 1.88
C SER C 184 -5.37 -33.30 2.51
N LEU C 185 -6.56 -32.80 2.83
CA LEU C 185 -6.67 -31.50 3.49
C LEU C 185 -7.93 -31.52 4.34
N SER C 186 -8.04 -30.52 5.22
CA SER C 186 -9.23 -30.31 6.01
C SER C 186 -9.73 -28.88 5.79
N SER C 187 -11.04 -28.70 5.99
CA SER C 187 -11.66 -27.39 5.92
C SER C 187 -12.56 -27.22 7.14
N VAL C 188 -12.37 -26.13 7.88
CA VAL C 188 -13.09 -25.90 9.11
C VAL C 188 -13.80 -24.55 9.06
N VAL C 189 -14.80 -24.40 9.93
CA VAL C 189 -15.53 -23.16 10.11
C VAL C 189 -15.98 -23.09 11.57
N THR C 190 -15.87 -21.91 12.17
CA THR C 190 -16.32 -21.68 13.54
C THR C 190 -17.72 -21.08 13.50
N VAL C 191 -18.62 -21.68 14.26
CA VAL C 191 -20.04 -21.28 14.22
C VAL C 191 -20.54 -21.06 15.65
N PRO C 192 -21.57 -20.23 15.82
CA PRO C 192 -22.15 -20.06 17.16
C PRO C 192 -22.74 -21.37 17.65
N SER C 193 -22.28 -21.80 18.84
CA SER C 193 -22.72 -23.08 19.38
C SER C 193 -24.23 -23.19 19.47
N SER C 194 -24.95 -22.06 19.48
CA SER C 194 -26.41 -22.11 19.51
C SER C 194 -26.96 -22.61 18.19
N SER C 195 -26.23 -22.41 17.09
CA SER C 195 -26.71 -22.85 15.79
C SER C 195 -26.74 -24.37 15.67
N LEU C 196 -25.86 -25.07 16.38
CA LEU C 196 -25.80 -26.52 16.31
C LEU C 196 -27.13 -27.11 16.73
N GLY C 197 -27.73 -27.91 15.85
CA GLY C 197 -29.03 -28.49 16.12
C GLY C 197 -30.15 -27.86 15.32
N THR C 198 -30.09 -26.53 15.16
CA THR C 198 -31.11 -25.82 14.40
C THR C 198 -30.67 -25.46 12.99
N GLN C 199 -29.37 -25.25 12.75
CA GLN C 199 -28.86 -24.94 11.43
C GLN C 199 -28.11 -26.13 10.87
N THR C 200 -28.17 -26.29 9.54
CA THR C 200 -27.54 -27.40 8.85
C THR C 200 -26.30 -26.92 8.11
N TYR C 201 -25.18 -27.59 8.34
CA TYR C 201 -23.90 -27.24 7.72
C TYR C 201 -23.47 -28.37 6.79
N ILE C 202 -23.22 -28.02 5.53
CA ILE C 202 -22.83 -28.98 4.50
C ILE C 202 -21.61 -28.45 3.77
N CYS C 203 -20.57 -29.28 3.68
CA CYS C 203 -19.35 -28.92 2.96
C CYS C 203 -19.39 -29.50 1.55
N ASN C 204 -19.14 -28.66 0.56
CA ASN C 204 -19.18 -29.05 -0.84
C ASN C 204 -17.74 -29.20 -1.33
N VAL C 205 -17.36 -30.42 -1.69
CA VAL C 205 -16.01 -30.75 -2.15
C VAL C 205 -16.08 -31.02 -3.65
N ASN C 206 -15.23 -30.34 -4.41
CA ASN C 206 -15.12 -30.52 -5.85
C ASN C 206 -13.75 -31.09 -6.19
N HIS C 207 -13.73 -32.08 -7.09
CA HIS C 207 -12.48 -32.65 -7.60
C HIS C 207 -12.67 -32.92 -9.10
N LYS C 208 -12.28 -31.94 -9.91
CA LYS C 208 -12.44 -32.04 -11.36
C LYS C 208 -11.75 -33.26 -11.96
N PRO C 209 -10.48 -33.56 -11.63
CA PRO C 209 -9.80 -34.67 -12.30
C PRO C 209 -10.53 -36.00 -12.20
N SER C 210 -11.45 -36.15 -11.25
CA SER C 210 -12.22 -37.37 -11.12
C SER C 210 -13.72 -37.15 -11.34
N ASN C 211 -14.13 -35.93 -11.70
CA ASN C 211 -15.54 -35.60 -11.87
C ASN C 211 -16.35 -35.94 -10.62
N THR C 212 -15.73 -35.79 -9.45
CA THR C 212 -16.38 -36.06 -8.18
C THR C 212 -16.92 -34.77 -7.57
N LYS C 213 -18.12 -34.85 -7.00
CA LYS C 213 -18.73 -33.70 -6.35
C LYS C 213 -19.54 -34.23 -5.18
N VAL C 214 -19.08 -33.97 -3.96
CA VAL C 214 -19.64 -34.56 -2.75
C VAL C 214 -20.17 -33.46 -1.85
N ASP C 215 -21.43 -33.58 -1.44
CA ASP C 215 -22.06 -32.67 -0.50
C ASP C 215 -22.32 -33.46 0.78
N LYS C 216 -21.49 -33.22 1.80
CA LYS C 216 -21.53 -33.97 3.04
C LYS C 216 -22.06 -33.10 4.18
N ARG C 217 -22.96 -33.67 4.97
CA ARG C 217 -23.58 -32.95 6.09
C ARG C 217 -22.80 -33.23 7.37
N VAL C 218 -22.28 -32.18 7.98
CA VAL C 218 -21.54 -32.27 9.23
C VAL C 218 -22.49 -31.88 10.34
N GLU C 219 -22.98 -32.86 11.09
CA GLU C 219 -23.93 -32.64 12.16
C GLU C 219 -23.41 -33.24 13.46
N PRO C 220 -23.81 -32.69 14.60
CA PRO C 220 -23.30 -33.19 15.88
C PRO C 220 -23.60 -34.66 16.07
N LYS C 221 -22.58 -35.41 16.49
CA LYS C 221 -22.74 -36.83 16.77
C LYS C 221 -23.33 -37.08 18.14
N VAL D 2 -8.56 31.40 -76.20
CA VAL D 2 -8.09 30.11 -76.69
C VAL D 2 -8.44 28.99 -75.71
N GLN D 3 -8.61 27.79 -76.25
CA GLN D 3 -9.03 26.64 -75.47
C GLN D 3 -8.35 25.39 -76.00
N LEU D 4 -8.04 24.47 -75.09
CA LEU D 4 -7.47 23.16 -75.42
C LEU D 4 -8.35 22.09 -74.79
N VAL D 5 -9.02 21.31 -75.63
CA VAL D 5 -9.96 20.28 -75.20
C VAL D 5 -9.34 18.92 -75.46
N GLN D 6 -9.24 18.10 -74.41
CA GLN D 6 -8.57 16.81 -74.49
C GLN D 6 -9.58 15.68 -74.55
N SER D 7 -9.17 14.57 -75.16
CA SER D 7 -9.98 13.36 -75.20
C SER D 7 -10.23 12.85 -73.79
N GLY D 8 -11.27 12.03 -73.64
CA GLY D 8 -11.70 11.58 -72.33
C GLY D 8 -10.72 10.61 -71.69
N ALA D 9 -11.16 10.03 -70.57
CA ALA D 9 -10.32 9.13 -69.80
C ALA D 9 -10.11 7.81 -70.54
N GLU D 10 -9.04 7.12 -70.18
CA GLU D 10 -8.63 5.90 -70.85
C GLU D 10 -8.22 4.86 -69.82
N VAL D 11 -8.70 3.63 -70.01
CA VAL D 11 -8.30 2.49 -69.20
C VAL D 11 -7.63 1.48 -70.12
N LYS D 12 -6.44 1.04 -69.75
CA LYS D 12 -5.63 0.18 -70.61
C LYS D 12 -5.00 -0.95 -69.80
N LYS D 13 -4.72 -2.06 -70.49
CA LYS D 13 -3.97 -3.19 -69.98
C LYS D 13 -2.47 -2.97 -70.16
N PRO D 14 -1.64 -3.55 -69.29
CA PRO D 14 -0.20 -3.38 -69.46
C PRO D 14 0.27 -3.95 -70.79
N GLY D 15 1.21 -3.23 -71.41
CA GLY D 15 1.72 -3.61 -72.72
C GLY D 15 0.95 -3.03 -73.89
N ALA D 16 -0.16 -2.34 -73.64
CA ALA D 16 -0.94 -1.75 -74.71
C ALA D 16 -0.45 -0.33 -74.97
N SER D 17 -1.20 0.43 -75.78
CA SER D 17 -0.88 1.81 -76.06
C SER D 17 -2.14 2.65 -75.92
N VAL D 18 -1.94 3.97 -75.81
CA VAL D 18 -3.03 4.93 -75.62
C VAL D 18 -2.73 6.17 -76.45
N LYS D 19 -3.77 6.73 -77.06
CA LYS D 19 -3.65 7.91 -77.91
C LYS D 19 -4.55 9.00 -77.32
N VAL D 20 -3.93 10.04 -76.76
CA VAL D 20 -4.64 11.18 -76.19
C VAL D 20 -4.58 12.33 -77.19
N SER D 21 -5.72 12.97 -77.41
CA SER D 21 -5.81 14.07 -78.36
C SER D 21 -6.02 15.39 -77.62
N CYS D 22 -5.67 16.48 -78.30
CA CYS D 22 -5.70 17.83 -77.74
C CYS D 22 -6.24 18.75 -78.83
N LYS D 23 -7.51 19.15 -78.72
CA LYS D 23 -8.16 19.97 -79.72
C LYS D 23 -7.96 21.44 -79.38
N ALA D 24 -7.33 22.18 -80.28
CA ALA D 24 -7.00 23.57 -80.04
C ALA D 24 -7.96 24.48 -80.79
N SER D 25 -8.23 25.65 -80.20
CA SER D 25 -9.04 26.67 -80.84
C SER D 25 -8.60 28.04 -80.35
N GLY D 26 -8.90 29.06 -81.14
CA GLY D 26 -8.64 30.43 -80.77
C GLY D 26 -7.34 31.03 -81.27
N TYR D 27 -6.50 30.25 -81.94
CA TYR D 27 -5.24 30.79 -82.43
C TYR D 27 -4.79 29.99 -83.66
N THR D 28 -3.74 30.48 -84.30
CA THR D 28 -3.17 29.82 -85.48
C THR D 28 -2.46 28.54 -85.03
N PHE D 29 -3.16 27.42 -85.16
CA PHE D 29 -2.69 26.16 -84.58
C PHE D 29 -1.28 25.80 -85.04
N THR D 30 -0.92 26.16 -86.27
CA THR D 30 0.35 25.75 -86.84
C THR D 30 1.52 26.62 -86.42
N ASN D 31 1.32 27.62 -85.56
CA ASN D 31 2.38 28.56 -85.20
C ASN D 31 2.97 28.35 -83.82
N TYR D 32 2.41 27.47 -83.00
CA TYR D 32 2.88 27.33 -81.62
C TYR D 32 2.97 25.87 -81.23
N ASP D 33 3.88 25.58 -80.31
CA ASP D 33 4.07 24.24 -79.79
C ASP D 33 2.84 23.77 -79.01
N ILE D 34 2.74 22.45 -78.88
CA ILE D 34 1.82 21.81 -77.95
C ILE D 34 2.67 20.94 -77.04
N ASN D 35 2.87 21.40 -75.80
CA ASN D 35 3.65 20.67 -74.82
C ASN D 35 2.77 19.67 -74.07
N TRP D 36 3.39 18.56 -73.65
CA TRP D 36 2.69 17.51 -72.94
C TRP D 36 3.43 17.23 -71.63
N VAL D 37 2.69 17.26 -70.52
CA VAL D 37 3.21 16.88 -69.22
C VAL D 37 2.19 15.94 -68.57
N ARG D 38 2.68 15.15 -67.61
CA ARG D 38 1.83 14.20 -66.93
C ARG D 38 2.11 14.26 -65.42
N GLN D 39 1.18 13.72 -64.65
CA GLN D 39 1.26 13.77 -63.19
C GLN D 39 0.67 12.49 -62.64
N ALA D 40 1.52 11.62 -62.11
CA ALA D 40 1.04 10.40 -61.48
C ALA D 40 0.30 10.74 -60.19
N PRO D 41 -0.66 9.90 -59.78
CA PRO D 41 -1.49 10.23 -58.61
C PRO D 41 -0.66 10.62 -57.40
N GLY D 42 -0.88 11.84 -56.90
CA GLY D 42 -0.18 12.29 -55.72
C GLY D 42 1.30 12.57 -55.91
N GLN D 43 1.74 12.77 -57.15
CA GLN D 43 3.14 12.97 -57.50
C GLN D 43 3.32 14.34 -58.16
N GLY D 44 4.57 14.61 -58.57
CA GLY D 44 4.91 15.86 -59.22
C GLY D 44 4.66 15.81 -60.71
N LEU D 45 5.23 16.80 -61.41
CA LEU D 45 5.05 16.95 -62.84
C LEU D 45 6.25 16.35 -63.57
N GLU D 46 5.97 15.66 -64.69
CA GLU D 46 7.01 15.14 -65.56
C GLU D 46 6.72 15.55 -66.99
N TRP D 47 7.74 16.06 -67.67
CA TRP D 47 7.59 16.51 -69.05
C TRP D 47 7.76 15.34 -70.01
N ILE D 48 6.87 15.28 -71.01
CA ILE D 48 6.86 14.21 -72.00
C ILE D 48 7.53 14.64 -73.30
N GLY D 49 7.21 15.83 -73.77
CA GLY D 49 7.73 16.33 -75.02
C GLY D 49 6.74 17.30 -75.63
N TRP D 50 7.05 17.74 -76.85
CA TRP D 50 6.14 18.62 -77.57
C TRP D 50 6.24 18.34 -79.05
N ILE D 51 5.23 18.85 -79.79
CA ILE D 51 5.19 18.77 -81.24
C ILE D 51 4.85 20.16 -81.76
N PHE D 52 5.58 20.61 -82.77
CA PHE D 52 5.25 21.87 -83.44
C PHE D 52 4.30 21.56 -84.58
N PRO D 53 3.00 21.88 -84.47
CA PRO D 53 2.05 21.44 -85.49
C PRO D 53 2.31 22.01 -86.88
N GLY D 54 3.17 23.02 -87.01
CA GLY D 54 3.40 23.59 -88.32
C GLY D 54 4.14 22.65 -89.25
N GLU D 55 5.26 22.08 -88.77
CA GLU D 55 6.12 21.26 -89.59
C GLU D 55 6.20 19.82 -89.13
N GLY D 56 5.51 19.47 -88.04
CA GLY D 56 5.54 18.12 -87.51
C GLY D 56 6.78 17.78 -86.70
N SER D 57 7.64 18.75 -86.42
CA SER D 57 8.83 18.49 -85.63
C SER D 57 8.46 18.11 -84.20
N THR D 58 9.20 17.14 -83.66
CA THR D 58 8.95 16.65 -82.31
C THR D 58 10.22 16.71 -81.48
N LYS D 59 10.04 16.60 -80.18
CA LYS D 59 11.15 16.52 -79.22
C LYS D 59 10.63 15.81 -77.99
N TYR D 60 11.21 14.67 -77.64
CA TYR D 60 10.72 13.82 -76.56
C TYR D 60 11.73 13.78 -75.42
N ASN D 61 11.21 13.59 -74.21
CA ASN D 61 12.06 13.32 -73.05
C ASN D 61 12.69 11.93 -73.20
N GLU D 62 14.02 11.87 -73.04
CA GLU D 62 14.73 10.60 -73.22
C GLU D 62 14.17 9.49 -72.35
N LYS D 63 13.62 9.83 -71.18
CA LYS D 63 13.21 8.80 -70.23
C LYS D 63 12.13 7.90 -70.78
N PHE D 64 11.47 8.31 -71.87
CA PHE D 64 10.40 7.50 -72.46
C PHE D 64 10.89 6.54 -73.54
N LYS D 65 12.22 6.40 -73.69
CA LYS D 65 12.85 5.36 -74.51
C LYS D 65 12.08 5.08 -75.81
N GLY D 66 11.68 6.16 -76.49
CA GLY D 66 10.98 6.03 -77.75
C GLY D 66 9.57 5.48 -77.66
N ARG D 67 9.00 5.37 -76.46
CA ARG D 67 7.66 4.83 -76.30
C ARG D 67 6.57 5.81 -76.69
N VAL D 68 6.91 7.08 -76.96
CA VAL D 68 5.93 8.13 -77.19
C VAL D 68 6.07 8.65 -78.62
N THR D 69 4.95 8.67 -79.35
CA THR D 69 4.90 9.26 -80.68
C THR D 69 3.85 10.36 -80.67
N MET D 70 4.25 11.56 -81.05
CA MET D 70 3.35 12.70 -81.14
C MET D 70 3.07 13.01 -82.61
N THR D 71 1.83 13.37 -82.91
CA THR D 71 1.40 13.69 -84.26
C THR D 71 0.36 14.80 -84.19
N ARG D 72 0.01 15.35 -85.35
CA ARG D 72 -1.00 16.40 -85.39
C ARG D 72 -1.74 16.34 -86.71
N ASP D 73 -3.03 16.66 -86.66
CA ASP D 73 -3.90 16.69 -87.84
C ASP D 73 -4.37 18.13 -87.99
N THR D 74 -3.65 18.90 -88.81
CA THR D 74 -3.86 20.34 -88.85
C THR D 74 -5.27 20.72 -89.30
N SER D 75 -5.93 19.86 -90.09
CA SER D 75 -7.25 20.19 -90.60
C SER D 75 -8.31 20.28 -89.49
N ILE D 76 -8.02 19.77 -88.29
CA ILE D 76 -8.98 19.87 -87.19
C ILE D 76 -8.29 20.44 -85.96
N SER D 77 -7.12 21.05 -86.15
CA SER D 77 -6.39 21.74 -85.09
C SER D 77 -6.23 20.87 -83.85
N THR D 78 -5.78 19.62 -84.07
CA THR D 78 -5.70 18.65 -82.98
C THR D 78 -4.32 18.02 -82.96
N ALA D 79 -3.74 17.93 -81.76
CA ALA D 79 -2.48 17.25 -81.53
C ALA D 79 -2.74 15.92 -80.83
N TYR D 80 -1.85 14.96 -81.07
CA TYR D 80 -2.01 13.61 -80.54
C TYR D 80 -0.75 13.18 -79.82
N MET D 81 -0.94 12.49 -78.70
CA MET D 81 0.17 11.91 -77.95
C MET D 81 -0.14 10.43 -77.74
N GLU D 82 0.71 9.58 -78.30
CA GLU D 82 0.50 8.14 -78.22
C GLU D 82 1.66 7.53 -77.44
N LEU D 83 1.36 6.95 -76.29
CA LEU D 83 2.32 6.23 -75.47
C LEU D 83 2.06 4.75 -75.65
N SER D 84 3.12 4.00 -75.93
CA SER D 84 3.03 2.55 -76.18
C SER D 84 3.75 1.81 -75.06
N ARG D 85 3.59 0.48 -75.07
CA ARG D 85 4.13 -0.41 -74.05
C ARG D 85 3.82 0.13 -72.64
N LEU D 86 2.53 0.26 -72.35
CA LEU D 86 2.09 0.87 -71.11
C LEU D 86 2.45 0.02 -69.90
N ARG D 87 2.78 0.69 -68.79
CA ARG D 87 3.11 0.04 -67.53
C ARG D 87 2.31 0.70 -66.43
N SER D 88 2.32 0.08 -65.26
CA SER D 88 1.59 0.60 -64.10
C SER D 88 1.98 2.05 -63.82
N ASP D 89 3.27 2.35 -63.84
CA ASP D 89 3.72 3.70 -63.51
C ASP D 89 3.34 4.73 -64.56
N ASP D 90 2.81 4.30 -65.71
CA ASP D 90 2.26 5.23 -66.69
C ASP D 90 0.89 5.76 -66.28
N THR D 91 0.33 5.25 -65.19
CA THR D 91 -0.92 5.79 -64.66
C THR D 91 -0.71 7.23 -64.23
N ALA D 92 -1.47 8.15 -64.82
CA ALA D 92 -1.31 9.56 -64.49
C ALA D 92 -2.39 10.36 -65.20
N VAL D 93 -2.44 11.64 -64.87
CA VAL D 93 -3.23 12.61 -65.63
C VAL D 93 -2.29 13.27 -66.64
N TYR D 94 -2.69 13.26 -67.91
CA TYR D 94 -1.90 13.82 -68.98
C TYR D 94 -2.48 15.17 -69.43
N TYR D 95 -1.58 16.14 -69.61
CA TYR D 95 -1.97 17.50 -69.94
C TYR D 95 -1.25 17.95 -71.20
N CYS D 96 -1.96 18.67 -72.07
CA CYS D 96 -1.33 19.46 -73.12
C CYS D 96 -1.36 20.93 -72.73
N ALA D 97 -0.47 21.70 -73.33
CA ALA D 97 -0.37 23.11 -73.00
C ALA D 97 0.32 23.85 -74.13
N THR D 98 -0.03 25.13 -74.28
CA THR D 98 0.60 26.00 -75.26
C THR D 98 0.78 27.38 -74.63
N GLU D 99 1.40 28.28 -75.38
CA GLU D 99 1.78 29.58 -74.82
C GLU D 99 1.96 30.59 -75.95
N LEU D 100 1.41 31.78 -75.76
CA LEU D 100 1.51 32.87 -76.71
C LEU D 100 2.03 34.12 -76.01
N VAL D 101 2.94 34.83 -76.67
CA VAL D 101 3.45 36.11 -76.18
C VAL D 101 3.01 37.19 -77.16
N LYS D 102 2.35 38.22 -76.65
CA LYS D 102 1.85 39.33 -77.46
C LYS D 102 2.20 40.63 -76.76
N ASP D 103 3.13 41.39 -77.33
CA ASP D 103 3.61 42.61 -76.69
C ASP D 103 4.14 42.31 -75.30
N TYR D 104 3.45 42.81 -74.27
CA TYR D 104 3.84 42.59 -72.88
C TYR D 104 3.22 41.33 -72.27
N TYR D 105 2.23 40.73 -72.92
CA TYR D 105 1.42 39.68 -72.32
C TYR D 105 1.92 38.31 -72.74
N ALA D 106 2.57 37.61 -71.81
CA ALA D 106 2.87 36.20 -71.97
C ALA D 106 1.77 35.38 -71.30
N MET D 107 1.17 34.47 -72.05
CA MET D 107 -0.04 33.80 -71.58
C MET D 107 0.01 32.32 -71.90
N ASP D 108 -0.18 31.48 -70.88
CA ASP D 108 -0.19 30.03 -71.04
C ASP D 108 -1.62 29.52 -71.05
N TYR D 109 -1.83 28.41 -71.76
CA TYR D 109 -3.14 27.79 -71.87
C TYR D 109 -2.98 26.29 -71.70
N TRP D 110 -3.95 25.66 -71.04
CA TRP D 110 -3.86 24.26 -70.65
C TRP D 110 -5.15 23.52 -70.94
N GLY D 111 -5.01 22.23 -71.24
CA GLY D 111 -6.16 21.36 -71.33
C GLY D 111 -6.62 20.92 -69.97
N GLN D 112 -7.82 20.33 -69.93
CA GLN D 112 -8.41 19.92 -68.67
C GLN D 112 -7.81 18.63 -68.12
N GLY D 113 -6.83 18.05 -68.79
CA GLY D 113 -6.25 16.81 -68.29
C GLY D 113 -7.02 15.58 -68.73
N THR D 114 -6.28 14.49 -68.92
CA THR D 114 -6.84 13.20 -69.30
C THR D 114 -6.26 12.12 -68.41
N LEU D 115 -7.12 11.41 -67.70
CA LEU D 115 -6.67 10.31 -66.85
C LEU D 115 -6.43 9.06 -67.68
N VAL D 116 -5.22 8.51 -67.57
CA VAL D 116 -4.89 7.20 -68.12
C VAL D 116 -4.54 6.29 -66.94
N THR D 117 -5.26 5.19 -66.81
CA THR D 117 -4.95 4.17 -65.80
C THR D 117 -4.50 2.91 -66.50
N VAL D 118 -3.32 2.41 -66.12
CA VAL D 118 -2.74 1.20 -66.69
C VAL D 118 -2.77 0.13 -65.60
N SER D 119 -3.55 -0.92 -65.81
CA SER D 119 -3.74 -1.93 -64.77
C SER D 119 -4.18 -3.23 -65.42
N SER D 120 -3.73 -4.35 -64.84
CA SER D 120 -4.19 -5.64 -65.30
C SER D 120 -5.60 -5.96 -64.82
N ALA D 121 -6.07 -5.25 -63.81
CA ALA D 121 -7.39 -5.49 -63.24
C ALA D 121 -8.48 -5.28 -64.29
N SER D 122 -9.68 -5.74 -63.96
CA SER D 122 -10.84 -5.67 -64.86
C SER D 122 -11.95 -4.84 -64.22
N THR D 123 -12.75 -4.20 -65.08
CA THR D 123 -13.86 -3.38 -64.63
C THR D 123 -14.74 -4.14 -63.63
N LYS D 124 -15.03 -3.50 -62.50
CA LYS D 124 -15.88 -4.07 -61.46
C LYS D 124 -16.59 -2.95 -60.71
N GLY D 125 -17.85 -3.18 -60.39
CA GLY D 125 -18.62 -2.23 -59.63
C GLY D 125 -18.32 -2.31 -58.14
N PRO D 126 -18.58 -1.22 -57.42
CA PRO D 126 -18.27 -1.21 -55.98
C PRO D 126 -19.34 -1.90 -55.16
N SER D 127 -18.88 -2.55 -54.09
CA SER D 127 -19.77 -2.97 -53.02
C SER D 127 -19.84 -1.85 -52.00
N VAL D 128 -21.06 -1.49 -51.60
CA VAL D 128 -21.29 -0.36 -50.70
C VAL D 128 -21.81 -0.91 -49.38
N PHE D 129 -21.04 -0.72 -48.30
CA PHE D 129 -21.42 -1.19 -46.99
C PHE D 129 -21.65 -0.03 -46.04
N PRO D 130 -22.65 -0.10 -45.17
CA PRO D 130 -22.94 1.01 -44.28
C PRO D 130 -21.89 1.15 -43.19
N LEU D 131 -21.60 2.40 -42.84
CA LEU D 131 -20.86 2.75 -41.63
C LEU D 131 -21.88 3.38 -40.69
N ALA D 132 -22.63 2.52 -40.00
CA ALA D 132 -23.80 2.95 -39.24
C ALA D 132 -23.39 3.62 -37.94
N PRO D 133 -24.22 4.54 -37.44
CA PRO D 133 -23.91 5.21 -36.18
C PRO D 133 -24.22 4.30 -34.99
N SER D 134 -23.43 4.48 -33.93
CA SER D 134 -23.58 3.67 -32.73
C SER D 134 -24.38 4.38 -31.65
N GLY D 141 -24.82 14.83 -28.46
CA GLY D 141 -23.75 15.41 -29.25
C GLY D 141 -23.96 15.29 -30.75
N THR D 142 -22.86 15.17 -31.50
CA THR D 142 -22.92 14.98 -32.94
C THR D 142 -22.68 13.52 -33.29
N ALA D 143 -23.47 13.00 -34.22
CA ALA D 143 -23.32 11.64 -34.70
C ALA D 143 -22.61 11.62 -36.04
N ALA D 144 -21.87 10.54 -36.28
CA ALA D 144 -21.15 10.33 -37.54
C ALA D 144 -21.63 9.04 -38.17
N LEU D 145 -21.92 9.08 -39.46
CA LEU D 145 -22.29 7.89 -40.21
C LEU D 145 -21.75 8.02 -41.64
N GLY D 146 -21.91 6.96 -42.40
CA GLY D 146 -21.41 6.97 -43.77
C GLY D 146 -21.60 5.63 -44.43
N CYS D 147 -20.83 5.41 -45.49
CA CYS D 147 -20.88 4.12 -46.16
C CYS D 147 -19.55 3.87 -46.88
N LEU D 148 -19.12 2.62 -46.84
CA LEU D 148 -17.82 2.20 -47.34
C LEU D 148 -17.97 1.68 -48.77
N VAL D 149 -17.24 2.28 -49.70
CA VAL D 149 -17.30 1.92 -51.12
C VAL D 149 -16.03 1.11 -51.43
N LYS D 150 -16.18 -0.19 -51.58
CA LYS D 150 -15.05 -1.11 -51.63
C LYS D 150 -15.00 -1.89 -52.94
N ASP D 151 -13.79 -2.15 -53.42
CA ASP D 151 -13.52 -3.11 -54.49
C ASP D 151 -14.19 -2.69 -55.81
N TYR D 152 -13.74 -1.56 -56.34
CA TYR D 152 -14.21 -1.10 -57.64
C TYR D 152 -13.01 -0.75 -58.53
N PHE D 153 -13.23 -0.81 -59.84
CA PHE D 153 -12.21 -0.45 -60.81
C PHE D 153 -12.87 -0.15 -62.14
N PRO D 154 -12.44 0.89 -62.85
CA PRO D 154 -11.41 1.86 -62.46
C PRO D 154 -11.99 2.99 -61.64
N GLU D 155 -11.24 4.06 -61.43
CA GLU D 155 -11.82 5.27 -60.91
C GLU D 155 -12.63 5.97 -62.01
N PRO D 156 -13.51 6.89 -61.63
CA PRO D 156 -13.82 7.33 -60.27
C PRO D 156 -15.18 6.83 -59.79
N VAL D 157 -15.49 7.08 -58.53
CA VAL D 157 -16.85 6.98 -58.02
C VAL D 157 -17.28 8.36 -57.56
N THR D 158 -18.58 8.61 -57.57
CA THR D 158 -19.16 9.84 -57.09
C THR D 158 -20.20 9.51 -56.03
N VAL D 159 -20.02 10.06 -54.84
CA VAL D 159 -20.86 9.75 -53.70
C VAL D 159 -21.69 10.98 -53.37
N SER D 160 -22.98 10.77 -53.14
CA SER D 160 -23.89 11.83 -52.71
C SER D 160 -24.74 11.30 -51.56
N TRP D 161 -25.33 12.22 -50.81
CA TRP D 161 -26.15 11.88 -49.67
C TRP D 161 -27.53 12.50 -49.85
N ASN D 162 -28.57 11.69 -49.67
CA ASN D 162 -29.95 12.11 -49.91
C ASN D 162 -30.09 12.83 -51.25
N SER D 163 -29.46 12.26 -52.27
CA SER D 163 -29.59 12.72 -53.65
C SER D 163 -29.17 14.18 -53.79
N GLY D 164 -28.12 14.58 -53.06
CA GLY D 164 -27.62 15.93 -53.10
C GLY D 164 -28.24 16.87 -52.10
N ALA D 165 -29.33 16.46 -51.42
CA ALA D 165 -29.95 17.32 -50.42
C ALA D 165 -28.98 17.65 -49.29
N LEU D 166 -28.44 16.61 -48.65
CA LEU D 166 -27.53 16.76 -47.52
C LEU D 166 -26.10 16.88 -48.05
N THR D 167 -25.48 18.05 -47.86
CA THR D 167 -24.11 18.28 -48.31
C THR D 167 -23.24 18.83 -47.19
N SER D 168 -23.85 19.49 -46.21
CA SER D 168 -23.12 20.04 -45.09
C SER D 168 -22.50 18.94 -44.25
N GLY D 169 -21.23 19.13 -43.88
CA GLY D 169 -20.53 18.16 -43.07
C GLY D 169 -20.15 16.87 -43.76
N VAL D 170 -20.27 16.81 -45.08
CA VAL D 170 -19.93 15.60 -45.81
C VAL D 170 -18.43 15.56 -46.05
N HIS D 171 -17.85 14.37 -45.96
CA HIS D 171 -16.42 14.19 -46.25
C HIS D 171 -16.26 12.90 -47.03
N THR D 172 -15.88 13.02 -48.30
CA THR D 172 -15.57 11.88 -49.16
C THR D 172 -14.06 11.81 -49.31
N PHE D 173 -13.48 10.71 -48.83
CA PHE D 173 -12.02 10.61 -48.78
C PHE D 173 -11.45 10.20 -50.13
N PRO D 174 -10.20 10.55 -50.40
CA PRO D 174 -9.58 10.14 -51.66
C PRO D 174 -9.54 8.61 -51.78
N ALA D 175 -9.73 8.13 -53.01
CA ALA D 175 -9.61 6.71 -53.26
C ALA D 175 -8.20 6.23 -52.92
N VAL D 176 -8.11 4.97 -52.53
CA VAL D 176 -6.84 4.31 -52.24
C VAL D 176 -6.78 3.02 -53.05
N LEU D 177 -5.66 2.80 -53.74
CA LEU D 177 -5.47 1.56 -54.47
C LEU D 177 -5.02 0.47 -53.50
N GLN D 178 -5.77 -0.62 -53.45
CA GLN D 178 -5.45 -1.73 -52.57
C GLN D 178 -4.51 -2.71 -53.26
N SER D 179 -3.92 -3.60 -52.45
CA SER D 179 -3.01 -4.60 -52.99
C SER D 179 -3.66 -5.43 -54.09
N SER D 180 -4.97 -5.66 -53.99
CA SER D 180 -5.69 -6.48 -54.96
C SER D 180 -5.82 -5.81 -56.32
N GLY D 181 -5.39 -4.56 -56.46
CA GLY D 181 -5.59 -3.82 -57.70
C GLY D 181 -6.93 -3.13 -57.81
N LEU D 182 -7.76 -3.20 -56.79
CA LEU D 182 -9.05 -2.52 -56.76
C LEU D 182 -8.99 -1.33 -55.82
N TYR D 183 -9.84 -0.34 -56.08
CA TYR D 183 -9.87 0.88 -55.29
C TYR D 183 -10.92 0.79 -54.17
N SER D 184 -10.72 1.61 -53.14
CA SER D 184 -11.62 1.65 -52.01
C SER D 184 -11.60 3.04 -51.39
N LEU D 185 -12.76 3.47 -50.91
CA LEU D 185 -12.86 4.76 -50.23
C LEU D 185 -14.11 4.74 -49.35
N SER D 186 -14.16 5.71 -48.43
CA SER D 186 -15.29 5.90 -47.54
C SER D 186 -15.82 7.31 -47.68
N SER D 187 -17.11 7.48 -47.43
CA SER D 187 -17.75 8.79 -47.38
C SER D 187 -18.53 8.89 -46.09
N VAL D 188 -18.28 9.96 -45.34
CA VAL D 188 -18.87 10.14 -44.01
C VAL D 188 -19.53 11.50 -43.92
N VAL D 189 -20.55 11.58 -43.06
CA VAL D 189 -21.23 12.85 -42.76
C VAL D 189 -21.53 12.89 -41.27
N THR D 190 -21.55 14.10 -40.71
CA THR D 190 -21.86 14.30 -39.31
C THR D 190 -23.18 15.03 -39.18
N VAL D 191 -24.07 14.51 -38.34
CA VAL D 191 -25.39 15.09 -38.14
C VAL D 191 -25.67 15.16 -36.65
N PRO D 192 -26.60 16.01 -36.23
CA PRO D 192 -27.04 16.00 -34.83
C PRO D 192 -27.66 14.66 -34.49
N SER D 193 -27.26 14.12 -33.34
CA SER D 193 -27.70 12.79 -32.94
C SER D 193 -29.20 12.73 -32.63
N SER D 194 -29.89 13.86 -32.59
CA SER D 194 -31.34 13.84 -32.38
C SER D 194 -32.08 13.39 -33.62
N SER D 195 -31.49 13.58 -34.80
CA SER D 195 -32.10 13.21 -36.06
C SER D 195 -31.76 11.79 -36.51
N LEU D 196 -31.05 11.03 -35.67
CA LEU D 196 -30.66 9.68 -36.03
C LEU D 196 -31.84 8.71 -36.08
N GLY D 197 -33.01 9.09 -35.56
CA GLY D 197 -34.17 8.23 -35.60
C GLY D 197 -35.30 8.79 -36.42
N THR D 198 -35.26 10.10 -36.68
CA THR D 198 -36.33 10.76 -37.41
C THR D 198 -36.03 10.89 -38.90
N GLN D 199 -34.84 11.36 -39.24
CA GLN D 199 -34.44 11.54 -40.64
C GLN D 199 -33.76 10.28 -41.16
N THR D 200 -34.01 9.98 -42.43
CA THR D 200 -33.37 8.86 -43.10
C THR D 200 -32.13 9.33 -43.83
N TYR D 201 -31.12 8.46 -43.88
CA TYR D 201 -29.84 8.79 -44.51
C TYR D 201 -29.49 7.70 -45.52
N ILE D 202 -29.37 8.08 -46.78
CA ILE D 202 -29.08 7.17 -47.87
C ILE D 202 -27.93 7.77 -48.70
N CYS D 203 -26.89 6.97 -48.92
CA CYS D 203 -25.74 7.40 -49.73
C CYS D 203 -25.87 6.84 -51.13
N ASN D 204 -25.65 7.69 -52.13
CA ASN D 204 -25.86 7.36 -53.55
C ASN D 204 -24.49 7.28 -54.23
N VAL D 205 -24.10 6.09 -54.65
CA VAL D 205 -22.78 5.83 -55.21
C VAL D 205 -22.94 5.56 -56.70
N ASN D 206 -22.26 6.36 -57.52
CA ASN D 206 -22.26 6.19 -58.97
C ASN D 206 -20.90 5.70 -59.43
N HIS D 207 -20.90 4.65 -60.26
CA HIS D 207 -19.68 4.13 -60.88
C HIS D 207 -20.00 3.95 -62.37
N LYS D 208 -19.80 5.01 -63.15
CA LYS D 208 -20.11 4.95 -64.57
C LYS D 208 -19.37 3.84 -65.30
N PRO D 209 -18.07 3.60 -65.06
CA PRO D 209 -17.36 2.58 -65.86
C PRO D 209 -18.02 1.22 -65.85
N SER D 210 -18.87 0.93 -64.86
CA SER D 210 -19.64 -0.31 -64.83
C SER D 210 -21.13 -0.06 -64.94
N ASN D 211 -21.54 1.18 -65.19
CA ASN D 211 -22.95 1.57 -65.21
C ASN D 211 -23.65 1.08 -63.95
N THR D 212 -23.03 1.35 -62.81
CA THR D 212 -23.54 0.94 -61.51
C THR D 212 -24.01 2.17 -60.74
N LYS D 213 -25.20 2.08 -60.16
CA LYS D 213 -25.77 3.13 -59.33
C LYS D 213 -26.42 2.44 -58.15
N VAL D 214 -25.95 2.74 -56.94
CA VAL D 214 -26.38 2.04 -55.73
C VAL D 214 -26.87 3.06 -54.72
N ASP D 215 -28.02 2.78 -54.12
CA ASP D 215 -28.59 3.59 -53.03
C ASP D 215 -28.65 2.71 -51.79
N LYS D 216 -27.88 3.08 -50.77
CA LYS D 216 -27.75 2.28 -49.56
C LYS D 216 -28.25 3.09 -48.37
N ARG D 217 -29.27 2.57 -47.69
CA ARG D 217 -29.75 3.21 -46.47
C ARG D 217 -28.81 2.90 -45.32
N VAL D 218 -28.37 3.94 -44.62
CA VAL D 218 -27.48 3.79 -43.47
C VAL D 218 -28.32 4.10 -42.23
N GLU D 219 -28.75 3.04 -41.55
CA GLU D 219 -29.47 3.14 -40.29
C GLU D 219 -28.72 2.34 -39.23
N PRO D 220 -28.92 2.67 -37.95
CA PRO D 220 -28.24 1.96 -36.85
C PRO D 220 -28.93 0.65 -36.48
N VAL E 2 12.05 11.16 -18.37
CA VAL E 2 11.67 12.53 -18.73
C VAL E 2 11.58 13.40 -17.47
N GLN E 3 11.94 14.67 -17.60
CA GLN E 3 11.95 15.58 -16.47
C GLN E 3 11.64 16.99 -16.93
N LEU E 4 10.76 17.66 -16.18
CA LEU E 4 10.43 19.06 -16.38
C LEU E 4 10.82 19.82 -15.12
N VAL E 5 11.68 20.83 -15.27
CA VAL E 5 12.18 21.60 -14.14
C VAL E 5 11.76 23.05 -14.32
N GLN E 6 11.01 23.52 -13.36
CA GLN E 6 10.43 24.86 -13.46
C GLN E 6 11.28 25.87 -12.71
N SER E 7 11.07 27.14 -13.03
CA SER E 7 11.79 28.24 -12.37
C SER E 7 11.37 28.35 -10.92
N GLY E 8 12.06 29.20 -10.17
CA GLY E 8 11.81 29.32 -8.74
C GLY E 8 10.63 30.19 -8.39
N ALA E 9 10.31 30.23 -7.10
CA ALA E 9 9.15 30.99 -6.64
C ALA E 9 9.30 32.46 -6.99
N GLU E 10 8.16 33.14 -7.06
CA GLU E 10 8.11 34.54 -7.47
C GLU E 10 7.16 35.30 -6.57
N VAL E 11 7.52 36.54 -6.24
CA VAL E 11 6.66 37.46 -5.50
C VAL E 11 6.45 38.69 -6.36
N LYS E 12 5.19 39.07 -6.56
CA LYS E 12 4.85 40.15 -7.47
C LYS E 12 3.80 41.06 -6.83
N LYS E 13 3.84 42.36 -7.22
CA LYS E 13 2.85 43.36 -6.86
C LYS E 13 1.72 43.37 -7.88
N PRO E 14 0.51 43.75 -7.47
CA PRO E 14 -0.61 43.81 -8.42
C PRO E 14 -0.26 44.67 -9.63
N GLY E 15 -0.73 44.23 -10.80
CA GLY E 15 -0.45 44.94 -12.03
C GLY E 15 0.88 44.62 -12.68
N ALA E 16 1.72 43.81 -12.04
CA ALA E 16 2.99 43.38 -12.61
C ALA E 16 2.80 42.14 -13.46
N SER E 17 3.89 41.62 -14.03
CA SER E 17 3.86 40.38 -14.79
C SER E 17 4.88 39.40 -14.23
N VAL E 18 4.70 38.13 -14.58
CA VAL E 18 5.57 37.06 -14.12
C VAL E 18 5.84 36.12 -15.29
N LYS E 19 7.07 35.60 -15.35
CA LYS E 19 7.47 34.67 -16.40
C LYS E 19 8.04 33.42 -15.76
N VAL E 20 7.32 32.32 -15.88
CA VAL E 20 7.73 31.02 -15.32
C VAL E 20 8.29 30.17 -16.45
N SER E 21 9.42 29.52 -16.20
CA SER E 21 10.11 28.72 -17.20
C SER E 21 9.96 27.23 -16.89
N CYS E 22 10.03 26.42 -17.94
CA CYS E 22 9.86 24.98 -17.83
C CYS E 22 10.87 24.34 -18.79
N LYS E 23 11.95 23.80 -18.24
CA LYS E 23 13.00 23.16 -19.02
C LYS E 23 12.74 21.66 -19.05
N ALA E 24 12.60 21.11 -20.26
CA ALA E 24 12.32 19.70 -20.46
C ALA E 24 13.58 18.96 -20.90
N SER E 25 13.58 17.66 -20.63
CA SER E 25 14.70 16.80 -20.98
C SER E 25 14.21 15.36 -20.98
N GLY E 26 14.78 14.56 -21.88
CA GLY E 26 14.41 13.16 -22.02
C GLY E 26 13.61 12.82 -23.25
N TYR E 27 13.29 13.79 -24.10
CA TYR E 27 12.51 13.52 -25.30
C TYR E 27 12.77 14.63 -26.31
N THR E 28 12.20 14.48 -27.49
CA THR E 28 12.32 15.47 -28.56
C THR E 28 11.40 16.64 -28.21
N PHE E 29 11.99 17.69 -27.62
CA PHE E 29 11.19 18.77 -27.03
C PHE E 29 10.22 19.38 -28.01
N THR E 30 10.49 19.30 -29.32
CA THR E 30 9.67 19.97 -30.30
C THR E 30 8.49 19.14 -30.78
N ASN E 31 8.38 17.88 -30.35
CA ASN E 31 7.33 16.98 -30.82
C ASN E 31 6.14 16.88 -29.88
N TYR E 32 6.17 17.52 -28.72
CA TYR E 32 5.08 17.40 -27.76
C TYR E 32 4.78 18.75 -27.13
N ASP E 33 3.51 19.00 -26.86
CA ASP E 33 3.12 20.27 -26.29
C ASP E 33 3.37 20.31 -24.80
N ILE E 34 3.57 21.53 -24.30
CA ILE E 34 3.66 21.81 -22.87
C ILE E 34 2.35 22.46 -22.43
N ASN E 35 1.58 21.74 -21.61
CA ASN E 35 0.41 22.28 -20.93
C ASN E 35 0.79 22.90 -19.60
N TRP E 36 0.12 24.01 -19.28
CA TRP E 36 0.28 24.75 -18.02
C TRP E 36 -1.05 24.78 -17.28
N VAL E 37 -1.03 24.37 -16.01
CA VAL E 37 -2.17 24.48 -15.12
C VAL E 37 -1.70 25.17 -13.86
N ARG E 38 -2.67 25.60 -13.06
CA ARG E 38 -2.39 26.30 -11.81
C ARG E 38 -3.42 25.88 -10.78
N GLN E 39 -3.10 26.17 -9.53
CA GLN E 39 -3.94 25.75 -8.41
C GLN E 39 -3.76 26.78 -7.29
N ALA E 40 -4.77 27.61 -7.09
CA ALA E 40 -4.78 28.52 -5.95
C ALA E 40 -4.75 27.74 -4.64
N PRO E 41 -4.26 28.36 -3.57
CA PRO E 41 -4.15 27.65 -2.28
C PRO E 41 -5.49 27.09 -1.84
N GLY E 42 -5.53 25.79 -1.60
CA GLY E 42 -6.74 25.13 -1.14
C GLY E 42 -7.83 24.97 -2.17
N GLN E 43 -7.57 25.32 -3.44
CA GLN E 43 -8.57 25.31 -4.49
C GLN E 43 -8.32 24.13 -5.44
N GLY E 44 -9.11 24.07 -6.51
CA GLY E 44 -8.96 23.06 -7.53
C GLY E 44 -7.94 23.46 -8.58
N LEU E 45 -8.03 22.79 -9.73
CA LEU E 45 -7.11 22.99 -10.83
C LEU E 45 -7.78 23.83 -11.91
N GLU E 46 -6.98 24.70 -12.55
CA GLU E 46 -7.48 25.53 -13.63
C GLU E 46 -6.52 25.42 -14.81
N TRP E 47 -7.06 25.13 -15.98
CA TRP E 47 -6.24 25.02 -17.18
C TRP E 47 -5.92 26.41 -17.71
N ILE E 48 -4.65 26.65 -18.01
CA ILE E 48 -4.19 27.95 -18.50
C ILE E 48 -4.09 27.98 -20.02
N GLY E 49 -3.49 26.96 -20.61
CA GLY E 49 -3.27 26.87 -22.04
C GLY E 49 -1.98 26.14 -22.34
N TRP E 50 -1.72 25.77 -23.59
CA TRP E 50 -0.51 25.04 -23.93
C TRP E 50 0.20 25.69 -25.11
N ILE E 51 1.47 25.34 -25.25
CA ILE E 51 2.29 25.74 -26.38
C ILE E 51 2.87 24.48 -27.02
N PHE E 52 2.89 24.45 -28.36
CA PHE E 52 3.55 23.39 -29.07
C PHE E 52 4.90 23.90 -29.56
N PRO E 53 6.03 23.40 -29.04
CA PRO E 53 7.33 24.04 -29.32
C PRO E 53 7.85 23.82 -30.73
N GLY E 54 7.16 23.03 -31.56
CA GLY E 54 7.63 22.76 -32.91
C GLY E 54 7.39 23.91 -33.86
N GLU E 55 6.22 24.55 -33.75
CA GLU E 55 5.89 25.72 -34.54
C GLU E 55 5.58 26.95 -33.71
N GLY E 56 5.51 26.81 -32.38
CA GLY E 56 5.17 27.92 -31.51
C GLY E 56 3.69 28.23 -31.42
N SER E 57 2.83 27.39 -31.99
CA SER E 57 1.39 27.64 -31.91
C SER E 57 0.91 27.47 -30.48
N THR E 58 -0.07 28.29 -30.11
CA THR E 58 -0.54 28.34 -28.73
C THR E 58 -2.06 28.24 -28.69
N LYS E 59 -2.55 27.82 -27.52
CA LYS E 59 -3.97 27.78 -27.22
C LYS E 59 -4.13 28.19 -25.76
N TYR E 60 -4.94 29.22 -25.49
CA TYR E 60 -5.12 29.75 -24.15
C TYR E 60 -6.56 29.61 -23.69
N ASN E 61 -6.74 29.52 -22.39
CA ASN E 61 -8.08 29.57 -21.79
C ASN E 61 -8.60 31.00 -21.87
N GLU E 62 -9.76 31.19 -22.49
CA GLU E 62 -10.27 32.54 -22.73
C GLU E 62 -10.53 33.30 -21.44
N LYS E 63 -10.71 32.59 -20.31
CA LYS E 63 -10.89 33.26 -19.03
C LYS E 63 -9.75 34.20 -18.68
N PHE E 64 -8.58 34.00 -19.29
CA PHE E 64 -7.45 34.87 -19.01
C PHE E 64 -7.42 36.13 -19.86
N LYS E 65 -8.32 36.24 -20.84
CA LYS E 65 -8.56 37.50 -21.55
C LYS E 65 -7.27 38.05 -22.16
N GLY E 66 -6.44 37.15 -22.68
CA GLY E 66 -5.19 37.57 -23.28
C GLY E 66 -4.19 38.19 -22.32
N ARG E 67 -4.20 37.76 -21.06
CA ARG E 67 -3.18 38.18 -20.11
C ARG E 67 -1.97 37.26 -20.08
N VAL E 68 -2.02 36.14 -20.79
CA VAL E 68 -0.98 35.12 -20.76
C VAL E 68 -0.44 34.95 -22.17
N THR E 69 0.88 34.92 -22.30
CA THR E 69 1.56 34.62 -23.56
C THR E 69 2.56 33.51 -23.30
N MET E 70 2.54 32.48 -24.15
CA MET E 70 3.44 31.35 -24.02
C MET E 70 4.44 31.35 -25.17
N THR E 71 5.69 31.06 -24.84
CA THR E 71 6.79 31.03 -25.80
C THR E 71 7.71 29.86 -25.46
N ARG E 72 8.59 29.54 -26.39
CA ARG E 72 9.54 28.45 -26.19
C ARG E 72 10.89 28.83 -26.77
N ASP E 73 11.93 28.18 -26.27
CA ASP E 73 13.31 28.38 -26.73
C ASP E 73 13.88 27.00 -27.01
N THR E 74 13.81 26.57 -28.28
CA THR E 74 14.17 25.20 -28.63
C THR E 74 15.62 24.88 -28.26
N SER E 75 16.50 25.88 -28.26
CA SER E 75 17.92 25.61 -28.02
C SER E 75 18.21 25.23 -26.58
N ILE E 76 17.26 25.43 -25.66
CA ILE E 76 17.45 25.01 -24.27
C ILE E 76 16.24 24.18 -23.83
N SER E 77 15.36 23.87 -24.77
CA SER E 77 14.19 23.02 -24.50
C SER E 77 13.37 23.59 -23.35
N THR E 78 13.20 24.92 -23.33
CA THR E 78 12.51 25.61 -22.27
C THR E 78 11.25 26.28 -22.82
N ALA E 79 10.13 26.08 -22.13
CA ALA E 79 8.89 26.78 -22.41
C ALA E 79 8.63 27.81 -21.32
N TYR E 80 7.99 28.92 -21.72
CA TYR E 80 7.78 30.06 -20.84
C TYR E 80 6.30 30.39 -20.75
N MET E 81 5.84 30.64 -19.53
CA MET E 81 4.48 31.10 -19.27
C MET E 81 4.60 32.48 -18.65
N GLU E 82 4.09 33.50 -19.36
CA GLU E 82 4.15 34.88 -18.88
C GLU E 82 2.73 35.37 -18.67
N LEU E 83 2.38 35.60 -17.40
CA LEU E 83 1.09 36.15 -17.02
C LEU E 83 1.31 37.60 -16.58
N SER E 84 0.64 38.53 -17.25
CA SER E 84 0.78 39.95 -16.96
C SER E 84 -0.48 40.49 -16.29
N ARG E 85 -0.40 41.77 -15.89
CA ARG E 85 -1.47 42.44 -15.17
C ARG E 85 -1.99 41.55 -14.04
N LEU E 86 -1.06 41.14 -13.17
CA LEU E 86 -1.37 40.22 -12.09
C LEU E 86 -2.31 40.86 -11.07
N ARG E 87 -3.17 40.02 -10.48
CA ARG E 87 -4.06 40.40 -9.40
C ARG E 87 -3.89 39.40 -8.25
N SER E 88 -4.57 39.67 -7.14
CA SER E 88 -4.46 38.82 -5.96
C SER E 88 -4.87 37.38 -6.27
N ASP E 89 -5.98 37.20 -6.97
CA ASP E 89 -6.48 35.86 -7.25
C ASP E 89 -5.61 35.10 -8.26
N ASP E 90 -4.51 35.67 -8.72
CA ASP E 90 -3.51 34.92 -9.48
C ASP E 90 -2.51 34.21 -8.58
N THR E 91 -2.64 34.36 -7.26
CA THR E 91 -1.76 33.63 -6.34
C THR E 91 -2.03 32.14 -6.46
N ALA E 92 -1.01 31.37 -6.83
CA ALA E 92 -1.21 29.96 -7.08
C ALA E 92 0.13 29.29 -7.31
N VAL E 93 0.11 27.97 -7.30
CA VAL E 93 1.22 27.16 -7.80
C VAL E 93 0.93 26.84 -9.26
N TYR E 94 1.93 27.06 -10.12
CA TYR E 94 1.81 26.83 -11.56
C TYR E 94 2.62 25.61 -11.94
N TYR E 95 2.02 24.72 -12.72
CA TYR E 95 2.66 23.49 -13.16
C TYR E 95 2.72 23.45 -14.68
N CYS E 96 3.81 22.93 -15.21
CA CYS E 96 3.88 22.54 -16.62
C CYS E 96 3.82 21.01 -16.71
N ALA E 97 3.22 20.53 -17.79
CA ALA E 97 3.07 19.09 -17.97
C ALA E 97 3.12 18.74 -19.45
N THR E 98 3.48 17.48 -19.72
CA THR E 98 3.48 16.96 -21.08
C THR E 98 3.11 15.48 -20.99
N GLU E 99 3.01 14.83 -22.14
CA GLU E 99 2.72 13.41 -22.15
C GLU E 99 3.07 12.82 -23.51
N LEU E 100 3.63 11.61 -23.47
CA LEU E 100 3.92 10.87 -24.68
C LEU E 100 3.39 9.46 -24.52
N VAL E 101 2.95 8.88 -25.64
CA VAL E 101 2.40 7.53 -25.68
C VAL E 101 3.36 6.67 -26.48
N LYS E 102 3.85 5.60 -25.86
CA LYS E 102 4.74 4.64 -26.50
C LYS E 102 4.11 3.27 -26.41
N ASP E 103 3.76 2.68 -27.56
CA ASP E 103 3.15 1.36 -27.62
C ASP E 103 1.82 1.44 -26.86
N TYR E 104 1.59 0.64 -25.82
CA TYR E 104 0.32 0.58 -25.10
C TYR E 104 0.27 1.55 -23.94
N TYR E 105 1.36 2.30 -23.72
CA TYR E 105 1.59 2.99 -22.45
C TYR E 105 1.63 4.51 -22.63
N ALA E 106 0.55 5.16 -22.20
CA ALA E 106 0.48 6.60 -22.08
C ALA E 106 1.13 7.00 -20.76
N MET E 107 1.99 8.01 -20.82
CA MET E 107 2.79 8.42 -19.66
C MET E 107 2.85 9.94 -19.60
N ASP E 108 2.40 10.50 -18.48
CA ASP E 108 2.42 11.93 -18.23
C ASP E 108 3.62 12.28 -17.38
N TYR E 109 4.16 13.48 -17.57
CA TYR E 109 5.29 14.00 -16.82
C TYR E 109 4.98 15.43 -16.42
N TRP E 110 5.42 15.82 -15.23
CA TRP E 110 5.02 17.09 -14.61
C TRP E 110 6.23 17.79 -14.02
N GLY E 111 6.23 19.12 -14.12
CA GLY E 111 7.18 19.92 -13.38
C GLY E 111 6.87 19.87 -11.89
N GLN E 112 7.79 20.43 -11.10
CA GLN E 112 7.64 20.40 -9.64
C GLN E 112 6.72 21.48 -9.11
N GLY E 113 6.36 22.46 -9.91
CA GLY E 113 5.50 23.54 -9.46
C GLY E 113 6.29 24.80 -9.14
N THR E 114 5.67 25.95 -9.40
CA THR E 114 6.26 27.26 -9.12
C THR E 114 5.21 28.11 -8.43
N LEU E 115 5.52 28.56 -7.22
CA LEU E 115 4.62 29.44 -6.48
C LEU E 115 4.75 30.87 -6.98
N VAL E 116 3.62 31.48 -7.31
CA VAL E 116 3.55 32.90 -7.64
C VAL E 116 2.63 33.56 -6.62
N THR E 117 3.17 34.45 -5.80
CA THR E 117 2.38 35.21 -4.83
C THR E 117 2.22 36.63 -5.36
N VAL E 118 0.97 37.06 -5.51
CA VAL E 118 0.64 38.41 -5.95
C VAL E 118 0.04 39.15 -4.75
N SER E 119 0.75 40.13 -4.24
CA SER E 119 0.32 40.84 -3.05
C SER E 119 0.94 42.22 -3.04
N SER E 120 0.17 43.19 -2.54
CA SER E 120 0.71 44.54 -2.35
C SER E 120 1.62 44.61 -1.14
N ALA E 121 1.57 43.61 -0.26
CA ALA E 121 2.42 43.59 0.92
C ALA E 121 3.90 43.58 0.52
N SER E 122 4.75 43.74 1.52
CA SER E 122 6.20 43.76 1.34
C SER E 122 6.84 42.71 2.23
N THR E 123 8.06 42.32 1.86
CA THR E 123 8.80 41.32 2.62
C THR E 123 8.92 41.73 4.09
N LYS E 124 8.85 40.74 4.98
CA LYS E 124 9.03 40.97 6.40
C LYS E 124 9.30 39.64 7.09
N GLY E 125 10.28 39.65 8.01
CA GLY E 125 10.62 38.47 8.76
C GLY E 125 9.61 38.17 9.84
N PRO E 126 9.60 36.93 10.32
CA PRO E 126 8.61 36.53 11.32
C PRO E 126 9.06 36.89 12.73
N SER E 127 8.07 37.17 13.58
CA SER E 127 8.28 37.31 15.02
C SER E 127 7.91 35.98 15.69
N VAL E 128 8.88 35.39 16.38
CA VAL E 128 8.70 34.09 17.02
C VAL E 128 8.41 34.33 18.49
N PHE E 129 7.17 34.08 18.90
CA PHE E 129 6.61 34.15 20.24
C PHE E 129 6.50 32.76 20.85
N PRO E 130 6.86 32.59 22.11
CA PRO E 130 6.85 31.25 22.70
C PRO E 130 5.46 30.85 23.19
N LEU E 131 5.12 29.58 22.97
CA LEU E 131 3.96 28.95 23.57
C LEU E 131 4.47 28.07 24.71
N ALA E 132 4.39 28.61 25.93
CA ALA E 132 5.09 27.93 27.02
C ALA E 132 4.19 26.88 27.67
N PRO E 133 4.76 25.73 28.01
CA PRO E 133 3.98 24.70 28.70
C PRO E 133 3.51 25.18 30.07
N SER E 134 2.28 24.81 30.42
CA SER E 134 1.67 25.28 31.65
C SER E 134 2.32 24.67 32.89
N GLY E 141 1.11 14.17 32.64
CA GLY E 141 2.03 13.21 32.05
C GLY E 141 2.75 13.73 30.82
N THR E 142 2.00 14.26 29.86
CA THR E 142 2.56 14.80 28.63
C THR E 142 2.31 16.30 28.58
N ALA E 143 3.37 17.07 28.34
CA ALA E 143 3.28 18.52 28.22
C ALA E 143 3.33 18.94 26.76
N ALA E 144 2.74 20.09 26.46
CA ALA E 144 2.72 20.66 25.12
C ALA E 144 3.37 22.02 25.13
N LEU E 145 4.20 22.28 24.12
CA LEU E 145 4.86 23.57 23.97
C LEU E 145 5.06 23.86 22.49
N GLY E 146 5.43 25.09 22.19
CA GLY E 146 5.67 25.49 20.82
C GLY E 146 5.97 26.96 20.73
N CYS E 147 5.88 27.49 19.52
CA CYS E 147 6.07 28.92 19.28
C CYS E 147 5.13 29.39 18.19
N LEU E 148 4.72 30.63 18.29
CA LEU E 148 3.84 31.28 17.33
C LEU E 148 4.69 32.13 16.38
N VAL E 149 4.70 31.76 15.11
CA VAL E 149 5.43 32.48 14.08
C VAL E 149 4.45 33.44 13.40
N LYS E 150 4.58 34.72 13.68
CA LYS E 150 3.54 35.69 13.32
C LYS E 150 4.06 36.80 12.43
N ASP E 151 3.18 37.30 11.56
CA ASP E 151 3.41 38.52 10.79
C ASP E 151 4.69 38.41 9.94
N TYR E 152 4.59 37.59 8.90
CA TYR E 152 5.70 37.47 7.95
C TYR E 152 5.15 37.46 6.52
N PHE E 153 6.02 37.83 5.57
CA PHE E 153 5.64 37.80 4.17
C PHE E 153 6.89 37.66 3.32
N PRO E 154 6.85 36.87 2.25
CA PRO E 154 5.78 35.95 1.87
C PRO E 154 6.04 34.58 2.47
N GLU E 155 5.33 33.54 2.07
CA GLU E 155 5.73 32.20 2.43
C GLU E 155 6.99 31.84 1.67
N PRO E 156 7.68 30.79 2.07
CA PRO E 156 7.39 29.91 3.21
C PRO E 156 8.22 30.22 4.44
N VAL E 157 7.85 29.61 5.56
CA VAL E 157 8.66 29.57 6.77
C VAL E 157 8.90 28.10 7.11
N THR E 158 10.12 27.78 7.52
CA THR E 158 10.48 26.43 7.92
C THR E 158 10.77 26.41 9.41
N VAL E 159 10.13 25.49 10.13
CA VAL E 159 10.23 25.40 11.58
C VAL E 159 10.76 24.03 11.95
N SER E 160 11.83 24.00 12.73
CA SER E 160 12.38 22.77 13.30
C SER E 160 12.57 22.97 14.79
N TRP E 161 12.88 21.87 15.48
CA TRP E 161 13.03 21.88 16.93
C TRP E 161 14.36 21.22 17.29
N ASN E 162 15.10 21.86 18.18
CA ASN E 162 16.44 21.41 18.58
C ASN E 162 17.27 21.05 17.35
N SER E 163 17.15 21.86 16.30
CA SER E 163 17.98 21.74 15.11
C SER E 163 17.75 20.42 14.39
N GLY E 164 16.53 19.90 14.45
CA GLY E 164 16.21 18.63 13.83
C GLY E 164 16.40 17.41 14.71
N ALA E 165 16.73 17.61 15.98
CA ALA E 165 16.88 16.48 16.90
C ALA E 165 15.54 15.98 17.39
N LEU E 166 14.71 16.88 17.93
CA LEU E 166 13.37 16.55 18.40
C LEU E 166 12.39 16.66 17.25
N THR E 167 11.83 15.53 16.82
CA THR E 167 10.97 15.50 15.64
C THR E 167 9.66 14.76 15.87
N SER E 168 9.68 13.74 16.74
CA SER E 168 8.46 12.98 17.00
C SER E 168 7.45 13.83 17.76
N GLY E 169 6.17 13.70 17.38
CA GLY E 169 5.13 14.50 17.98
C GLY E 169 5.13 15.95 17.59
N VAL E 170 5.92 16.34 16.60
CA VAL E 170 5.97 17.72 16.14
C VAL E 170 4.84 17.95 15.16
N HIS E 171 4.21 19.12 15.24
CA HIS E 171 3.14 19.50 14.32
C HIS E 171 3.30 20.98 13.97
N THR E 172 3.56 21.25 12.70
CA THR E 172 3.61 22.62 12.20
C THR E 172 2.39 22.86 11.33
N PHE E 173 1.57 23.83 11.72
CA PHE E 173 0.31 24.05 11.03
C PHE E 173 0.51 24.87 9.76
N PRO E 174 -0.31 24.61 8.74
CA PRO E 174 -0.26 25.44 7.53
C PRO E 174 -0.47 26.91 7.85
N ALA E 175 0.30 27.76 7.18
CA ALA E 175 0.18 29.19 7.37
C ALA E 175 -1.25 29.66 7.06
N VAL E 176 -1.65 30.75 7.69
CA VAL E 176 -2.94 31.38 7.45
C VAL E 176 -2.70 32.84 7.11
N LEU E 177 -3.26 33.29 5.98
CA LEU E 177 -3.14 34.68 5.58
C LEU E 177 -4.12 35.53 6.37
N GLN E 178 -3.61 36.58 7.01
CA GLN E 178 -4.42 37.44 7.84
C GLN E 178 -4.92 38.65 7.06
N SER E 179 -5.79 39.43 7.71
CA SER E 179 -6.30 40.64 7.08
C SER E 179 -5.18 41.59 6.68
N SER E 180 -4.06 41.55 7.42
CA SER E 180 -2.92 42.43 7.19
C SER E 180 -2.09 42.06 5.97
N GLY E 181 -2.51 41.06 5.19
CA GLY E 181 -1.65 40.58 4.13
C GLY E 181 -0.44 39.84 4.60
N LEU E 182 -0.35 39.53 5.89
CA LEU E 182 0.76 38.78 6.46
C LEU E 182 0.30 37.39 6.87
N TYR E 183 1.26 36.48 6.98
CA TYR E 183 0.98 35.09 7.30
C TYR E 183 1.28 34.81 8.77
N SER E 184 0.58 33.81 9.32
CA SER E 184 0.78 33.34 10.67
C SER E 184 0.70 31.83 10.70
N LEU E 185 1.28 31.24 11.74
CA LEU E 185 1.23 29.80 11.94
C LEU E 185 1.89 29.48 13.27
N SER E 186 1.57 28.30 13.79
CA SER E 186 2.14 27.82 15.03
C SER E 186 2.81 26.47 14.80
N SER E 187 3.84 26.20 15.59
CA SER E 187 4.48 24.88 15.63
C SER E 187 4.44 24.39 17.08
N VAL E 188 3.99 23.16 17.27
CA VAL E 188 3.79 22.60 18.60
C VAL E 188 4.38 21.19 18.64
N VAL E 189 4.85 20.80 19.83
CA VAL E 189 5.37 19.47 20.07
C VAL E 189 4.92 19.02 21.46
N THR E 190 4.71 17.72 21.61
CA THR E 190 4.32 17.12 22.87
C THR E 190 5.51 16.35 23.44
N VAL E 191 5.81 16.59 24.71
CA VAL E 191 6.97 15.99 25.37
C VAL E 191 6.55 15.42 26.70
N PRO E 192 7.39 14.63 27.36
CA PRO E 192 7.05 14.12 28.70
C PRO E 192 7.11 15.25 29.72
N SER E 193 6.05 15.36 30.53
CA SER E 193 5.98 16.45 31.50
C SER E 193 7.13 16.41 32.49
N SER E 194 7.70 15.24 32.75
CA SER E 194 8.80 15.12 33.69
C SER E 194 10.08 15.78 33.18
N SER E 195 10.23 15.92 31.86
CA SER E 195 11.43 16.50 31.27
C SER E 195 11.34 18.00 31.07
N LEU E 196 10.26 18.64 31.53
CA LEU E 196 10.14 20.09 31.40
C LEU E 196 11.21 20.83 32.20
N GLY E 197 11.87 20.16 33.12
CA GLY E 197 12.88 20.80 33.94
C GLY E 197 14.29 20.33 33.64
N THR E 198 14.40 19.19 32.96
CA THR E 198 15.69 18.61 32.64
C THR E 198 16.11 18.82 31.19
N GLN E 199 15.17 19.12 30.29
CA GLN E 199 15.45 19.25 28.87
C GLN E 199 15.13 20.66 28.41
N THR E 200 15.90 21.12 27.41
CA THR E 200 15.77 22.45 26.85
C THR E 200 15.26 22.35 25.41
N TYR E 201 14.29 23.17 25.06
CA TYR E 201 13.67 23.14 23.73
C TYR E 201 13.76 24.52 23.09
N ILE E 202 14.06 24.55 21.79
CA ILE E 202 14.26 25.80 21.07
C ILE E 202 13.62 25.72 19.68
N CYS E 203 13.10 26.86 19.21
CA CYS E 203 12.50 26.99 17.89
C CYS E 203 13.51 27.49 16.88
N ASN E 204 13.54 26.87 15.70
CA ASN E 204 14.42 27.25 14.61
C ASN E 204 13.54 27.64 13.41
N VAL E 205 13.28 28.93 13.26
CA VAL E 205 12.36 29.44 12.25
C VAL E 205 13.17 30.09 11.14
N ASN E 206 13.26 29.42 9.99
CA ASN E 206 13.91 29.99 8.81
C ASN E 206 12.88 30.71 7.96
N HIS E 207 13.26 31.90 7.47
CA HIS E 207 12.45 32.67 6.52
C HIS E 207 13.40 33.24 5.47
N LYS E 208 13.75 32.41 4.50
CA LYS E 208 14.70 32.81 3.46
C LYS E 208 14.32 34.11 2.76
N PRO E 209 13.05 34.35 2.40
CA PRO E 209 12.73 35.61 1.69
C PRO E 209 13.23 36.85 2.40
N SER E 210 13.35 36.82 3.73
CA SER E 210 13.89 37.94 4.48
C SER E 210 15.27 37.65 5.05
N ASN E 211 15.83 36.47 4.76
CA ASN E 211 17.13 36.06 5.30
C ASN E 211 17.13 36.14 6.83
N THR E 212 16.04 35.65 7.43
CA THR E 212 15.87 35.66 8.87
C THR E 212 16.05 34.27 9.44
N LYS E 213 16.73 34.19 10.58
CA LYS E 213 16.95 32.95 11.31
C LYS E 213 16.77 33.26 12.79
N VAL E 214 15.68 32.77 13.38
CA VAL E 214 15.30 33.11 14.75
C VAL E 214 15.28 31.84 15.58
N ASP E 215 16.16 31.77 16.57
CA ASP E 215 16.18 30.68 17.54
C ASP E 215 15.60 31.20 18.85
N LYS E 216 14.45 30.66 19.24
CA LYS E 216 13.73 31.10 20.44
C LYS E 216 13.60 29.93 21.39
N ARG E 217 14.08 30.11 22.62
CA ARG E 217 13.94 29.08 23.63
C ARG E 217 12.55 29.14 24.26
N VAL E 218 12.05 27.96 24.62
CA VAL E 218 10.72 27.81 25.24
C VAL E 218 10.92 27.30 26.65
N GLU E 219 10.70 28.18 27.64
CA GLU E 219 10.82 27.88 29.05
C GLU E 219 9.43 27.83 29.69
N PRO E 220 9.17 26.86 30.58
CA PRO E 220 7.89 26.71 31.27
C PRO E 220 7.51 27.94 32.09
N ASP F 1 27.88 -23.04 -9.02
CA ASP F 1 26.95 -21.96 -9.28
C ASP F 1 27.11 -20.86 -8.25
N ILE F 2 26.57 -19.67 -8.54
CA ILE F 2 26.63 -18.55 -7.62
C ILE F 2 25.41 -18.63 -6.71
N GLN F 3 25.66 -18.82 -5.41
CA GLN F 3 24.60 -18.94 -4.42
C GLN F 3 24.23 -17.56 -3.89
N MET F 4 22.93 -17.29 -3.83
CA MET F 4 22.39 -16.04 -3.32
C MET F 4 21.76 -16.31 -1.97
N THR F 5 22.37 -15.76 -0.91
CA THR F 5 21.91 -15.96 0.46
C THR F 5 21.07 -14.75 0.89
N GLN F 6 19.79 -14.97 1.12
CA GLN F 6 18.87 -13.94 1.56
C GLN F 6 18.64 -14.03 3.07
N SER F 7 18.65 -12.89 3.73
CA SER F 7 18.33 -12.81 5.15
C SER F 7 17.48 -11.57 5.41
N PRO F 8 16.49 -11.67 6.30
CA PRO F 8 16.06 -12.88 7.03
C PRO F 8 15.19 -13.75 6.14
N SER F 9 14.90 -14.98 6.56
CA SER F 9 13.97 -15.81 5.79
C SER F 9 12.55 -15.29 5.92
N SER F 10 12.23 -14.68 7.06
CA SER F 10 10.91 -14.13 7.31
C SER F 10 11.06 -12.87 8.14
N LEU F 11 10.26 -11.86 7.82
CA LEU F 11 10.27 -10.59 8.53
C LEU F 11 8.84 -10.17 8.80
N SER F 12 8.58 -9.70 10.02
CA SER F 12 7.28 -9.21 10.42
C SER F 12 7.34 -7.70 10.63
N ALA F 13 6.34 -7.00 10.13
CA ALA F 13 6.36 -5.55 10.16
C ALA F 13 4.93 -5.05 10.00
N SER F 14 4.75 -3.76 10.26
CA SER F 14 3.45 -3.11 10.27
C SER F 14 3.30 -2.19 9.07
N VAL F 15 2.05 -2.00 8.64
CA VAL F 15 1.74 -1.02 7.61
C VAL F 15 2.38 0.32 7.98
N GLY F 16 3.10 0.91 7.03
CA GLY F 16 3.76 2.17 7.23
C GLY F 16 5.21 2.08 7.64
N ASP F 17 5.69 0.89 8.02
CA ASP F 17 7.05 0.72 8.48
C ASP F 17 8.03 0.69 7.30
N ARG F 18 9.32 0.71 7.64
CA ARG F 18 10.40 0.52 6.67
C ARG F 18 11.11 -0.79 7.00
N VAL F 19 11.30 -1.62 5.97
CA VAL F 19 11.96 -2.92 6.12
C VAL F 19 13.15 -2.97 5.17
N THR F 20 14.14 -3.78 5.55
CA THR F 20 15.33 -3.99 4.73
C THR F 20 15.58 -5.47 4.57
N ILE F 21 15.84 -5.90 3.34
CA ILE F 21 16.16 -7.29 3.01
C ILE F 21 17.54 -7.31 2.36
N THR F 22 18.43 -8.12 2.90
CA THR F 22 19.78 -8.26 2.34
C THR F 22 19.90 -9.53 1.52
N CYS F 23 20.91 -9.56 0.67
CA CYS F 23 21.19 -10.70 -0.19
C CYS F 23 22.69 -10.77 -0.38
N LYS F 24 23.29 -11.91 -0.02
CA LYS F 24 24.74 -12.09 -0.07
C LYS F 24 25.10 -13.03 -1.21
N ALA F 25 25.97 -12.55 -2.10
CA ALA F 25 26.43 -13.36 -3.23
C ALA F 25 27.68 -14.16 -2.85
N SER F 26 27.73 -15.41 -3.28
CA SER F 26 28.91 -16.24 -3.02
C SER F 26 30.13 -15.77 -3.81
N GLN F 27 29.92 -15.08 -4.93
CA GLN F 27 30.99 -14.49 -5.71
C GLN F 27 30.54 -13.12 -6.18
N ASN F 28 31.47 -12.36 -6.74
CA ASN F 28 31.12 -11.01 -7.20
C ASN F 28 30.17 -11.10 -8.39
N VAL F 29 29.20 -10.18 -8.41
CA VAL F 29 28.20 -10.16 -9.48
C VAL F 29 28.04 -8.73 -9.98
N GLY F 30 28.96 -7.86 -9.59
CA GLY F 30 28.86 -6.47 -10.01
C GLY F 30 27.57 -5.85 -9.49
N THR F 31 26.78 -5.28 -10.41
CA THR F 31 25.46 -4.76 -10.10
C THR F 31 24.36 -5.51 -10.85
N ASN F 32 24.68 -6.68 -11.40
CA ASN F 32 23.72 -7.47 -12.17
C ASN F 32 22.88 -8.31 -11.21
N VAL F 33 22.09 -7.61 -10.39
CA VAL F 33 21.18 -8.22 -9.44
C VAL F 33 19.79 -7.66 -9.68
N ALA F 34 18.78 -8.52 -9.60
CA ALA F 34 17.39 -8.15 -9.75
C ALA F 34 16.60 -8.56 -8.51
N TRP F 35 15.44 -7.94 -8.32
CA TRP F 35 14.57 -8.22 -7.19
C TRP F 35 13.16 -8.50 -7.67
N PHE F 36 12.51 -9.50 -7.09
CA PHE F 36 11.19 -9.91 -7.50
C PHE F 36 10.24 -10.01 -6.31
N GLN F 37 9.00 -9.60 -6.53
CA GLN F 37 7.92 -9.76 -5.57
C GLN F 37 7.02 -10.89 -6.06
N GLN F 38 6.47 -11.66 -5.12
CA GLN F 38 5.55 -12.72 -5.47
C GLN F 38 4.52 -12.92 -4.37
N LYS F 39 3.25 -12.76 -4.72
CA LYS F 39 2.17 -13.17 -3.84
C LYS F 39 1.88 -14.66 -4.05
N PRO F 40 1.19 -15.30 -3.11
CA PRO F 40 0.97 -16.75 -3.22
C PRO F 40 0.11 -17.08 -4.42
N GLY F 41 0.52 -18.13 -5.15
CA GLY F 41 -0.23 -18.63 -6.28
C GLY F 41 -0.14 -17.81 -7.55
N LYS F 42 0.56 -16.68 -7.53
CA LYS F 42 0.65 -15.80 -8.68
C LYS F 42 2.07 -15.76 -9.22
N ALA F 43 2.20 -15.20 -10.42
CA ALA F 43 3.50 -15.10 -11.05
C ALA F 43 4.36 -14.05 -10.35
N PRO F 44 5.66 -14.27 -10.28
CA PRO F 44 6.55 -13.23 -9.77
C PRO F 44 6.40 -11.94 -10.58
N LYS F 45 6.88 -10.85 -10.00
CA LYS F 45 6.79 -9.53 -10.62
C LYS F 45 8.10 -8.80 -10.38
N ALA F 46 8.70 -8.30 -11.46
CA ALA F 46 10.01 -7.69 -11.35
C ALA F 46 9.91 -6.31 -10.72
N LEU F 47 10.80 -6.01 -9.78
CA LEU F 47 10.87 -4.71 -9.15
C LEU F 47 12.12 -3.95 -9.54
N ILE F 48 13.28 -4.57 -9.41
CA ILE F 48 14.57 -3.91 -9.55
C ILE F 48 15.39 -4.67 -10.57
N TYR F 49 16.12 -3.92 -11.39
CA TYR F 49 17.20 -4.46 -12.20
C TYR F 49 18.43 -3.60 -11.97
N SER F 50 19.60 -4.13 -12.37
CA SER F 50 20.87 -3.44 -12.20
C SER F 50 21.04 -2.93 -10.76
N ALA F 51 20.46 -3.65 -9.80
CA ALA F 51 20.68 -3.43 -8.38
C ALA F 51 19.94 -2.22 -7.79
N SER F 52 19.76 -1.14 -8.57
CA SER F 52 19.21 0.10 -8.03
C SER F 52 18.15 0.76 -8.89
N TYR F 53 17.82 0.21 -10.04
CA TYR F 53 16.90 0.85 -10.96
C TYR F 53 15.56 0.12 -10.91
N ARG F 54 14.48 0.86 -11.13
CA ARG F 54 13.14 0.34 -10.95
C ARG F 54 12.49 0.05 -12.30
N TYR F 55 11.81 -1.10 -12.37
CA TYR F 55 11.00 -1.39 -13.54
C TYR F 55 9.81 -0.43 -13.58
N SER F 56 9.25 -0.24 -14.77
CA SER F 56 8.15 0.69 -14.93
C SER F 56 6.97 0.25 -14.05
N GLY F 57 6.34 1.24 -13.42
CA GLY F 57 5.21 0.96 -12.55
C GLY F 57 5.57 0.51 -11.15
N VAL F 58 6.84 0.53 -10.78
CA VAL F 58 7.27 0.15 -9.44
C VAL F 58 7.44 1.44 -8.63
N PRO F 59 6.63 1.66 -7.60
CA PRO F 59 6.68 2.94 -6.88
C PRO F 59 8.01 3.14 -6.17
N SER F 60 8.30 4.41 -5.85
CA SER F 60 9.61 4.79 -5.34
C SER F 60 9.88 4.26 -3.94
N ARG F 61 8.86 3.82 -3.21
CA ARG F 61 9.11 3.25 -1.89
C ARG F 61 9.98 1.99 -1.97
N PHE F 62 10.02 1.34 -3.13
CA PHE F 62 10.93 0.23 -3.36
C PHE F 62 12.28 0.78 -3.83
N SER F 63 13.33 0.45 -3.10
CA SER F 63 14.66 1.00 -3.37
C SER F 63 15.69 -0.10 -3.19
N GLY F 64 16.48 -0.35 -4.22
CA GLY F 64 17.53 -1.34 -4.16
C GLY F 64 18.90 -0.68 -4.18
N SER F 65 19.87 -1.33 -3.56
CA SER F 65 21.24 -0.83 -3.57
C SER F 65 22.21 -2.00 -3.43
N GLY F 66 23.48 -1.71 -3.66
CA GLY F 66 24.55 -2.67 -3.47
C GLY F 66 25.35 -2.89 -4.73
N SER F 67 26.44 -3.63 -4.55
CA SER F 67 27.33 -4.02 -5.65
C SER F 67 28.36 -5.00 -5.10
N GLY F 68 28.84 -5.87 -5.98
CA GLY F 68 29.79 -6.88 -5.57
C GLY F 68 29.16 -8.12 -4.98
N THR F 69 29.14 -8.22 -3.66
CA THR F 69 28.56 -9.37 -2.98
C THR F 69 27.42 -9.02 -2.04
N ASP F 70 27.25 -7.75 -1.68
CA ASP F 70 26.26 -7.33 -0.70
C ASP F 70 25.23 -6.43 -1.38
N PHE F 71 23.96 -6.84 -1.33
CA PHE F 71 22.87 -6.09 -1.92
C PHE F 71 21.71 -6.05 -0.94
N THR F 72 20.94 -4.96 -0.98
CA THR F 72 19.78 -4.81 -0.13
C THR F 72 18.60 -4.28 -0.93
N LEU F 73 17.41 -4.57 -0.42
CA LEU F 73 16.17 -4.00 -0.90
C LEU F 73 15.46 -3.38 0.29
N THR F 74 15.12 -2.11 0.19
CA THR F 74 14.44 -1.38 1.25
C THR F 74 13.05 -0.99 0.78
N ILE F 75 12.04 -1.35 1.56
CA ILE F 75 10.67 -0.96 1.30
C ILE F 75 10.23 -0.05 2.44
N SER F 76 10.05 1.23 2.14
CA SER F 76 9.50 2.17 3.11
C SER F 76 8.00 2.33 2.86
N SER F 77 7.33 2.92 3.86
CA SER F 77 5.90 3.24 3.75
C SER F 77 5.08 2.00 3.41
N LEU F 78 5.39 0.88 4.05
CA LEU F 78 4.77 -0.40 3.68
C LEU F 78 3.27 -0.26 3.51
N GLN F 79 2.77 -0.73 2.39
CA GLN F 79 1.35 -0.80 2.10
C GLN F 79 0.83 -2.20 2.32
N PRO F 80 -0.48 -2.37 2.57
CA PRO F 80 -1.03 -3.72 2.70
C PRO F 80 -0.67 -4.65 1.55
N GLU F 81 -0.64 -4.13 0.31
CA GLU F 81 -0.34 -4.95 -0.85
C GLU F 81 1.13 -5.37 -0.90
N ASP F 82 2.00 -4.75 -0.11
CA ASP F 82 3.43 -5.04 -0.17
C ASP F 82 3.81 -6.29 0.63
N PHE F 83 2.86 -6.92 1.32
CA PHE F 83 3.18 -8.06 2.17
C PHE F 83 3.14 -9.32 1.31
N ALA F 84 4.32 -9.81 0.96
CA ALA F 84 4.49 -10.92 0.04
C ALA F 84 5.88 -11.52 0.29
N THR F 85 6.34 -12.34 -0.64
CA THR F 85 7.69 -12.87 -0.59
C THR F 85 8.57 -12.15 -1.61
N TYR F 86 9.83 -11.94 -1.26
CA TYR F 86 10.76 -11.19 -2.09
C TYR F 86 11.98 -12.04 -2.38
N TYR F 87 12.42 -12.02 -3.63
CA TYR F 87 13.56 -12.80 -4.09
C TYR F 87 14.59 -11.88 -4.72
N CYS F 88 15.85 -12.04 -4.34
CA CYS F 88 16.93 -11.50 -5.15
C CYS F 88 17.28 -12.49 -6.24
N GLN F 89 18.02 -12.01 -7.23
CA GLN F 89 18.48 -12.84 -8.33
C GLN F 89 19.76 -12.22 -8.89
N GLN F 90 20.73 -13.07 -9.19
CA GLN F 90 21.90 -12.65 -9.94
C GLN F 90 21.76 -13.12 -11.38
N TYR F 91 22.08 -12.23 -12.32
CA TYR F 91 22.13 -12.58 -13.74
C TYR F 91 23.50 -12.22 -14.31
N ASN F 92 24.52 -12.23 -13.46
CA ASN F 92 25.88 -11.94 -13.90
C ASN F 92 26.48 -13.13 -14.63
N SER F 93 26.29 -14.34 -14.11
CA SER F 93 26.81 -15.56 -14.71
C SER F 93 25.70 -16.60 -14.82
N TYR F 94 25.83 -17.49 -15.78
CA TYR F 94 24.92 -18.62 -15.84
C TYR F 94 25.41 -19.73 -14.92
N PRO F 95 24.49 -20.50 -14.34
CA PRO F 95 23.04 -20.36 -14.44
C PRO F 95 22.51 -19.20 -13.60
N LEU F 96 21.45 -18.53 -14.05
CA LEU F 96 20.80 -17.54 -13.20
C LEU F 96 20.36 -18.20 -11.89
N THR F 97 20.62 -17.52 -10.78
CA THR F 97 20.32 -18.08 -9.47
C THR F 97 19.51 -17.10 -8.65
N PHE F 98 18.58 -17.64 -7.87
CA PHE F 98 17.72 -16.86 -7.00
C PHE F 98 18.10 -17.08 -5.53
N GLY F 99 17.75 -16.10 -4.71
CA GLY F 99 17.81 -16.32 -3.28
C GLY F 99 16.65 -17.18 -2.80
N GLN F 100 16.79 -17.69 -1.57
CA GLN F 100 15.74 -18.55 -1.02
C GLN F 100 14.45 -17.80 -0.77
N GLY F 101 14.49 -16.48 -0.64
CA GLY F 101 13.28 -15.71 -0.48
C GLY F 101 13.13 -15.17 0.92
N THR F 102 12.40 -14.06 1.03
CA THR F 102 12.08 -13.45 2.32
C THR F 102 10.57 -13.22 2.36
N LYS F 103 9.88 -13.98 3.22
CA LYS F 103 8.46 -13.76 3.44
C LYS F 103 8.26 -12.58 4.37
N LEU F 104 7.46 -11.62 3.93
CA LEU F 104 7.18 -10.39 4.66
C LEU F 104 5.74 -10.42 5.13
N GLU F 105 5.52 -10.45 6.44
CA GLU F 105 4.21 -10.72 7.01
C GLU F 105 3.74 -9.56 7.89
N ILE F 106 2.42 -9.53 8.12
CA ILE F 106 1.79 -8.41 8.81
C ILE F 106 1.91 -8.60 10.31
N LYS F 107 2.44 -7.58 11.00
CA LYS F 107 2.52 -7.62 12.44
C LYS F 107 1.19 -7.23 13.06
N ARG F 108 0.78 -7.95 14.10
CA ARG F 108 -0.39 -7.60 14.89
C ARG F 108 -0.14 -8.01 16.33
N THR F 109 -1.13 -7.75 17.18
CA THR F 109 -1.01 -8.14 18.58
C THR F 109 -1.12 -9.64 18.74
N VAL F 110 -0.41 -10.17 19.74
CA VAL F 110 -0.44 -11.61 19.99
C VAL F 110 -1.87 -12.08 20.26
N ALA F 111 -2.17 -13.30 19.82
CA ALA F 111 -3.47 -13.91 20.05
C ALA F 111 -3.27 -15.41 20.22
N ALA F 112 -3.73 -15.95 21.34
CA ALA F 112 -3.59 -17.38 21.58
C ALA F 112 -4.58 -18.16 20.73
N PRO F 113 -4.26 -19.40 20.36
CA PRO F 113 -5.16 -20.18 19.52
C PRO F 113 -6.31 -20.78 20.32
N SER F 114 -7.44 -20.94 19.65
CA SER F 114 -8.55 -21.73 20.18
C SER F 114 -8.37 -23.16 19.70
N VAL F 115 -8.19 -24.08 20.63
CA VAL F 115 -7.84 -25.46 20.31
C VAL F 115 -9.10 -26.32 20.30
N PHE F 116 -9.28 -27.08 19.22
CA PHE F 116 -10.33 -28.08 19.12
C PHE F 116 -9.70 -29.41 18.75
N ILE F 117 -10.34 -30.51 19.15
CA ILE F 117 -9.91 -31.84 18.76
C ILE F 117 -11.10 -32.58 18.18
N PHE F 118 -10.86 -33.34 17.13
CA PHE F 118 -11.91 -34.07 16.40
C PHE F 118 -11.54 -35.54 16.36
N PRO F 119 -12.40 -36.44 16.82
CA PRO F 119 -12.11 -37.86 16.73
C PRO F 119 -12.35 -38.38 15.31
N PRO F 120 -11.92 -39.60 15.02
CA PRO F 120 -12.21 -40.16 13.69
C PRO F 120 -13.69 -40.40 13.54
N SER F 121 -14.21 -40.10 12.36
CA SER F 121 -15.59 -40.42 12.04
C SER F 121 -15.79 -41.93 11.98
N ASP F 122 -17.01 -42.37 12.28
CA ASP F 122 -17.32 -43.79 12.16
C ASP F 122 -17.21 -44.25 10.72
N GLU F 123 -17.56 -43.39 9.77
CA GLU F 123 -17.40 -43.71 8.36
C GLU F 123 -15.96 -44.12 8.05
N GLN F 124 -15.00 -43.24 8.36
CA GLN F 124 -13.61 -43.54 8.04
C GLN F 124 -13.13 -44.80 8.74
N LEU F 125 -13.63 -45.07 9.94
CA LEU F 125 -13.17 -46.24 10.69
C LEU F 125 -13.51 -47.53 9.97
N LYS F 126 -14.68 -47.58 9.32
CA LYS F 126 -15.05 -48.75 8.54
C LYS F 126 -14.04 -49.02 7.43
N SER F 127 -13.31 -48.00 6.98
CA SER F 127 -12.37 -48.14 5.86
C SER F 127 -11.00 -48.64 6.29
N GLY F 128 -10.71 -48.69 7.59
CA GLY F 128 -9.46 -49.25 8.08
C GLY F 128 -8.38 -48.23 8.43
N THR F 129 -8.67 -46.94 8.35
CA THR F 129 -7.73 -45.91 8.75
C THR F 129 -8.46 -44.88 9.62
N ALA F 130 -7.73 -44.34 10.60
CA ALA F 130 -8.29 -43.41 11.58
C ALA F 130 -7.46 -42.14 11.58
N SER F 131 -8.11 -41.00 11.34
CA SER F 131 -7.47 -39.69 11.39
C SER F 131 -8.07 -38.90 12.55
N VAL F 132 -7.22 -38.49 13.48
CA VAL F 132 -7.61 -37.59 14.56
C VAL F 132 -7.04 -36.22 14.24
N VAL F 133 -7.91 -35.21 14.23
CA VAL F 133 -7.55 -33.86 13.81
C VAL F 133 -7.54 -32.94 15.02
N CYS F 134 -6.50 -32.10 15.10
CA CYS F 134 -6.40 -31.06 16.10
C CYS F 134 -6.32 -29.71 15.39
N LEU F 135 -7.17 -28.78 15.79
CA LEU F 135 -7.30 -27.47 15.16
C LEU F 135 -6.82 -26.37 16.10
N LEU F 136 -5.93 -25.52 15.60
CA LEU F 136 -5.48 -24.30 16.27
C LEU F 136 -5.97 -23.10 15.46
N ASN F 137 -6.97 -22.38 15.97
CA ASN F 137 -7.68 -21.39 15.17
C ASN F 137 -7.32 -19.95 15.58
N ASN F 138 -7.09 -19.12 14.56
CA ASN F 138 -6.92 -17.67 14.68
C ASN F 138 -5.94 -17.29 15.80
N PHE F 139 -4.66 -17.54 15.54
CA PHE F 139 -3.61 -17.21 16.49
C PHE F 139 -2.54 -16.37 15.80
N TYR F 140 -1.73 -15.69 16.61
CA TYR F 140 -0.61 -14.92 16.11
C TYR F 140 0.40 -14.78 17.24
N PRO F 141 1.70 -14.91 16.97
CA PRO F 141 2.36 -15.15 15.67
C PRO F 141 2.27 -16.61 15.22
N ARG F 142 2.96 -16.95 14.12
CA ARG F 142 2.75 -18.25 13.49
C ARG F 142 3.27 -19.41 14.34
N GLU F 143 4.37 -19.19 15.07
CA GLU F 143 5.00 -20.28 15.80
C GLU F 143 4.08 -20.88 16.85
N ALA F 144 3.90 -22.20 16.78
CA ALA F 144 3.13 -22.94 17.76
C ALA F 144 3.69 -24.35 17.83
N LYS F 145 3.40 -25.04 18.93
CA LYS F 145 3.83 -26.42 19.09
C LYS F 145 2.64 -27.30 19.42
N VAL F 146 2.50 -28.40 18.67
CA VAL F 146 1.45 -29.37 18.90
C VAL F 146 2.10 -30.70 19.26
N GLN F 147 1.69 -31.27 20.39
CA GLN F 147 2.15 -32.59 20.82
C GLN F 147 0.94 -33.52 20.89
N TRP F 148 1.06 -34.67 20.24
CA TRP F 148 0.03 -35.71 20.29
C TRP F 148 0.39 -36.73 21.36
N LYS F 149 -0.62 -37.18 22.10
CA LYS F 149 -0.44 -38.19 23.14
C LYS F 149 -1.56 -39.22 23.04
N VAL F 150 -1.17 -40.49 23.06
CA VAL F 150 -2.09 -41.63 22.93
C VAL F 150 -1.90 -42.50 24.16
N ASP F 151 -2.93 -42.58 25.00
CA ASP F 151 -2.79 -43.16 26.33
C ASP F 151 -1.57 -42.57 27.03
N ASN F 152 -1.43 -41.24 26.92
CA ASN F 152 -0.34 -40.49 27.54
C ASN F 152 1.02 -40.92 26.98
N ALA F 153 1.04 -41.42 25.75
CA ALA F 153 2.27 -41.81 25.07
C ALA F 153 2.57 -40.80 23.98
N LEU F 154 3.72 -40.14 24.08
CA LEU F 154 4.10 -39.15 23.08
C LEU F 154 4.27 -39.81 21.71
N GLN F 155 3.69 -39.19 20.69
CA GLN F 155 3.72 -39.69 19.33
C GLN F 155 4.75 -38.91 18.50
N SER F 156 5.33 -39.59 17.51
CA SER F 156 6.31 -38.94 16.64
C SER F 156 6.30 -39.63 15.28
N GLY F 157 6.28 -38.83 14.21
CA GLY F 157 6.39 -39.33 12.87
C GLY F 157 5.10 -39.78 12.23
N ASN F 158 4.00 -39.79 12.97
CA ASN F 158 2.71 -40.23 12.43
C ASN F 158 1.70 -39.09 12.34
N SER F 159 2.20 -37.85 12.20
CA SER F 159 1.33 -36.69 12.14
C SER F 159 1.91 -35.68 11.17
N GLN F 160 1.02 -34.91 10.53
CA GLN F 160 1.39 -33.88 9.58
C GLN F 160 0.61 -32.61 9.89
N GLU F 161 1.27 -31.47 9.66
CA GLU F 161 0.71 -30.16 9.95
C GLU F 161 0.53 -29.35 8.68
N SER F 162 -0.45 -28.46 8.70
CA SER F 162 -0.74 -27.57 7.59
C SER F 162 -1.22 -26.24 8.16
N VAL F 163 -0.61 -25.14 7.72
CA VAL F 163 -0.94 -23.81 8.21
C VAL F 163 -1.57 -23.01 7.09
N THR F 164 -2.60 -22.24 7.43
CA THR F 164 -3.19 -21.31 6.48
C THR F 164 -2.24 -20.14 6.23
N GLU F 165 -2.57 -19.33 5.23
CA GLU F 165 -1.84 -18.09 5.05
C GLU F 165 -2.43 -17.02 5.98
N GLN F 166 -1.65 -15.96 6.18
CA GLN F 166 -2.09 -14.89 7.07
C GLN F 166 -3.41 -14.33 6.60
N ASP F 167 -4.41 -14.37 7.48
CA ASP F 167 -5.76 -13.97 7.10
C ASP F 167 -5.80 -12.50 6.69
N SER F 168 -6.75 -12.18 5.80
CA SER F 168 -6.85 -10.84 5.24
C SER F 168 -7.50 -9.85 6.18
N LYS F 169 -8.39 -10.30 7.06
CA LYS F 169 -9.07 -9.46 8.03
C LYS F 169 -8.42 -9.52 9.41
N ASP F 170 -8.18 -10.72 9.92
CA ASP F 170 -7.55 -10.88 11.22
C ASP F 170 -6.04 -10.68 11.17
N SER F 171 -5.41 -11.06 10.07
CA SER F 171 -3.96 -11.22 10.00
C SER F 171 -3.47 -12.34 10.91
N THR F 172 -4.36 -13.26 11.30
CA THR F 172 -4.00 -14.40 12.11
C THR F 172 -3.85 -15.65 11.25
N TYR F 173 -3.24 -16.67 11.84
CA TYR F 173 -3.08 -17.97 11.21
C TYR F 173 -4.01 -18.99 11.85
N SER F 174 -4.22 -20.09 11.14
CA SER F 174 -4.81 -21.30 11.71
C SER F 174 -3.95 -22.47 11.30
N LEU F 175 -3.89 -23.47 12.17
CA LEU F 175 -3.07 -24.64 11.92
C LEU F 175 -3.86 -25.89 12.25
N SER F 176 -3.73 -26.90 11.38
CA SER F 176 -4.30 -28.22 11.61
C SER F 176 -3.16 -29.21 11.78
N SER F 177 -3.33 -30.16 12.69
CA SER F 177 -2.38 -31.23 12.88
C SER F 177 -3.16 -32.54 12.82
N THR F 178 -2.81 -33.40 11.86
CA THR F 178 -3.53 -34.65 11.64
C THR F 178 -2.65 -35.82 12.03
N LEU F 179 -3.17 -36.68 12.90
CA LEU F 179 -2.52 -37.90 13.33
C LEU F 179 -3.22 -39.07 12.66
N THR F 180 -2.49 -39.81 11.84
CA THR F 180 -3.05 -40.95 11.13
C THR F 180 -2.61 -42.24 11.81
N LEU F 181 -3.56 -43.13 12.06
CA LEU F 181 -3.30 -44.41 12.69
C LEU F 181 -4.07 -45.48 11.93
N SER F 182 -3.60 -46.72 12.05
CA SER F 182 -4.40 -47.85 11.60
C SER F 182 -5.56 -48.06 12.55
N LYS F 183 -6.68 -48.57 12.00
CA LYS F 183 -7.83 -48.87 12.84
C LYS F 183 -7.42 -49.76 14.01
N ALA F 184 -6.60 -50.77 13.74
CA ALA F 184 -6.15 -51.66 14.80
C ALA F 184 -5.44 -50.90 15.92
N ASP F 185 -4.39 -50.15 15.57
CA ASP F 185 -3.69 -49.35 16.56
C ASP F 185 -4.64 -48.38 17.24
N TYR F 186 -5.58 -47.80 16.49
CA TYR F 186 -6.54 -46.87 17.09
C TYR F 186 -7.43 -47.59 18.09
N GLU F 187 -7.82 -48.83 17.79
CA GLU F 187 -8.72 -49.55 18.69
C GLU F 187 -8.03 -50.03 19.96
N LYS F 188 -6.70 -50.08 19.98
CA LYS F 188 -5.96 -50.61 21.13
C LYS F 188 -5.54 -49.52 22.12
N HIS F 189 -6.17 -48.34 22.07
CA HIS F 189 -5.89 -47.27 23.01
C HIS F 189 -7.19 -46.51 23.27
N LYS F 190 -7.16 -45.67 24.31
CA LYS F 190 -8.37 -45.03 24.80
C LYS F 190 -8.29 -43.51 24.79
N VAL F 191 -7.20 -42.93 25.30
CA VAL F 191 -7.11 -41.50 25.53
C VAL F 191 -6.27 -40.86 24.43
N TYR F 192 -6.87 -39.95 23.67
CA TYR F 192 -6.20 -39.22 22.60
C TYR F 192 -6.19 -37.75 22.95
N ALA F 193 -5.00 -37.18 23.06
CA ALA F 193 -4.82 -35.84 23.59
C ALA F 193 -3.99 -34.99 22.64
N CYS F 194 -4.39 -33.73 22.50
CA CYS F 194 -3.65 -32.73 21.73
C CYS F 194 -3.21 -31.64 22.69
N GLU F 195 -1.90 -31.50 22.88
CA GLU F 195 -1.34 -30.50 23.76
C GLU F 195 -0.71 -29.38 22.94
N VAL F 196 -1.10 -28.14 23.23
CA VAL F 196 -0.71 -26.98 22.45
C VAL F 196 0.02 -25.98 23.34
N THR F 197 1.14 -25.47 22.85
CA THR F 197 1.85 -24.38 23.50
C THR F 197 2.06 -23.26 22.49
N HIS F 198 2.02 -22.03 22.99
CA HIS F 198 2.07 -20.84 22.16
C HIS F 198 2.33 -19.65 23.08
N GLN F 199 3.06 -18.66 22.57
CA GLN F 199 3.43 -17.54 23.42
C GLN F 199 2.23 -16.75 23.92
N GLY F 200 1.05 -16.98 23.35
CA GLY F 200 -0.18 -16.44 23.88
C GLY F 200 -0.82 -17.27 24.97
N LEU F 201 -0.22 -18.40 25.33
CA LEU F 201 -0.73 -19.27 26.38
C LEU F 201 0.28 -19.31 27.52
N SER F 202 -0.18 -18.91 28.72
CA SER F 202 0.70 -18.95 29.89
C SER F 202 1.07 -20.36 30.26
N SER F 203 0.23 -21.33 29.92
CA SER F 203 0.54 -22.73 30.15
C SER F 203 -0.08 -23.54 29.03
N PRO F 204 0.27 -24.82 28.92
CA PRO F 204 -0.24 -25.61 27.79
C PRO F 204 -1.75 -25.75 27.83
N VAL F 205 -2.37 -25.64 26.66
CA VAL F 205 -3.77 -25.99 26.50
C VAL F 205 -3.83 -27.43 26.02
N THR F 206 -4.73 -28.21 26.62
CA THR F 206 -4.89 -29.61 26.25
C THR F 206 -6.36 -29.87 25.92
N LYS F 207 -6.59 -30.53 24.78
CA LYS F 207 -7.90 -31.03 24.39
C LYS F 207 -7.77 -32.51 24.12
N SER F 208 -8.74 -33.29 24.58
CA SER F 208 -8.63 -34.74 24.52
C SER F 208 -10.03 -35.34 24.46
N PHE F 209 -10.07 -36.62 24.11
CA PHE F 209 -11.31 -37.37 24.12
C PHE F 209 -10.99 -38.83 24.44
N ASN F 210 -12.04 -39.56 24.79
CA ASN F 210 -11.97 -41.00 24.98
C ASN F 210 -12.69 -41.68 23.83
N ARG F 211 -12.03 -42.64 23.21
CA ARG F 211 -12.66 -43.40 22.13
C ARG F 211 -13.93 -44.05 22.65
N GLY F 212 -15.06 -43.76 22.00
CA GLY F 212 -16.34 -44.28 22.42
C GLY F 212 -17.05 -43.42 23.45
N ASP G 1 17.85 15.03 -66.28
CA ASP G 1 19.28 14.88 -66.04
C ASP G 1 19.84 16.08 -65.28
N ILE G 2 19.05 17.16 -65.21
CA ILE G 2 19.25 18.23 -64.25
C ILE G 2 18.16 18.10 -63.19
N GLN G 3 18.56 17.86 -61.95
CA GLN G 3 17.63 17.72 -60.84
C GLN G 3 17.32 19.08 -60.24
N MET G 4 16.03 19.37 -60.06
CA MET G 4 15.57 20.59 -59.42
C MET G 4 15.01 20.23 -58.05
N THR G 5 15.68 20.70 -56.99
CA THR G 5 15.35 20.35 -55.62
C THR G 5 14.68 21.54 -54.95
N GLN G 6 13.41 21.38 -54.57
CA GLN G 6 12.68 22.43 -53.89
C GLN G 6 12.71 22.22 -52.39
N SER G 7 12.75 23.32 -51.65
CA SER G 7 12.68 23.30 -50.20
C SER G 7 11.84 24.49 -49.75
N PRO G 8 10.94 24.29 -48.78
CA PRO G 8 10.59 23.02 -48.13
C PRO G 8 9.59 22.21 -48.95
N SER G 9 9.34 20.95 -48.59
CA SER G 9 8.33 20.16 -49.29
C SER G 9 6.91 20.51 -48.87
N SER G 10 6.75 21.06 -47.66
CA SER G 10 5.45 21.49 -47.18
C SER G 10 5.64 22.70 -46.28
N LEU G 11 4.71 23.64 -46.34
CA LEU G 11 4.83 24.88 -45.57
C LEU G 11 3.45 25.32 -45.13
N SER G 12 3.32 25.71 -43.86
CA SER G 12 2.08 26.26 -43.34
C SER G 12 2.25 27.76 -43.14
N ALA G 13 1.19 28.52 -43.44
CA ALA G 13 1.26 29.96 -43.30
C ALA G 13 -0.15 30.50 -43.08
N SER G 14 -0.23 31.68 -42.47
CA SER G 14 -1.52 32.33 -42.23
C SER G 14 -1.82 33.29 -43.37
N VAL G 15 -3.12 33.49 -43.62
CA VAL G 15 -3.52 34.47 -44.61
C VAL G 15 -2.84 35.79 -44.30
N GLY G 16 -2.47 36.52 -45.35
CA GLY G 16 -1.77 37.78 -45.21
C GLY G 16 -0.28 37.67 -44.96
N ASP G 17 0.22 36.48 -44.67
CA ASP G 17 1.64 36.28 -44.39
C ASP G 17 2.47 36.31 -45.67
N ARG G 18 3.78 36.22 -45.50
CA ARG G 18 4.73 36.10 -46.60
C ARG G 18 5.52 34.81 -46.46
N VAL G 19 5.75 34.13 -47.58
CA VAL G 19 6.51 32.89 -47.60
C VAL G 19 7.54 32.97 -48.73
N THR G 20 8.63 32.21 -48.57
CA THR G 20 9.60 32.02 -49.64
C THR G 20 9.81 30.53 -49.85
N ILE G 21 10.05 30.18 -51.11
CA ILE G 21 10.26 28.79 -51.52
C ILE G 21 11.55 28.73 -52.31
N THR G 22 12.35 27.70 -52.05
CA THR G 22 13.66 27.58 -52.67
C THR G 22 13.67 26.43 -53.67
N CYS G 23 14.60 26.51 -54.61
CA CYS G 23 14.74 25.52 -55.67
C CYS G 23 16.20 25.54 -56.11
N LYS G 24 16.89 24.42 -55.92
CA LYS G 24 18.32 24.31 -56.21
C LYS G 24 18.53 23.38 -57.40
N ALA G 25 19.32 23.83 -58.36
CA ALA G 25 19.59 23.05 -59.57
C ALA G 25 20.94 22.34 -59.45
N SER G 26 20.99 21.09 -59.94
CA SER G 26 22.22 20.33 -59.88
C SER G 26 23.24 20.81 -60.92
N GLN G 27 22.81 21.58 -61.90
CA GLN G 27 23.68 22.16 -62.90
C GLN G 27 23.25 23.59 -63.14
N ASN G 28 24.15 24.39 -63.71
CA ASN G 28 23.79 25.77 -64.00
C ASN G 28 22.66 25.81 -65.03
N VAL G 29 21.62 26.59 -64.72
CA VAL G 29 20.50 26.78 -65.62
C VAL G 29 20.36 28.23 -66.06
N GLY G 30 21.31 29.08 -65.68
CA GLY G 30 21.20 30.50 -66.02
C GLY G 30 20.01 31.12 -65.30
N THR G 31 19.17 31.81 -66.06
CA THR G 31 17.92 32.34 -65.55
C THR G 31 16.72 31.66 -66.19
N ASN G 32 16.93 30.56 -66.92
CA ASN G 32 15.85 29.82 -67.56
C ASN G 32 15.11 28.95 -66.53
N VAL G 33 14.52 29.62 -65.56
CA VAL G 33 13.71 28.98 -64.54
C VAL G 33 12.29 29.53 -64.63
N ALA G 34 11.30 28.65 -64.49
CA ALA G 34 9.91 29.03 -64.39
C ALA G 34 9.30 28.44 -63.14
N TRP G 35 8.23 29.08 -62.67
CA TRP G 35 7.46 28.61 -61.51
C TRP G 35 6.01 28.37 -61.92
N PHE G 36 5.43 27.30 -61.39
CA PHE G 36 4.04 26.97 -61.65
C PHE G 36 3.27 26.82 -60.35
N GLN G 37 1.99 27.15 -60.42
CA GLN G 37 1.04 26.91 -59.34
C GLN G 37 0.04 25.86 -59.79
N GLN G 38 -0.34 24.97 -58.87
CA GLN G 38 -1.34 23.96 -59.20
C GLN G 38 -2.25 23.71 -58.01
N LYS G 39 -3.54 23.75 -58.26
CA LYS G 39 -4.56 23.33 -57.30
C LYS G 39 -4.88 21.87 -57.52
N PRO G 40 -5.41 21.18 -56.50
CA PRO G 40 -5.72 19.76 -56.65
C PRO G 40 -6.73 19.53 -57.76
N GLY G 41 -6.45 18.54 -58.59
CA GLY G 41 -7.36 18.17 -59.66
C GLY G 41 -7.52 19.21 -60.75
N LYS G 42 -6.50 20.03 -60.97
CA LYS G 42 -6.56 21.08 -61.98
C LYS G 42 -5.21 21.19 -62.67
N ALA G 43 -5.22 21.78 -63.86
CA ALA G 43 -3.99 21.94 -64.61
C ALA G 43 -3.06 22.92 -63.91
N PRO G 44 -1.74 22.77 -64.11
CA PRO G 44 -0.81 23.78 -63.61
C PRO G 44 -1.07 25.13 -64.25
N LYS G 45 -0.54 26.17 -63.61
CA LYS G 45 -0.70 27.55 -64.07
C LYS G 45 0.64 28.26 -63.93
N ALA G 46 1.14 28.81 -65.04
CA ALA G 46 2.46 29.42 -65.05
C ALA G 46 2.44 30.78 -64.36
N LEU G 47 3.42 31.02 -63.50
CA LEU G 47 3.55 32.28 -62.75
C LEU G 47 4.74 33.10 -63.21
N ILE G 48 5.90 32.47 -63.37
CA ILE G 48 7.15 33.16 -63.62
C ILE G 48 7.86 32.53 -64.80
N TYR G 49 8.55 33.35 -65.58
CA TYR G 49 9.51 32.89 -66.57
C TYR G 49 10.78 33.70 -66.41
N SER G 50 11.89 33.13 -66.89
CA SER G 50 13.21 33.78 -66.78
C SER G 50 13.50 34.22 -65.35
N ALA G 51 13.04 33.44 -64.38
CA ALA G 51 13.41 33.57 -62.98
C ALA G 51 12.68 34.69 -62.23
N SER G 52 12.39 35.82 -62.89
CA SER G 52 11.86 36.97 -62.17
C SER G 52 10.72 37.70 -62.89
N TYR G 53 10.21 37.17 -64.00
CA TYR G 53 9.21 37.87 -64.79
C TYR G 53 7.88 37.15 -64.69
N ARG G 54 6.79 37.92 -64.54
CA ARG G 54 5.47 37.34 -64.32
C ARG G 54 4.73 37.14 -65.63
N TYR G 55 4.02 36.02 -65.72
CA TYR G 55 3.11 35.81 -66.84
C TYR G 55 1.97 36.82 -66.76
N SER G 56 1.18 36.88 -67.82
CA SER G 56 0.06 37.80 -67.87
C SER G 56 -0.96 37.46 -66.79
N GLY G 57 -1.40 38.49 -66.05
CA GLY G 57 -2.40 38.32 -65.03
C GLY G 57 -1.88 37.99 -63.64
N VAL G 58 -0.68 37.39 -63.55
CA VAL G 58 -0.17 37.01 -62.23
C VAL G 58 0.06 38.26 -61.39
N PRO G 59 -0.51 38.34 -60.19
CA PRO G 59 -0.39 39.56 -59.38
C PRO G 59 1.04 39.78 -58.90
N SER G 60 1.31 41.03 -58.53
CA SER G 60 2.63 41.45 -58.11
C SER G 60 3.06 40.88 -56.76
N ARG G 61 2.15 40.27 -56.00
CA ARG G 61 2.59 39.64 -54.76
C ARG G 61 3.44 38.40 -55.04
N PHE G 62 3.41 37.87 -56.25
CA PHE G 62 4.29 36.78 -56.65
C PHE G 62 5.59 37.36 -57.19
N SER G 63 6.70 36.90 -56.63
CA SER G 63 8.01 37.47 -56.96
C SER G 63 9.03 36.34 -57.07
N GLY G 64 9.80 36.36 -58.14
CA GLY G 64 10.85 35.37 -58.34
C GLY G 64 12.22 36.00 -58.43
N SER G 65 13.25 35.22 -58.12
CA SER G 65 14.62 35.72 -58.19
C SER G 65 15.55 34.53 -58.29
N GLY G 66 16.80 34.81 -58.66
CA GLY G 66 17.80 33.77 -58.71
C GLY G 66 18.58 33.72 -60.01
N SER G 67 19.74 33.07 -59.98
CA SER G 67 20.58 32.95 -61.16
C SER G 67 21.57 31.81 -60.92
N GLY G 68 21.83 31.03 -61.96
CA GLY G 68 22.79 29.94 -61.86
C GLY G 68 22.20 28.65 -61.35
N THR G 69 22.18 28.48 -60.02
CA THR G 69 21.65 27.26 -59.42
C THR G 69 20.71 27.50 -58.24
N ASP G 70 20.56 28.74 -57.77
CA ASP G 70 19.75 29.05 -56.60
C ASP G 70 18.62 29.98 -57.01
N PHE G 71 17.39 29.55 -56.74
CA PHE G 71 16.21 30.30 -57.15
C PHE G 71 15.20 30.33 -56.00
N THR G 72 14.39 31.38 -55.98
CA THR G 72 13.41 31.54 -54.92
C THR G 72 12.13 32.14 -55.48
N LEU G 73 11.01 31.69 -54.94
CA LEU G 73 9.70 32.28 -55.22
C LEU G 73 9.18 32.85 -53.90
N THR G 74 8.91 34.15 -53.88
CA THR G 74 8.35 34.81 -52.72
C THR G 74 6.90 35.19 -52.99
N ILE G 75 6.03 34.92 -52.03
CA ILE G 75 4.61 35.29 -52.11
C ILE G 75 4.28 36.08 -50.85
N SER G 76 3.93 37.34 -51.04
CA SER G 76 3.50 38.20 -49.95
C SER G 76 1.98 38.34 -49.98
N SER G 77 1.43 38.90 -48.90
CA SER G 77 0.00 39.17 -48.79
C SER G 77 -0.82 37.94 -49.19
N LEU G 78 -0.44 36.79 -48.65
CA LEU G 78 -1.07 35.53 -49.02
C LEU G 78 -2.59 35.62 -48.93
N GLN G 79 -3.25 35.32 -50.03
CA GLN G 79 -4.70 35.22 -50.14
C GLN G 79 -5.13 33.76 -50.02
N PRO G 80 -6.37 33.50 -49.58
CA PRO G 80 -6.81 32.10 -49.50
C PRO G 80 -6.61 31.33 -50.80
N GLU G 81 -6.82 32.00 -51.95
CA GLU G 81 -6.65 31.35 -53.25
C GLU G 81 -5.21 30.94 -53.53
N ASP G 82 -4.24 31.55 -52.88
CA ASP G 82 -2.83 31.29 -53.15
C ASP G 82 -2.32 30.00 -52.51
N PHE G 83 -3.14 29.31 -51.73
CA PHE G 83 -2.73 28.09 -51.06
C PHE G 83 -2.92 26.91 -52.01
N ALA G 84 -1.82 26.36 -52.47
CA ALA G 84 -1.80 25.32 -53.50
C ALA G 84 -0.39 24.73 -53.49
N THR G 85 -0.05 24.00 -54.53
CA THR G 85 1.29 23.46 -54.68
C THR G 85 2.06 24.26 -55.72
N TYR G 86 3.35 24.44 -55.47
CA TYR G 86 4.20 25.27 -56.32
C TYR G 86 5.36 24.43 -56.84
N TYR G 87 5.61 24.55 -58.14
CA TYR G 87 6.66 23.80 -58.81
C TYR G 87 7.63 24.77 -59.47
N CYS G 88 8.93 24.53 -59.30
CA CYS G 88 9.91 25.17 -60.17
C CYS G 88 10.20 24.26 -61.35
N GLN G 89 10.80 24.85 -62.39
CA GLN G 89 11.10 24.11 -63.60
C GLN G 89 12.25 24.80 -64.31
N GLN G 90 13.21 24.01 -64.80
CA GLN G 90 14.26 24.53 -65.65
C GLN G 90 13.93 24.20 -67.09
N TYR G 91 14.15 25.17 -67.97
CA TYR G 91 14.05 24.97 -69.40
C TYR G 91 15.32 25.44 -70.09
N ASN G 92 16.46 25.18 -69.45
CA ASN G 92 17.75 25.53 -70.01
C ASN G 92 18.38 24.38 -70.79
N SER G 93 18.04 23.15 -70.46
CA SER G 93 18.56 21.97 -71.13
C SER G 93 17.48 20.90 -71.18
N TYR G 94 17.52 20.08 -72.26
CA TYR G 94 16.57 18.98 -72.24
C TYR G 94 17.15 17.79 -71.50
N PRO G 95 16.29 16.98 -70.89
CA PRO G 95 14.84 17.15 -70.81
C PRO G 95 14.47 18.27 -69.85
N LEU G 96 13.34 18.94 -70.07
CA LEU G 96 12.79 19.84 -69.07
C LEU G 96 12.48 19.06 -67.80
N THR G 97 12.81 19.65 -66.65
CA THR G 97 12.65 18.95 -65.38
C THR G 97 12.02 19.88 -64.35
N PHE G 98 11.17 19.29 -63.51
CA PHE G 98 10.48 20.01 -62.45
C PHE G 98 11.03 19.61 -61.09
N GLY G 99 10.91 20.53 -60.13
CA GLY G 99 11.09 20.17 -58.75
C GLY G 99 9.93 19.34 -58.23
N GLN G 100 10.11 18.79 -57.03
CA GLN G 100 9.08 17.93 -56.45
C GLN G 100 7.86 18.71 -55.98
N GLY G 101 7.95 20.02 -55.85
CA GLY G 101 6.82 20.83 -55.45
C GLY G 101 6.83 21.14 -53.97
N THR G 102 6.13 22.23 -53.62
CA THR G 102 5.97 22.68 -52.24
C THR G 102 4.49 22.88 -51.99
N LYS G 103 3.92 22.06 -51.09
CA LYS G 103 2.52 22.21 -50.76
C LYS G 103 2.38 23.27 -49.66
N LEU G 104 1.78 24.40 -50.01
CA LEU G 104 1.57 25.51 -49.09
C LEU G 104 0.14 25.43 -48.57
N GLU G 105 -0.01 25.31 -47.24
CA GLU G 105 -1.32 25.11 -46.63
C GLU G 105 -1.63 26.21 -45.63
N ILE G 106 -2.90 26.32 -45.26
CA ILE G 106 -3.40 27.43 -44.44
C ILE G 106 -3.23 27.11 -42.97
N LYS G 107 -2.55 28.00 -42.24
CA LYS G 107 -2.38 27.88 -40.80
C LYS G 107 -3.58 28.49 -40.09
N ARG G 108 -4.21 27.70 -39.23
CA ARG G 108 -5.31 28.20 -38.40
C ARG G 108 -5.11 27.77 -36.95
N THR G 109 -6.09 28.04 -36.09
CA THR G 109 -6.00 27.63 -34.70
C THR G 109 -6.17 26.12 -34.57
N VAL G 110 -5.50 25.54 -33.56
CA VAL G 110 -5.58 24.11 -33.37
C VAL G 110 -7.02 23.68 -33.14
N ALA G 111 -7.34 22.47 -33.58
CA ALA G 111 -8.67 21.90 -33.35
C ALA G 111 -8.53 20.39 -33.17
N ALA G 112 -9.08 19.87 -32.09
CA ALA G 112 -8.93 18.45 -31.80
C ALA G 112 -9.86 17.64 -32.71
N PRO G 113 -9.39 16.49 -33.20
CA PRO G 113 -10.29 15.63 -33.98
C PRO G 113 -11.41 15.06 -33.13
N SER G 114 -12.58 14.96 -33.72
CA SER G 114 -13.65 14.11 -33.19
C SER G 114 -13.46 12.71 -33.77
N VAL G 115 -13.53 11.70 -32.90
CA VAL G 115 -13.15 10.34 -33.26
C VAL G 115 -14.38 9.45 -33.23
N PHE G 116 -14.55 8.64 -34.30
CA PHE G 116 -15.62 7.67 -34.39
C PHE G 116 -15.04 6.37 -34.93
N ILE G 117 -15.56 5.24 -34.44
CA ILE G 117 -15.11 3.93 -34.91
C ILE G 117 -16.32 3.18 -35.45
N PHE G 118 -16.11 2.45 -36.54
CA PHE G 118 -17.17 1.72 -37.22
C PHE G 118 -16.80 0.25 -37.36
N PRO G 119 -17.69 -0.67 -37.01
CA PRO G 119 -17.40 -2.09 -37.19
C PRO G 119 -17.77 -2.55 -38.59
N PRO G 120 -17.32 -3.74 -38.99
CA PRO G 120 -17.75 -4.29 -40.28
C PRO G 120 -19.26 -4.50 -40.28
N SER G 121 -19.89 -4.16 -41.41
CA SER G 121 -21.32 -4.39 -41.53
C SER G 121 -21.61 -5.87 -41.68
N ASP G 122 -22.85 -6.25 -41.37
CA ASP G 122 -23.27 -7.63 -41.57
C ASP G 122 -23.14 -8.04 -43.03
N GLU G 123 -23.48 -7.13 -43.95
CA GLU G 123 -23.39 -7.44 -45.37
C GLU G 123 -21.98 -7.89 -45.74
N GLN G 124 -20.97 -7.14 -45.31
CA GLN G 124 -19.60 -7.41 -45.74
C GLN G 124 -19.07 -8.72 -45.17
N LEU G 125 -19.56 -9.13 -43.99
CA LEU G 125 -19.04 -10.34 -43.36
C LEU G 125 -19.49 -11.60 -44.09
N LYS G 126 -20.66 -11.56 -44.72
CA LYS G 126 -21.07 -12.68 -45.57
C LYS G 126 -20.08 -12.93 -46.69
N SER G 127 -19.33 -11.89 -47.09
CA SER G 127 -18.40 -11.94 -48.20
C SER G 127 -17.01 -12.40 -47.80
N GLY G 128 -16.77 -12.68 -46.53
CA GLY G 128 -15.48 -13.19 -46.10
C GLY G 128 -14.39 -12.17 -45.90
N THR G 129 -14.75 -10.90 -45.70
CA THR G 129 -13.77 -9.86 -45.40
C THR G 129 -14.41 -8.86 -44.43
N ALA G 130 -13.58 -8.29 -43.55
CA ALA G 130 -14.04 -7.37 -42.53
C ALA G 130 -13.22 -6.09 -42.58
N SER G 131 -13.90 -4.95 -42.58
CA SER G 131 -13.27 -3.64 -42.58
C SER G 131 -13.72 -2.86 -41.36
N VAL G 132 -12.76 -2.45 -40.54
CA VAL G 132 -12.99 -1.57 -39.40
C VAL G 132 -12.45 -0.19 -39.76
N VAL G 133 -13.31 0.83 -39.65
CA VAL G 133 -12.98 2.19 -40.06
C VAL G 133 -12.95 3.09 -38.83
N CYS G 134 -11.92 3.92 -38.74
CA CYS G 134 -11.75 4.90 -37.68
C CYS G 134 -11.70 6.28 -38.34
N LEU G 135 -12.55 7.19 -37.88
CA LEU G 135 -12.67 8.52 -38.47
C LEU G 135 -12.17 9.59 -37.51
N LEU G 136 -11.25 10.42 -37.99
CA LEU G 136 -10.81 11.62 -37.29
C LEU G 136 -11.36 12.82 -38.05
N ASN G 137 -12.22 13.62 -37.41
CA ASN G 137 -13.03 14.60 -38.11
C ASN G 137 -12.66 16.02 -37.72
N ASN G 138 -12.39 16.85 -38.73
CA ASN G 138 -12.24 18.31 -38.61
C ASN G 138 -11.21 18.67 -37.54
N PHE G 139 -9.95 18.39 -37.86
CA PHE G 139 -8.85 18.66 -36.94
C PHE G 139 -7.76 19.46 -37.67
N TYR G 140 -6.95 20.15 -36.87
CA TYR G 140 -5.79 20.88 -37.35
C TYR G 140 -4.80 20.95 -36.19
N PRO G 141 -3.49 20.79 -36.45
CA PRO G 141 -2.85 20.50 -37.74
C PRO G 141 -3.09 19.07 -38.24
N ARG G 142 -2.51 18.73 -39.40
CA ARG G 142 -2.80 17.46 -40.05
C ARG G 142 -2.08 16.28 -39.40
N GLU G 143 -0.95 16.53 -38.73
CA GLU G 143 -0.23 15.46 -38.07
C GLU G 143 -1.10 14.84 -36.97
N ALA G 144 -1.21 13.52 -36.98
CA ALA G 144 -2.00 12.81 -35.98
C ALA G 144 -1.67 11.33 -36.07
N LYS G 145 -1.38 10.72 -34.92
CA LYS G 145 -1.04 9.30 -34.89
C LYS G 145 -2.30 8.48 -34.61
N VAL G 146 -2.41 7.35 -35.32
CA VAL G 146 -3.51 6.43 -35.17
C VAL G 146 -2.94 5.05 -34.89
N GLN G 147 -3.43 4.40 -33.84
CA GLN G 147 -3.07 3.03 -33.52
C GLN G 147 -4.32 2.17 -33.58
N TRP G 148 -4.17 0.96 -34.09
CA TRP G 148 -5.23 -0.05 -34.06
C TRP G 148 -4.89 -1.10 -33.03
N LYS G 149 -5.86 -1.46 -32.19
CA LYS G 149 -5.68 -2.51 -31.20
C LYS G 149 -6.78 -3.55 -31.38
N VAL G 150 -6.38 -4.79 -31.55
CA VAL G 150 -7.29 -5.93 -31.61
C VAL G 150 -7.04 -6.73 -30.33
N ASP G 151 -8.04 -6.75 -29.44
CA ASP G 151 -7.82 -7.22 -28.08
C ASP G 151 -6.58 -6.54 -27.50
N ASN G 152 -5.56 -7.32 -27.17
CA ASN G 152 -4.39 -6.78 -26.48
C ASN G 152 -3.26 -6.36 -27.41
N ALA G 153 -3.40 -6.55 -28.72
CA ALA G 153 -2.27 -6.51 -29.64
C ALA G 153 -2.32 -5.30 -30.56
N LEU G 154 -1.24 -4.54 -30.58
CA LEU G 154 -1.09 -3.49 -31.58
C LEU G 154 -0.93 -4.09 -32.97
N GLN G 155 -1.53 -3.43 -33.97
CA GLN G 155 -1.55 -3.92 -35.34
C GLN G 155 -0.55 -3.18 -36.20
N SER G 156 -0.08 -3.84 -37.25
CA SER G 156 0.87 -3.22 -38.18
C SER G 156 0.73 -3.85 -39.56
N GLY G 157 0.73 -3.01 -40.59
CA GLY G 157 0.72 -3.47 -41.96
C GLY G 157 -0.64 -3.80 -42.53
N ASN G 158 -1.69 -3.75 -41.72
CA ASN G 158 -3.04 -4.09 -42.19
C ASN G 158 -3.97 -2.88 -42.18
N SER G 159 -3.43 -1.67 -42.20
CA SER G 159 -4.26 -0.47 -42.18
C SER G 159 -3.73 0.52 -43.20
N GLN G 160 -4.64 1.40 -43.64
CA GLN G 160 -4.33 2.39 -44.67
C GLN G 160 -5.03 3.69 -44.30
N GLU G 161 -4.29 4.80 -44.35
CA GLU G 161 -4.82 6.11 -43.98
C GLU G 161 -5.14 6.92 -45.23
N SER G 162 -6.24 7.67 -45.17
CA SER G 162 -6.65 8.56 -46.26
C SER G 162 -7.12 9.87 -45.67
N VAL G 163 -6.57 10.98 -46.17
CA VAL G 163 -6.85 12.32 -45.64
C VAL G 163 -7.49 13.15 -46.75
N THR G 164 -8.51 13.92 -46.38
CA THR G 164 -9.11 14.85 -47.32
C THR G 164 -8.18 16.05 -47.53
N GLU G 165 -8.59 16.93 -48.45
CA GLU G 165 -7.90 18.20 -48.58
C GLU G 165 -8.39 19.17 -47.52
N GLN G 166 -7.60 20.22 -47.27
CA GLN G 166 -7.98 21.23 -46.31
C GLN G 166 -9.36 21.80 -46.65
N ASP G 167 -10.24 21.85 -45.65
CA ASP G 167 -11.61 22.25 -45.90
C ASP G 167 -11.69 23.70 -46.38
N SER G 168 -12.55 23.93 -47.37
CA SER G 168 -12.68 25.26 -47.96
C SER G 168 -13.02 26.30 -46.92
N LYS G 169 -13.97 25.99 -46.02
CA LYS G 169 -14.47 26.98 -45.06
C LYS G 169 -13.59 27.06 -43.82
N ASP G 170 -13.52 25.98 -43.05
CA ASP G 170 -12.87 26.03 -41.74
C ASP G 170 -11.41 25.61 -41.76
N SER G 171 -10.89 25.17 -42.91
CA SER G 171 -9.47 24.88 -43.08
C SER G 171 -9.01 23.69 -42.25
N THR G 172 -9.90 22.77 -41.89
CA THR G 172 -9.53 21.59 -41.13
C THR G 172 -9.36 20.39 -42.04
N TYR G 173 -8.73 19.36 -41.50
CA TYR G 173 -8.57 18.10 -42.20
C TYR G 173 -9.47 17.05 -41.57
N SER G 174 -9.84 16.04 -42.37
CA SER G 174 -10.48 14.85 -41.87
C SER G 174 -9.71 13.65 -42.39
N LEU G 175 -9.60 12.61 -41.56
CA LEU G 175 -8.80 11.44 -41.91
C LEU G 175 -9.56 10.17 -41.57
N SER G 176 -9.44 9.17 -42.44
CA SER G 176 -9.95 7.84 -42.18
C SER G 176 -8.79 6.85 -42.11
N SER G 177 -8.95 5.83 -41.28
CA SER G 177 -7.97 4.75 -41.15
C SER G 177 -8.74 3.44 -41.19
N THR G 178 -8.49 2.63 -42.22
CA THR G 178 -9.23 1.41 -42.46
C THR G 178 -8.36 0.21 -42.10
N LEU G 179 -8.83 -0.61 -41.16
CA LEU G 179 -8.19 -1.86 -40.79
C LEU G 179 -8.85 -2.99 -41.58
N THR G 180 -8.06 -3.71 -42.36
CA THR G 180 -8.55 -4.78 -43.21
C THR G 180 -8.17 -6.12 -42.60
N LEU G 181 -9.17 -6.91 -42.24
CA LEU G 181 -8.98 -8.22 -41.62
C LEU G 181 -9.75 -9.27 -42.38
N SER G 182 -9.25 -10.50 -42.34
CA SER G 182 -10.04 -11.63 -42.80
C SER G 182 -11.22 -11.85 -41.86
N LYS G 183 -12.33 -12.33 -42.40
CA LYS G 183 -13.47 -12.63 -41.54
C LYS G 183 -13.10 -13.59 -40.43
N ALA G 184 -12.13 -14.47 -40.70
CA ALA G 184 -11.68 -15.41 -39.67
C ALA G 184 -11.08 -14.69 -38.48
N ASP G 185 -10.02 -13.92 -38.72
CA ASP G 185 -9.40 -13.17 -37.62
C ASP G 185 -10.43 -12.31 -36.90
N TYR G 186 -11.32 -11.65 -37.64
CA TYR G 186 -12.31 -10.78 -37.01
C TYR G 186 -13.20 -11.56 -36.06
N GLU G 187 -13.64 -12.75 -36.47
CA GLU G 187 -14.44 -13.59 -35.59
C GLU G 187 -13.62 -14.23 -34.49
N LYS G 188 -12.30 -14.22 -34.59
CA LYS G 188 -11.42 -14.84 -33.62
C LYS G 188 -11.00 -13.89 -32.49
N HIS G 189 -11.37 -12.62 -32.57
CA HIS G 189 -11.06 -11.65 -31.51
C HIS G 189 -12.32 -10.88 -31.13
N LYS G 190 -12.24 -10.15 -30.03
CA LYS G 190 -13.42 -9.52 -29.44
C LYS G 190 -13.39 -8.00 -29.47
N VAL G 191 -12.33 -7.38 -28.95
CA VAL G 191 -12.29 -5.94 -28.71
C VAL G 191 -11.49 -5.27 -29.81
N TYR G 192 -12.08 -4.26 -30.44
CA TYR G 192 -11.47 -3.52 -31.53
C TYR G 192 -11.49 -2.04 -31.19
N ALA G 193 -10.32 -1.41 -31.26
CA ALA G 193 -10.16 -0.03 -30.84
C ALA G 193 -9.13 0.68 -31.71
N CYS G 194 -9.36 1.96 -31.96
CA CYS G 194 -8.36 2.88 -32.52
C CYS G 194 -8.09 3.96 -31.49
N GLU G 195 -6.80 4.22 -31.25
CA GLU G 195 -6.33 5.20 -30.29
C GLU G 195 -5.64 6.34 -31.04
N VAL G 196 -6.12 7.56 -30.81
CA VAL G 196 -5.66 8.75 -31.52
C VAL G 196 -4.96 9.67 -30.55
N THR G 197 -3.85 10.26 -30.99
CA THR G 197 -3.19 11.34 -30.29
C THR G 197 -3.02 12.52 -31.24
N HIS G 198 -3.08 13.73 -30.70
CA HIS G 198 -3.05 14.92 -31.53
C HIS G 198 -2.70 16.13 -30.66
N GLN G 199 -2.15 17.16 -31.30
CA GLN G 199 -1.77 18.38 -30.59
C GLN G 199 -2.92 18.92 -29.75
N GLY G 200 -4.14 18.88 -30.28
CA GLY G 200 -5.30 19.43 -29.61
C GLY G 200 -5.98 18.53 -28.60
N LEU G 201 -5.37 17.39 -28.27
CA LEU G 201 -5.92 16.43 -27.32
C LEU G 201 -4.98 16.34 -26.14
N SER G 202 -5.43 16.84 -24.98
CA SER G 202 -4.59 16.84 -23.79
C SER G 202 -4.36 15.41 -23.28
N SER G 203 -5.26 14.50 -23.59
CA SER G 203 -5.10 13.08 -23.34
C SER G 203 -5.42 12.32 -24.62
N PRO G 204 -5.03 11.06 -24.70
CA PRO G 204 -5.38 10.26 -25.87
C PRO G 204 -6.88 10.01 -25.94
N VAL G 205 -7.34 9.73 -27.17
CA VAL G 205 -8.73 9.36 -27.42
C VAL G 205 -8.74 7.94 -27.95
N THR G 206 -9.34 7.03 -27.21
CA THR G 206 -9.52 5.66 -27.64
C THR G 206 -11.00 5.41 -27.83
N LYS G 207 -11.38 4.96 -29.02
CA LYS G 207 -12.74 4.53 -29.32
C LYS G 207 -12.73 3.04 -29.61
N SER G 208 -13.68 2.32 -29.04
CA SER G 208 -13.64 0.86 -29.04
C SER G 208 -15.06 0.31 -29.22
N PHE G 209 -15.12 -0.95 -29.66
CA PHE G 209 -16.38 -1.69 -29.71
C PHE G 209 -16.07 -3.17 -29.52
N ASN G 210 -17.09 -3.91 -29.09
CA ASN G 210 -17.01 -5.36 -28.96
C ASN G 210 -17.84 -5.99 -30.06
N ARG G 211 -17.27 -6.96 -30.76
CA ARG G 211 -18.00 -7.65 -31.82
C ARG G 211 -19.23 -8.34 -31.26
N GLY G 212 -20.41 -7.87 -31.66
CA GLY G 212 -21.67 -8.43 -31.18
C GLY G 212 -22.29 -7.61 -30.06
N ASP H 1 -16.64 26.75 -19.73
CA ASP H 1 -17.89 26.69 -20.53
C ASP H 1 -18.55 25.33 -20.29
N ILE H 2 -17.77 24.30 -19.98
CA ILE H 2 -18.39 23.02 -19.57
C ILE H 2 -18.07 22.85 -18.09
N GLN H 3 -19.10 22.83 -17.26
CA GLN H 3 -18.92 22.60 -15.84
C GLN H 3 -18.86 21.09 -15.56
N MET H 4 -17.83 20.67 -14.84
CA MET H 4 -17.70 19.31 -14.35
C MET H 4 -17.99 19.33 -12.86
N THR H 5 -19.06 18.65 -12.44
CA THR H 5 -19.56 18.69 -11.07
C THR H 5 -19.26 17.37 -10.38
N GLN H 6 -18.27 17.39 -9.49
CA GLN H 6 -17.84 16.18 -8.78
C GLN H 6 -18.63 16.02 -7.48
N SER H 7 -18.89 14.77 -7.12
CA SER H 7 -19.53 14.48 -5.86
C SER H 7 -19.04 13.13 -5.35
N PRO H 8 -18.83 12.99 -4.05
CA PRO H 8 -18.93 14.03 -3.02
C PRO H 8 -17.66 14.85 -2.98
N SER H 9 -17.67 16.01 -2.32
CA SER H 9 -16.44 16.81 -2.22
C SER H 9 -15.47 16.25 -1.19
N SER H 10 -15.95 15.38 -0.30
CA SER H 10 -15.07 14.76 0.67
C SER H 10 -15.67 13.41 1.03
N LEU H 11 -14.80 12.46 1.37
CA LEU H 11 -15.25 11.10 1.65
C LEU H 11 -14.19 10.43 2.51
N SER H 12 -14.64 9.81 3.60
CA SER H 12 -13.80 9.05 4.49
C SER H 12 -14.07 7.58 4.24
N ALA H 13 -13.03 6.77 4.34
CA ALA H 13 -13.14 5.33 4.13
C ALA H 13 -11.94 4.69 4.82
N SER H 14 -12.04 3.38 5.03
CA SER H 14 -10.99 2.63 5.72
C SER H 14 -10.18 1.83 4.71
N VAL H 15 -8.94 1.54 5.10
CA VAL H 15 -8.06 0.73 4.28
C VAL H 15 -8.77 -0.56 3.88
N GLY H 16 -8.69 -0.91 2.61
CA GLY H 16 -9.24 -2.14 2.08
C GLY H 16 -10.56 -2.00 1.36
N ASP H 17 -11.32 -0.95 1.63
CA ASP H 17 -12.67 -0.81 1.08
C ASP H 17 -12.61 -0.21 -0.32
N ARG H 18 -13.80 -0.03 -0.90
CA ARG H 18 -13.97 0.49 -2.25
C ARG H 18 -14.84 1.74 -2.23
N VAL H 19 -14.43 2.75 -2.99
CA VAL H 19 -15.17 4.01 -3.09
C VAL H 19 -15.51 4.27 -4.55
N THR H 20 -16.49 5.15 -4.76
CA THR H 20 -16.88 5.58 -6.09
C THR H 20 -17.11 7.08 -6.09
N ILE H 21 -16.37 7.78 -6.94
CA ILE H 21 -16.52 9.22 -7.13
C ILE H 21 -17.26 9.44 -8.44
N THR H 22 -18.27 10.31 -8.42
CA THR H 22 -19.02 10.62 -9.62
C THR H 22 -18.71 12.04 -10.08
N CYS H 23 -19.02 12.29 -11.35
CA CYS H 23 -18.67 13.54 -12.01
C CYS H 23 -19.68 13.75 -13.12
N LYS H 24 -20.38 14.87 -13.07
CA LYS H 24 -21.42 15.19 -14.05
C LYS H 24 -20.99 16.40 -14.85
N ALA H 25 -21.19 16.34 -16.16
CA ALA H 25 -20.83 17.42 -17.08
C ALA H 25 -22.08 18.14 -17.57
N SER H 26 -21.93 19.46 -17.76
CA SER H 26 -23.05 20.30 -18.19
C SER H 26 -23.35 20.18 -19.67
N GLN H 27 -22.44 19.59 -20.46
CA GLN H 27 -22.68 19.31 -21.86
C GLN H 27 -22.08 17.95 -22.19
N ASN H 28 -22.54 17.35 -23.28
CA ASN H 28 -21.97 16.08 -23.71
C ASN H 28 -20.47 16.22 -23.92
N VAL H 29 -19.70 15.32 -23.31
CA VAL H 29 -18.26 15.27 -23.49
C VAL H 29 -17.80 13.95 -24.10
N GLY H 30 -18.74 13.14 -24.60
CA GLY H 30 -18.37 11.87 -25.19
C GLY H 30 -17.70 10.97 -24.17
N THR H 31 -16.46 10.60 -24.44
CA THR H 31 -15.64 9.89 -23.47
C THR H 31 -14.32 10.60 -23.20
N ASN H 32 -14.19 11.85 -23.62
CA ASN H 32 -12.99 12.63 -23.37
C ASN H 32 -13.01 13.15 -21.94
N VAL H 33 -12.88 12.21 -21.01
CA VAL H 33 -12.80 12.50 -19.59
C VAL H 33 -11.56 11.83 -19.03
N ALA H 34 -10.74 12.60 -18.31
CA ALA H 34 -9.58 12.07 -17.62
C ALA H 34 -9.74 12.26 -16.12
N TRP H 35 -8.99 11.47 -15.36
CA TRP H 35 -8.98 11.53 -13.90
C TRP H 35 -7.55 11.71 -13.41
N PHE H 36 -7.40 12.49 -12.36
CA PHE H 36 -6.09 12.84 -11.82
C PHE H 36 -6.08 12.61 -10.31
N GLN H 37 -4.95 12.10 -9.82
CA GLN H 37 -4.68 12.00 -8.40
C GLN H 37 -3.69 13.10 -8.01
N GLN H 38 -3.90 13.70 -6.85
CA GLN H 38 -2.98 14.72 -6.37
C GLN H 38 -2.86 14.63 -4.86
N LYS H 39 -1.65 14.59 -4.38
CA LYS H 39 -1.30 14.63 -2.98
C LYS H 39 -0.78 16.02 -2.62
N PRO H 40 -0.91 16.44 -1.37
CA PRO H 40 -0.58 17.83 -1.01
C PRO H 40 0.88 18.15 -1.35
N GLY H 41 1.08 19.35 -1.88
CA GLY H 41 2.41 19.82 -2.24
C GLY H 41 3.07 19.09 -3.39
N LYS H 42 2.31 18.27 -4.12
CA LYS H 42 2.84 17.49 -5.22
C LYS H 42 2.07 17.80 -6.49
N ALA H 43 2.69 17.53 -7.62
CA ALA H 43 2.02 17.73 -8.90
C ALA H 43 0.93 16.69 -9.07
N PRO H 44 -0.11 17.01 -9.84
CA PRO H 44 -1.12 16.00 -10.17
C PRO H 44 -0.52 14.86 -10.97
N LYS H 45 -1.18 13.70 -10.88
CA LYS H 45 -0.76 12.50 -11.59
C LYS H 45 -1.96 11.96 -12.34
N ALA H 46 -1.80 11.70 -13.64
CA ALA H 46 -2.90 11.21 -14.44
C ALA H 46 -3.19 9.74 -14.12
N LEU H 47 -4.46 9.39 -14.12
CA LEU H 47 -4.90 8.02 -13.85
C LEU H 47 -5.64 7.39 -15.02
N ILE H 48 -6.54 8.14 -15.66
CA ILE H 48 -7.50 7.60 -16.61
C ILE H 48 -7.60 8.54 -17.79
N TYR H 49 -7.69 7.98 -18.99
CA TYR H 49 -8.04 8.73 -20.18
C TYR H 49 -9.17 8.02 -20.90
N SER H 50 -9.84 8.75 -21.78
CA SER H 50 -11.03 8.26 -22.48
C SER H 50 -11.96 7.55 -21.51
N ALA H 51 -12.08 8.06 -20.29
CA ALA H 51 -13.08 7.61 -19.32
C ALA H 51 -12.76 6.28 -18.63
N SER H 52 -12.09 5.35 -19.33
CA SER H 52 -11.92 4.01 -18.78
C SER H 52 -10.54 3.41 -18.97
N TYR H 53 -9.58 4.12 -19.55
CA TYR H 53 -8.28 3.54 -19.86
C TYR H 53 -7.23 4.08 -18.91
N ARG H 54 -6.39 3.19 -18.40
CA ARG H 54 -5.42 3.53 -17.36
C ARG H 54 -4.11 4.03 -17.97
N TYR H 55 -3.60 5.11 -17.39
CA TYR H 55 -2.26 5.56 -17.73
C TYR H 55 -1.24 4.50 -17.31
N SER H 56 -0.05 4.61 -17.87
CA SER H 56 1.00 3.64 -17.61
C SER H 56 1.34 3.61 -16.12
N GLY H 57 1.47 2.40 -15.57
CA GLY H 57 1.86 2.22 -14.18
C GLY H 57 0.73 2.33 -13.17
N VAL H 58 -0.46 2.75 -13.59
CA VAL H 58 -1.61 2.90 -12.69
C VAL H 58 -2.18 1.52 -12.37
N PRO H 59 -2.19 1.12 -11.11
CA PRO H 59 -2.69 -0.22 -10.76
C PRO H 59 -4.15 -0.40 -11.17
N SER H 60 -4.54 -1.67 -11.28
CA SER H 60 -5.87 -2.01 -11.79
C SER H 60 -6.98 -1.77 -10.77
N ARG H 61 -6.66 -1.42 -9.53
CA ARG H 61 -7.75 -1.09 -8.61
C ARG H 61 -8.37 0.26 -8.94
N PHE H 62 -7.77 1.07 -9.80
CA PHE H 62 -8.37 2.31 -10.28
C PHE H 62 -9.15 2.00 -11.55
N SER H 63 -10.46 2.23 -11.52
CA SER H 63 -11.34 1.88 -12.62
C SER H 63 -12.22 3.06 -12.99
N GLY H 64 -12.26 3.39 -14.28
CA GLY H 64 -13.10 4.46 -14.76
C GLY H 64 -14.23 3.98 -15.64
N SER H 65 -15.30 4.77 -15.74
CA SER H 65 -16.45 4.40 -16.56
C SER H 65 -17.31 5.63 -16.80
N GLY H 66 -18.18 5.53 -17.80
CA GLY H 66 -19.13 6.57 -18.12
C GLY H 66 -18.98 7.05 -19.56
N SER H 67 -19.98 7.83 -19.97
CA SER H 67 -20.01 8.43 -21.29
C SER H 67 -21.12 9.47 -21.33
N GLY H 68 -21.02 10.40 -22.27
CA GLY H 68 -22.00 11.45 -22.40
C GLY H 68 -21.83 12.55 -21.39
N THR H 69 -22.51 12.43 -20.24
CA THR H 69 -22.42 13.42 -19.18
C THR H 69 -22.13 12.84 -17.80
N ASP H 70 -22.22 11.53 -17.62
CA ASP H 70 -22.07 10.90 -16.30
C ASP H 70 -20.82 10.04 -16.30
N PHE H 71 -19.97 10.22 -15.28
CA PHE H 71 -18.71 9.52 -15.19
C PHE H 71 -18.42 9.19 -13.74
N THR H 72 -17.70 8.09 -13.52
CA THR H 72 -17.37 7.65 -12.17
C THR H 72 -15.96 7.10 -12.15
N LEU H 73 -15.28 7.31 -11.03
CA LEU H 73 -14.02 6.67 -10.72
C LEU H 73 -14.25 5.74 -9.53
N THR H 74 -13.85 4.48 -9.68
CA THR H 74 -13.97 3.50 -8.61
C THR H 74 -12.56 3.06 -8.20
N ILE H 75 -12.31 3.06 -6.90
CA ILE H 75 -11.05 2.61 -6.33
C ILE H 75 -11.37 1.48 -5.37
N SER H 76 -10.83 0.29 -5.64
CA SER H 76 -10.99 -0.86 -4.76
C SER H 76 -9.68 -1.14 -4.04
N SER H 77 -9.75 -2.08 -3.09
CA SER H 77 -8.59 -2.46 -2.28
C SER H 77 -7.80 -1.23 -1.85
N LEU H 78 -8.50 -0.25 -1.29
CA LEU H 78 -7.88 1.01 -0.95
C LEU H 78 -6.64 0.81 -0.09
N GLN H 79 -5.54 1.42 -0.52
CA GLN H 79 -4.25 1.42 0.14
C GLN H 79 -3.99 2.78 0.78
N PRO H 80 -3.20 2.83 1.85
CA PRO H 80 -2.96 4.12 2.52
C PRO H 80 -2.50 5.22 1.56
N GLU H 81 -1.70 4.87 0.56
CA GLU H 81 -1.20 5.82 -0.42
C GLU H 81 -2.29 6.36 -1.34
N ASP H 82 -3.44 5.70 -1.43
CA ASP H 82 -4.52 6.13 -2.32
C ASP H 82 -5.36 7.26 -1.74
N PHE H 83 -5.10 7.68 -0.51
CA PHE H 83 -5.92 8.70 0.14
C PHE H 83 -5.33 10.07 -0.20
N ALA H 84 -6.04 10.80 -1.05
CA ALA H 84 -5.57 12.05 -1.64
C ALA H 84 -6.79 12.71 -2.27
N THR H 85 -6.56 13.72 -3.10
CA THR H 85 -7.64 14.42 -3.79
C THR H 85 -7.68 13.97 -5.25
N TYR H 86 -8.87 13.67 -5.73
CA TYR H 86 -9.06 13.20 -7.09
C TYR H 86 -9.88 14.24 -7.87
N TYR H 87 -9.44 14.51 -9.11
CA TYR H 87 -10.07 15.50 -9.96
C TYR H 87 -10.53 14.84 -11.26
N CYS H 88 -11.76 15.11 -11.67
CA CYS H 88 -12.15 14.75 -13.03
C CYS H 88 -11.84 15.91 -13.96
N GLN H 89 -11.73 15.59 -15.25
CA GLN H 89 -11.42 16.59 -16.26
C GLN H 89 -12.07 16.20 -17.57
N GLN H 90 -12.58 17.19 -18.30
CA GLN H 90 -13.07 16.98 -19.64
C GLN H 90 -12.11 17.62 -20.64
N TYR H 91 -11.84 16.92 -21.73
CA TYR H 91 -11.05 17.47 -22.83
C TYR H 91 -11.77 17.28 -24.14
N ASN H 92 -13.11 17.42 -24.11
CA ASN H 92 -13.89 17.30 -25.33
C ASN H 92 -13.94 18.61 -26.10
N SER H 93 -13.82 19.74 -25.41
CA SER H 93 -13.83 21.05 -26.05
C SER H 93 -13.13 22.03 -25.13
N TYR H 94 -12.86 23.20 -25.65
CA TYR H 94 -12.11 24.19 -24.88
C TYR H 94 -13.05 25.23 -24.27
N PRO H 95 -12.64 25.80 -23.14
CA PRO H 95 -11.41 25.51 -22.40
C PRO H 95 -11.49 24.16 -21.68
N LEU H 96 -10.36 23.48 -21.49
CA LEU H 96 -10.32 22.32 -20.63
C LEU H 96 -10.74 22.71 -19.21
N THR H 97 -11.62 21.91 -18.61
CA THR H 97 -12.15 22.21 -17.29
C THR H 97 -12.08 20.99 -16.36
N PHE H 98 -11.86 21.26 -15.07
CA PHE H 98 -11.74 20.24 -14.04
C PHE H 98 -12.95 20.26 -13.12
N GLY H 99 -13.16 19.14 -12.41
CA GLY H 99 -14.04 19.12 -11.26
C GLY H 99 -13.42 19.85 -10.09
N GLN H 100 -14.25 20.12 -9.08
CA GLN H 100 -13.77 20.81 -7.89
C GLN H 100 -12.89 19.92 -7.01
N GLY H 101 -12.98 18.61 -7.15
CA GLY H 101 -12.16 17.73 -6.35
C GLY H 101 -12.90 16.87 -5.33
N THR H 102 -12.28 15.75 -4.94
CA THR H 102 -12.81 14.85 -3.91
C THR H 102 -11.64 14.43 -3.03
N LYS H 103 -11.65 14.88 -1.78
CA LYS H 103 -10.63 14.47 -0.81
C LYS H 103 -11.05 13.16 -0.16
N LEU H 104 -10.18 12.16 -0.29
CA LEU H 104 -10.43 10.86 0.37
C LEU H 104 -9.59 10.84 1.63
N GLU H 105 -10.22 10.54 2.76
CA GLU H 105 -9.51 10.53 4.06
C GLU H 105 -9.58 9.14 4.69
N ILE H 106 -8.58 8.82 5.50
CA ILE H 106 -8.50 7.46 6.11
C ILE H 106 -9.42 7.37 7.33
N LYS H 107 -10.35 6.44 7.29
CA LYS H 107 -11.22 6.19 8.44
C LYS H 107 -10.53 5.23 9.39
N ARG H 108 -10.21 5.70 10.59
CA ARG H 108 -9.65 4.89 11.66
C ARG H 108 -10.60 4.96 12.87
N THR H 109 -10.13 4.45 14.01
CA THR H 109 -10.97 4.46 15.21
C THR H 109 -10.93 5.82 15.89
N VAL H 110 -11.99 6.10 16.65
CA VAL H 110 -12.13 7.40 17.30
C VAL H 110 -10.94 7.65 18.21
N ALA H 111 -10.47 8.89 18.20
CA ALA H 111 -9.38 9.34 19.06
C ALA H 111 -9.77 10.68 19.64
N ALA H 112 -9.96 10.72 20.97
CA ALA H 112 -10.28 11.98 21.63
C ALA H 112 -9.08 12.91 21.56
N PRO H 113 -9.31 14.21 21.38
CA PRO H 113 -8.19 15.16 21.37
C PRO H 113 -7.71 15.46 22.78
N SER H 114 -6.41 15.71 22.88
CA SER H 114 -5.83 16.32 24.06
C SER H 114 -5.85 17.84 23.87
N VAL H 115 -6.31 18.56 24.89
CA VAL H 115 -6.53 20.00 24.80
C VAL H 115 -5.50 20.72 25.65
N PHE H 116 -4.91 21.77 25.09
CA PHE H 116 -3.97 22.63 25.78
C PHE H 116 -4.29 24.08 25.43
N ILE H 117 -4.05 24.98 26.37
CA ILE H 117 -4.26 26.41 26.14
C ILE H 117 -2.98 27.15 26.46
N PHE H 118 -2.70 28.19 25.70
CA PHE H 118 -1.51 29.02 25.86
C PHE H 118 -1.91 30.48 25.96
N PRO H 119 -1.30 31.23 26.87
CA PRO H 119 -1.63 32.64 27.00
C PRO H 119 -0.68 33.49 26.17
N PRO H 120 -1.04 34.74 25.91
CA PRO H 120 -0.12 35.64 25.19
C PRO H 120 1.20 35.75 25.93
N SER H 121 2.30 35.53 25.21
CA SER H 121 3.62 35.70 25.79
C SER H 121 3.83 37.15 26.21
N ASP H 122 4.68 37.34 27.22
CA ASP H 122 5.01 38.72 27.62
C ASP H 122 5.62 39.49 26.48
N GLU H 123 6.46 38.84 25.68
CA GLU H 123 7.14 39.53 24.58
C GLU H 123 6.13 40.08 23.59
N GLN H 124 5.16 39.26 23.18
CA GLN H 124 4.15 39.74 22.24
C GLN H 124 3.30 40.86 22.84
N LEU H 125 3.16 40.89 24.16
CA LEU H 125 2.34 41.91 24.81
C LEU H 125 2.98 43.29 24.70
N LYS H 126 4.32 43.36 24.72
CA LYS H 126 4.99 44.64 24.56
C LYS H 126 4.66 45.30 23.23
N SER H 127 4.15 44.53 22.26
CA SER H 127 3.85 45.02 20.92
C SER H 127 2.41 45.48 20.76
N GLY H 128 1.59 45.38 21.80
CA GLY H 128 0.20 45.82 21.73
C GLY H 128 -0.75 44.84 21.09
N THR H 129 -0.29 43.65 20.70
CA THR H 129 -1.13 42.63 20.11
C THR H 129 -1.04 41.36 20.97
N ALA H 130 -2.19 40.71 21.17
CA ALA H 130 -2.26 39.52 22.01
C ALA H 130 -2.93 38.39 21.25
N SER H 131 -2.30 37.22 21.23
CA SER H 131 -2.83 36.03 20.59
C SER H 131 -2.91 34.91 21.61
N VAL H 132 -4.07 34.26 21.68
CA VAL H 132 -4.31 33.14 22.57
C VAL H 132 -4.52 31.90 21.70
N VAL H 133 -3.81 30.82 22.02
CA VAL H 133 -3.81 29.62 21.20
C VAL H 133 -4.40 28.46 21.99
N CYS H 134 -5.36 27.77 21.39
CA CYS H 134 -5.93 26.55 21.93
C CYS H 134 -5.55 25.40 21.00
N LEU H 135 -5.01 24.33 21.55
CA LEU H 135 -4.50 23.21 20.77
C LEU H 135 -5.34 21.97 20.98
N LEU H 136 -5.61 21.26 19.88
CA LEU H 136 -6.19 19.91 19.91
C LEU H 136 -5.19 18.98 19.22
N ASN H 137 -4.77 17.95 19.93
CA ASN H 137 -3.65 17.11 19.50
C ASN H 137 -4.10 15.68 19.25
N ASN H 138 -3.85 15.19 18.04
CA ASN H 138 -3.94 13.77 17.68
C ASN H 138 -5.33 13.19 17.96
N PHE H 139 -6.33 13.75 17.27
CA PHE H 139 -7.70 13.31 17.42
C PHE H 139 -8.25 12.82 16.09
N TYR H 140 -9.32 12.01 16.16
CA TYR H 140 -10.04 11.57 14.98
C TYR H 140 -11.46 11.24 15.37
N PRO H 141 -12.47 11.59 14.57
CA PRO H 141 -12.37 12.25 13.25
C PRO H 141 -12.03 13.74 13.36
N ARG H 142 -12.01 14.43 12.23
CA ARG H 142 -11.58 15.82 12.19
C ARG H 142 -12.67 16.79 12.65
N GLU H 143 -13.94 16.40 12.59
CA GLU H 143 -15.00 17.25 13.10
C GLU H 143 -14.80 17.55 14.58
N ALA H 144 -14.88 18.83 14.93
CA ALA H 144 -14.67 19.25 16.31
C ALA H 144 -15.08 20.70 16.46
N LYS H 145 -15.81 20.99 17.54
CA LYS H 145 -16.28 22.35 17.82
C LYS H 145 -15.41 22.97 18.90
N VAL H 146 -14.93 24.19 18.65
CA VAL H 146 -14.13 24.94 19.60
C VAL H 146 -14.79 26.30 19.82
N GLN H 147 -15.01 26.64 21.08
CA GLN H 147 -15.54 27.93 21.48
C GLN H 147 -14.53 28.63 22.38
N TRP H 148 -14.32 29.92 22.14
CA TRP H 148 -13.51 30.74 23.02
C TRP H 148 -14.42 31.51 23.98
N LYS H 149 -14.06 31.53 25.25
CA LYS H 149 -14.79 32.28 26.26
C LYS H 149 -13.82 33.18 27.01
N VAL H 150 -14.14 34.48 27.05
CA VAL H 150 -13.32 35.48 27.72
C VAL H 150 -14.13 36.03 28.89
N ASP H 151 -13.71 35.72 30.11
CA ASP H 151 -14.40 36.16 31.32
C ASP H 151 -15.78 35.52 31.47
N ASN H 152 -16.58 35.53 30.40
CA ASN H 152 -17.94 35.04 30.52
C ASN H 152 -18.65 34.89 29.18
N ALA H 153 -18.16 35.56 28.16
CA ALA H 153 -18.88 35.66 26.89
C ALA H 153 -18.16 34.90 25.79
N LEU H 154 -18.93 34.26 24.91
CA LEU H 154 -18.37 33.63 23.73
C LEU H 154 -17.79 34.67 22.80
N GLN H 155 -16.71 34.31 22.11
CA GLN H 155 -16.02 35.19 21.18
C GLN H 155 -16.24 34.66 19.76
N SER H 156 -16.82 35.51 18.91
CA SER H 156 -17.08 35.17 17.51
C SER H 156 -16.42 36.20 16.62
N GLY H 157 -15.60 35.72 15.68
CA GLY H 157 -14.94 36.59 14.73
C GLY H 157 -13.46 36.73 14.97
N ASN H 158 -13.06 36.83 16.24
CA ASN H 158 -11.65 37.01 16.58
C ASN H 158 -10.86 35.71 16.55
N SER H 159 -11.47 34.61 16.12
CA SER H 159 -10.82 33.31 16.18
C SER H 159 -10.63 32.75 14.77
N GLN H 160 -9.60 31.93 14.63
CA GLN H 160 -9.26 31.33 13.34
C GLN H 160 -8.67 29.94 13.58
N GLU H 161 -9.20 28.94 12.87
CA GLU H 161 -8.76 27.56 13.04
C GLU H 161 -7.85 27.15 11.89
N SER H 162 -6.95 26.21 12.18
CA SER H 162 -5.99 25.71 11.21
C SER H 162 -5.67 24.26 11.53
N VAL H 163 -5.88 23.36 10.57
CA VAL H 163 -5.78 21.92 10.79
C VAL H 163 -4.65 21.35 9.95
N THR H 164 -3.96 20.35 10.50
CA THR H 164 -2.94 19.62 9.77
C THR H 164 -3.56 18.52 8.91
N GLU H 165 -2.79 18.04 7.95
CA GLU H 165 -3.23 16.88 7.17
C GLU H 165 -3.09 15.62 8.00
N GLN H 166 -3.84 14.59 7.62
CA GLN H 166 -3.82 13.35 8.37
C GLN H 166 -2.39 12.88 8.59
N ASP H 167 -2.07 12.55 9.85
CA ASP H 167 -0.73 12.10 10.18
C ASP H 167 -0.34 10.89 9.33
N SER H 168 0.94 10.82 8.97
CA SER H 168 1.41 9.74 8.12
C SER H 168 1.41 8.39 8.82
N LYS H 169 1.31 8.36 10.15
CA LYS H 169 1.44 7.12 10.89
C LYS H 169 0.18 6.73 11.65
N ASP H 170 -0.39 7.65 12.45
CA ASP H 170 -1.59 7.33 13.21
C ASP H 170 -2.87 7.79 12.54
N SER H 171 -2.78 8.57 11.47
CA SER H 171 -3.94 9.05 10.72
C SER H 171 -4.82 10.00 11.53
N THR H 172 -4.29 10.56 12.62
CA THR H 172 -5.03 11.54 13.39
C THR H 172 -4.78 12.93 12.84
N TYR H 173 -5.65 13.85 13.22
CA TYR H 173 -5.47 15.27 12.95
C TYR H 173 -5.03 16.00 14.21
N SER H 174 -4.48 17.20 14.01
CA SER H 174 -4.26 18.15 15.08
C SER H 174 -4.76 19.51 14.59
N LEU H 175 -5.32 20.28 15.52
CA LEU H 175 -5.95 21.55 15.20
C LEU H 175 -5.50 22.61 16.19
N SER H 176 -5.36 23.83 15.68
CA SER H 176 -5.06 24.99 16.50
C SER H 176 -6.10 26.06 16.24
N SER H 177 -6.55 26.71 17.31
CA SER H 177 -7.43 27.86 17.23
C SER H 177 -6.72 29.05 17.86
N THR H 178 -6.68 30.16 17.13
CA THR H 178 -5.95 31.34 17.56
C THR H 178 -6.92 32.49 17.81
N LEU H 179 -6.97 32.97 19.04
CA LEU H 179 -7.72 34.16 19.40
C LEU H 179 -6.78 35.35 19.33
N THR H 180 -7.12 36.32 18.47
CA THR H 180 -6.30 37.51 18.28
C THR H 180 -7.04 38.69 18.90
N LEU H 181 -6.53 39.18 20.03
CA LEU H 181 -7.09 40.32 20.73
C LEU H 181 -6.05 41.43 20.82
N SER H 182 -6.53 42.65 21.04
CA SER H 182 -5.64 43.77 21.30
C SER H 182 -5.20 43.76 22.76
N LYS H 183 -3.96 44.19 23.00
CA LYS H 183 -3.46 44.20 24.37
C LYS H 183 -4.40 44.94 25.31
N ALA H 184 -5.11 45.94 24.79
CA ALA H 184 -6.07 46.67 25.62
C ALA H 184 -7.24 45.76 26.00
N ASP H 185 -7.83 45.08 25.02
CA ASP H 185 -8.92 44.16 25.32
C ASP H 185 -8.43 42.99 26.16
N TYR H 186 -7.22 42.52 25.90
CA TYR H 186 -6.68 41.42 26.71
C TYR H 186 -6.51 41.84 28.15
N GLU H 187 -5.92 43.02 28.38
CA GLU H 187 -5.70 43.50 29.74
C GLU H 187 -6.98 43.88 30.46
N LYS H 188 -8.10 43.97 29.75
CA LYS H 188 -9.37 44.32 30.39
C LYS H 188 -10.05 43.12 31.05
N HIS H 189 -9.74 41.90 30.63
CA HIS H 189 -10.45 40.72 31.10
C HIS H 189 -9.48 39.76 31.80
N LYS H 190 -10.05 38.81 32.53
CA LYS H 190 -9.28 37.98 33.44
C LYS H 190 -9.26 36.50 33.06
N VAL H 191 -10.40 35.92 32.71
CA VAL H 191 -10.53 34.48 32.51
C VAL H 191 -10.58 34.19 31.01
N TYR H 192 -9.68 33.32 30.55
CA TYR H 192 -9.62 32.91 29.15
C TYR H 192 -9.68 31.39 29.07
N ALA H 193 -10.61 30.87 28.28
CA ALA H 193 -10.83 29.43 28.19
C ALA H 193 -11.27 29.07 26.79
N CYS H 194 -10.92 27.84 26.38
CA CYS H 194 -11.47 27.24 25.17
C CYS H 194 -12.17 25.94 25.52
N GLU H 195 -13.34 25.75 24.93
CA GLU H 195 -14.22 24.62 25.24
C GLU H 195 -14.33 23.74 24.01
N VAL H 196 -13.76 22.55 24.10
CA VAL H 196 -13.73 21.59 23.00
C VAL H 196 -14.81 20.54 23.21
N THR H 197 -15.51 20.21 22.14
CA THR H 197 -16.45 19.10 22.11
C THR H 197 -16.08 18.21 20.93
N HIS H 198 -16.15 16.89 21.13
CA HIS H 198 -15.69 15.94 20.12
C HIS H 198 -16.32 14.59 20.39
N GLN H 199 -16.61 13.85 19.32
CA GLN H 199 -17.30 12.58 19.47
C GLN H 199 -16.49 11.55 20.24
N GLY H 200 -15.20 11.80 20.48
CA GLY H 200 -14.41 10.96 21.35
C GLY H 200 -14.39 11.39 22.79
N LEU H 201 -15.12 12.43 23.16
CA LEU H 201 -15.18 12.94 24.53
C LEU H 201 -16.60 12.79 25.06
N SER H 202 -16.75 12.02 26.13
CA SER H 202 -18.07 11.81 26.73
C SER H 202 -18.56 13.06 27.46
N SER H 203 -17.69 14.01 27.76
CA SER H 203 -18.10 15.30 28.28
C SER H 203 -17.21 16.35 27.65
N PRO H 204 -17.64 17.61 27.63
CA PRO H 204 -16.80 18.66 27.08
C PRO H 204 -15.50 18.80 27.86
N VAL H 205 -14.50 19.35 27.19
CA VAL H 205 -13.18 19.59 27.76
C VAL H 205 -12.94 21.09 27.69
N THR H 206 -12.85 21.74 28.85
CA THR H 206 -12.59 23.17 28.92
C THR H 206 -11.23 23.40 29.58
N LYS H 207 -10.35 24.08 28.86
CA LYS H 207 -9.06 24.52 29.37
C LYS H 207 -9.09 26.02 29.60
N SER H 208 -8.49 26.47 30.70
CA SER H 208 -8.64 27.86 31.09
C SER H 208 -7.37 28.32 31.80
N PHE H 209 -7.16 29.65 31.76
CA PHE H 209 -6.13 30.29 32.56
C PHE H 209 -6.63 31.67 32.96
N ASN H 210 -5.95 32.25 33.94
CA ASN H 210 -6.22 33.61 34.39
C ASN H 210 -5.02 34.49 34.06
N ARG H 211 -5.27 35.60 33.37
CA ARG H 211 -4.21 36.54 33.06
C ARG H 211 -3.52 36.98 34.35
N GLY H 212 -2.27 36.58 34.52
CA GLY H 212 -1.55 36.86 35.76
C GLY H 212 -1.69 35.75 36.78
#